data_1TLD
# 
_entry.id   1TLD 
# 
_audit_conform.dict_name       mmcif_pdbx.dic 
_audit_conform.dict_version    5.399 
_audit_conform.dict_location   http://mmcif.pdb.org/dictionaries/ascii/mmcif_pdbx.dic 
# 
loop_
_database_2.database_id 
_database_2.database_code 
_database_2.pdbx_database_accession 
_database_2.pdbx_DOI 
PDB   1TLD         pdb_00001tld 10.2210/pdb1tld/pdb 
WWPDB D_1000176716 ?            ?                   
# 
loop_
_pdbx_audit_revision_history.ordinal 
_pdbx_audit_revision_history.data_content_type 
_pdbx_audit_revision_history.major_revision 
_pdbx_audit_revision_history.minor_revision 
_pdbx_audit_revision_history.revision_date 
1 'Structure model' 1 0 1990-01-15 
2 'Structure model' 1 1 2008-03-24 
3 'Structure model' 1 2 2011-07-13 
4 'Structure model' 1 3 2012-06-06 
5 'Structure model' 1 4 2024-06-05 
6 'Structure model' 1 5 2024-11-20 
# 
_pdbx_audit_revision_details.ordinal             1 
_pdbx_audit_revision_details.revision_ordinal    1 
_pdbx_audit_revision_details.data_content_type   'Structure model' 
_pdbx_audit_revision_details.provider            repository 
_pdbx_audit_revision_details.type                'Initial release' 
_pdbx_audit_revision_details.description         ? 
_pdbx_audit_revision_details.details             ? 
# 
loop_
_pdbx_audit_revision_group.ordinal 
_pdbx_audit_revision_group.revision_ordinal 
_pdbx_audit_revision_group.data_content_type 
_pdbx_audit_revision_group.group 
1 2 'Structure model' 'Version format compliance' 
2 3 'Structure model' 'Version format compliance' 
3 4 'Structure model' 'Data collection'           
4 4 'Structure model' 'Database references'       
5 5 'Structure model' 'Data collection'           
6 5 'Structure model' 'Database references'       
7 5 'Structure model' 'Derived calculations'      
8 5 'Structure model' Other                       
9 6 'Structure model' 'Structure summary'         
# 
loop_
_pdbx_audit_revision_category.ordinal 
_pdbx_audit_revision_category.revision_ordinal 
_pdbx_audit_revision_category.data_content_type 
_pdbx_audit_revision_category.category 
1  5 'Structure model' chem_comp_atom            
2  5 'Structure model' chem_comp_bond            
3  5 'Structure model' database_2                
4  5 'Structure model' diffrn_source             
5  5 'Structure model' pdbx_database_status      
6  5 'Structure model' pdbx_struct_conn_angle    
7  5 'Structure model' struct_conn               
8  5 'Structure model' struct_site               
9  6 'Structure model' pdbx_entry_details        
10 6 'Structure model' pdbx_modification_feature 
# 
loop_
_pdbx_audit_revision_item.ordinal 
_pdbx_audit_revision_item.revision_ordinal 
_pdbx_audit_revision_item.data_content_type 
_pdbx_audit_revision_item.item 
1  5 'Structure model' '_database_2.pdbx_DOI'                        
2  5 'Structure model' '_database_2.pdbx_database_accession'         
3  5 'Structure model' '_diffrn_source.pdbx_synchrotron_site'        
4  5 'Structure model' '_pdbx_database_status.process_site'          
5  5 'Structure model' '_pdbx_struct_conn_angle.ptnr1_auth_comp_id'  
6  5 'Structure model' '_pdbx_struct_conn_angle.ptnr1_auth_seq_id'   
7  5 'Structure model' '_pdbx_struct_conn_angle.ptnr1_label_asym_id' 
8  5 'Structure model' '_pdbx_struct_conn_angle.ptnr1_label_atom_id' 
9  5 'Structure model' '_pdbx_struct_conn_angle.ptnr1_label_comp_id' 
10 5 'Structure model' '_pdbx_struct_conn_angle.ptnr1_label_seq_id'  
11 5 'Structure model' '_pdbx_struct_conn_angle.ptnr3_auth_comp_id'  
12 5 'Structure model' '_pdbx_struct_conn_angle.ptnr3_auth_seq_id'   
13 5 'Structure model' '_pdbx_struct_conn_angle.ptnr3_label_asym_id' 
14 5 'Structure model' '_pdbx_struct_conn_angle.ptnr3_label_atom_id' 
15 5 'Structure model' '_pdbx_struct_conn_angle.ptnr3_label_comp_id' 
16 5 'Structure model' '_pdbx_struct_conn_angle.ptnr3_label_seq_id'  
17 5 'Structure model' '_pdbx_struct_conn_angle.value'               
18 5 'Structure model' '_struct_conn.pdbx_dist_value'                
19 5 'Structure model' '_struct_conn.ptnr1_auth_comp_id'             
20 5 'Structure model' '_struct_conn.ptnr1_auth_seq_id'              
21 5 'Structure model' '_struct_conn.ptnr1_label_asym_id'            
22 5 'Structure model' '_struct_conn.ptnr1_label_atom_id'            
23 5 'Structure model' '_struct_conn.ptnr1_label_comp_id'            
24 5 'Structure model' '_struct_conn.ptnr1_label_seq_id'             
25 5 'Structure model' '_struct_conn.ptnr2_auth_comp_id'             
26 5 'Structure model' '_struct_conn.ptnr2_auth_seq_id'              
27 5 'Structure model' '_struct_conn.ptnr2_label_asym_id'            
28 5 'Structure model' '_struct_conn.ptnr2_label_atom_id'            
29 5 'Structure model' '_struct_conn.ptnr2_label_comp_id'            
30 5 'Structure model' '_struct_conn.ptnr2_label_seq_id'             
31 5 'Structure model' '_struct_site.pdbx_auth_asym_id'              
32 5 'Structure model' '_struct_site.pdbx_auth_comp_id'              
33 5 'Structure model' '_struct_site.pdbx_auth_seq_id'               
# 
_pdbx_database_status.status_code                     REL 
_pdbx_database_status.entry_id                        1TLD 
_pdbx_database_status.recvd_initial_deposition_date   1989-07-24 
_pdbx_database_status.deposit_site                    ? 
_pdbx_database_status.process_site                    BNL 
_pdbx_database_status.SG_entry                        . 
_pdbx_database_status.status_code_sf                  ? 
_pdbx_database_status.status_code_mr                  ? 
_pdbx_database_status.status_code_cs                  ? 
_pdbx_database_status.methods_development_category    ? 
_pdbx_database_status.pdb_format_compatible           Y 
_pdbx_database_status.status_code_nmr_data            ? 
# 
loop_
_audit_author.name 
_audit_author.pdbx_ordinal 
'Bartunik, H.D.' 1 
'Summers, L.J.'  2 
'Bartsch, H.H.'  3 
# 
loop_
_citation.id 
_citation.title 
_citation.journal_abbrev 
_citation.journal_volume 
_citation.page_first 
_citation.page_last 
_citation.year 
_citation.journal_id_ASTM 
_citation.country 
_citation.journal_id_ISSN 
_citation.journal_id_CSD 
_citation.book_publisher 
_citation.pdbx_database_id_PubMed 
_citation.pdbx_database_id_DOI 
primary 
;Crystal structure of bovine beta-trypsin at 1.5 A resolution in a crystal form with low molecular packing density. Active site geometry, ion pairs and solvent structure.
;
J.Mol.Biol.                210 813  828 1989 JMOBAK UK 0022-2836 0070 ? 2614845 '10.1016/0022-2836(89)90110-1' 
1       'The Geometry of the Reactive Site and of the Peptide Groups in Trypsin, Trypsinogen and its Complexes with Inhibitors' 
'Acta Crystallogr.,Sect.B' 39  480  ?   1983 ASBSDK DK 0108-7681 0622 ? ?       ?                              
2       'On the Disordered Activation Domain in Trypsinogen. Chemical Labelling and Low Temperature Crystallography' 
'Acta Crystallogr.,Sect.B' 38  1462 ?   1982 ASBSDK DK 0108-7681 0622 ? ?       ?                              
# 
loop_
_citation_author.citation_id 
_citation_author.name 
_citation_author.ordinal 
_citation_author.identifier_ORCID 
primary 'Bartunik, H.D.'  1  ? 
primary 'Summers, L.J.'   2  ? 
primary 'Bartsch, H.H.'   3  ? 
1       'Marquart, M.'    4  ? 
1       'Walter, J.'      5  ? 
1       'Deisenhofer, J.' 6  ? 
1       'Bode, W.'        7  ? 
1       'Huber, R.'       8  ? 
2       'Walter, J.'      9  ? 
2       'Steigemann, W.'  10 ? 
2       'Singh, T.P.'     11 ? 
2       'Bartunik, H.D.'  12 ? 
2       'Bode, W.'        13 ? 
2       'Huber, R.'       14 ? 
# 
loop_
_entity.id 
_entity.type 
_entity.src_method 
_entity.pdbx_description 
_entity.formula_weight 
_entity.pdbx_number_of_molecules 
_entity.pdbx_ec 
_entity.pdbx_mutation 
_entity.pdbx_fragment 
_entity.details 
1 polymer     nat BETA-TRYPSIN  23324.287 1  3.4.21.4 ? ? ? 
2 non-polymer syn 'CALCIUM ION' 40.078    1  ?        ? ? ? 
3 non-polymer syn 'SULFATE ION' 96.063    1  ?        ? ? ? 
4 water       nat water         18.015    25 ?        ? ? ? 
# 
_entity_poly.entity_id                      1 
_entity_poly.type                           'polypeptide(L)' 
_entity_poly.nstd_linkage                   no 
_entity_poly.nstd_monomer                   no 
_entity_poly.pdbx_seq_one_letter_code       
;IVGGYTCGANTVPYQVSLNSGYHFCGGSLINSQWVVSAAHCYKSGIQVRLGEDNINVVEGNEQFISASKSIVHPSYNSNT
LNNDIMLIKLKSAASLNSRVASISLPTSCASAGTQCLISGWGNTKSSGTSYPDVLKCLKAPILSDSSCKSAYPGQITSNM
FCAGYLEGGKDSCQGDSGGPVVCSGKLQGIVSWGSGCAQKNKPGVYTKVCNYVSWIKQTIASN
;
_entity_poly.pdbx_seq_one_letter_code_can   
;IVGGYTCGANTVPYQVSLNSGYHFCGGSLINSQWVVSAAHCYKSGIQVRLGEDNINVVEGNEQFISASKSIVHPSYNSNT
LNNDIMLIKLKSAASLNSRVASISLPTSCASAGTQCLISGWGNTKSSGTSYPDVLKCLKAPILSDSSCKSAYPGQITSNM
FCAGYLEGGKDSCQGDSGGPVVCSGKLQGIVSWGSGCAQKNKPGVYTKVCNYVSWIKQTIASN
;
_entity_poly.pdbx_strand_id                 A 
_entity_poly.pdbx_target_identifier         ? 
# 
loop_
_pdbx_entity_nonpoly.entity_id 
_pdbx_entity_nonpoly.name 
_pdbx_entity_nonpoly.comp_id 
2 'CALCIUM ION' CA  
3 'SULFATE ION' SO4 
4 water         HOH 
# 
loop_
_entity_poly_seq.entity_id 
_entity_poly_seq.num 
_entity_poly_seq.mon_id 
_entity_poly_seq.hetero 
1 1   ILE n 
1 2   VAL n 
1 3   GLY n 
1 4   GLY n 
1 5   TYR n 
1 6   THR n 
1 7   CYS n 
1 8   GLY n 
1 9   ALA n 
1 10  ASN n 
1 11  THR n 
1 12  VAL n 
1 13  PRO n 
1 14  TYR n 
1 15  GLN n 
1 16  VAL n 
1 17  SER n 
1 18  LEU n 
1 19  ASN n 
1 20  SER n 
1 21  GLY n 
1 22  TYR n 
1 23  HIS n 
1 24  PHE n 
1 25  CYS n 
1 26  GLY n 
1 27  GLY n 
1 28  SER n 
1 29  LEU n 
1 30  ILE n 
1 31  ASN n 
1 32  SER n 
1 33  GLN n 
1 34  TRP n 
1 35  VAL n 
1 36  VAL n 
1 37  SER n 
1 38  ALA n 
1 39  ALA n 
1 40  HIS n 
1 41  CYS n 
1 42  TYR n 
1 43  LYS n 
1 44  SER n 
1 45  GLY n 
1 46  ILE n 
1 47  GLN n 
1 48  VAL n 
1 49  ARG n 
1 50  LEU n 
1 51  GLY n 
1 52  GLU n 
1 53  ASP n 
1 54  ASN n 
1 55  ILE n 
1 56  ASN n 
1 57  VAL n 
1 58  VAL n 
1 59  GLU n 
1 60  GLY n 
1 61  ASN n 
1 62  GLU n 
1 63  GLN n 
1 64  PHE n 
1 65  ILE n 
1 66  SER n 
1 67  ALA n 
1 68  SER n 
1 69  LYS n 
1 70  SER n 
1 71  ILE n 
1 72  VAL n 
1 73  HIS n 
1 74  PRO n 
1 75  SER n 
1 76  TYR n 
1 77  ASN n 
1 78  SER n 
1 79  ASN n 
1 80  THR n 
1 81  LEU n 
1 82  ASN n 
1 83  ASN n 
1 84  ASP n 
1 85  ILE n 
1 86  MET n 
1 87  LEU n 
1 88  ILE n 
1 89  LYS n 
1 90  LEU n 
1 91  LYS n 
1 92  SER n 
1 93  ALA n 
1 94  ALA n 
1 95  SER n 
1 96  LEU n 
1 97  ASN n 
1 98  SER n 
1 99  ARG n 
1 100 VAL n 
1 101 ALA n 
1 102 SER n 
1 103 ILE n 
1 104 SER n 
1 105 LEU n 
1 106 PRO n 
1 107 THR n 
1 108 SER n 
1 109 CYS n 
1 110 ALA n 
1 111 SER n 
1 112 ALA n 
1 113 GLY n 
1 114 THR n 
1 115 GLN n 
1 116 CYS n 
1 117 LEU n 
1 118 ILE n 
1 119 SER n 
1 120 GLY n 
1 121 TRP n 
1 122 GLY n 
1 123 ASN n 
1 124 THR n 
1 125 LYS n 
1 126 SER n 
1 127 SER n 
1 128 GLY n 
1 129 THR n 
1 130 SER n 
1 131 TYR n 
1 132 PRO n 
1 133 ASP n 
1 134 VAL n 
1 135 LEU n 
1 136 LYS n 
1 137 CYS n 
1 138 LEU n 
1 139 LYS n 
1 140 ALA n 
1 141 PRO n 
1 142 ILE n 
1 143 LEU n 
1 144 SER n 
1 145 ASP n 
1 146 SER n 
1 147 SER n 
1 148 CYS n 
1 149 LYS n 
1 150 SER n 
1 151 ALA n 
1 152 TYR n 
1 153 PRO n 
1 154 GLY n 
1 155 GLN n 
1 156 ILE n 
1 157 THR n 
1 158 SER n 
1 159 ASN n 
1 160 MET n 
1 161 PHE n 
1 162 CYS n 
1 163 ALA n 
1 164 GLY n 
1 165 TYR n 
1 166 LEU n 
1 167 GLU n 
1 168 GLY n 
1 169 GLY n 
1 170 LYS n 
1 171 ASP n 
1 172 SER n 
1 173 CYS n 
1 174 GLN n 
1 175 GLY n 
1 176 ASP n 
1 177 SER n 
1 178 GLY n 
1 179 GLY n 
1 180 PRO n 
1 181 VAL n 
1 182 VAL n 
1 183 CYS n 
1 184 SER n 
1 185 GLY n 
1 186 LYS n 
1 187 LEU n 
1 188 GLN n 
1 189 GLY n 
1 190 ILE n 
1 191 VAL n 
1 192 SER n 
1 193 TRP n 
1 194 GLY n 
1 195 SER n 
1 196 GLY n 
1 197 CYS n 
1 198 ALA n 
1 199 GLN n 
1 200 LYS n 
1 201 ASN n 
1 202 LYS n 
1 203 PRO n 
1 204 GLY n 
1 205 VAL n 
1 206 TYR n 
1 207 THR n 
1 208 LYS n 
1 209 VAL n 
1 210 CYS n 
1 211 ASN n 
1 212 TYR n 
1 213 VAL n 
1 214 SER n 
1 215 TRP n 
1 216 ILE n 
1 217 LYS n 
1 218 GLN n 
1 219 THR n 
1 220 ILE n 
1 221 ALA n 
1 222 SER n 
1 223 ASN n 
# 
_entity_src_nat.entity_id                  1 
_entity_src_nat.pdbx_src_id                1 
_entity_src_nat.pdbx_alt_source_flag       sample 
_entity_src_nat.pdbx_beg_seq_num           ? 
_entity_src_nat.pdbx_end_seq_num           ? 
_entity_src_nat.common_name                bovine 
_entity_src_nat.pdbx_organism_scientific   'Bos taurus' 
_entity_src_nat.pdbx_ncbi_taxonomy_id      9913 
_entity_src_nat.genus                      ? 
_entity_src_nat.species                    ? 
_entity_src_nat.strain                     ? 
_entity_src_nat.tissue                     ? 
_entity_src_nat.tissue_fraction            ? 
_entity_src_nat.pdbx_secretion             ? 
_entity_src_nat.pdbx_fragment              ? 
_entity_src_nat.pdbx_variant               ? 
_entity_src_nat.pdbx_cell_line             ? 
_entity_src_nat.pdbx_atcc                  ? 
_entity_src_nat.pdbx_cellular_location     ? 
_entity_src_nat.pdbx_organ                 ? 
_entity_src_nat.pdbx_organelle             ? 
_entity_src_nat.pdbx_cell                  ? 
_entity_src_nat.pdbx_plasmid_name          ? 
_entity_src_nat.pdbx_plasmid_details       ? 
_entity_src_nat.details                    ? 
# 
loop_
_chem_comp.id 
_chem_comp.type 
_chem_comp.mon_nstd_flag 
_chem_comp.name 
_chem_comp.pdbx_synonyms 
_chem_comp.formula 
_chem_comp.formula_weight 
ALA 'L-peptide linking' y ALANINE         ? 'C3 H7 N O2'     89.093  
ARG 'L-peptide linking' y ARGININE        ? 'C6 H15 N4 O2 1' 175.209 
ASN 'L-peptide linking' y ASPARAGINE      ? 'C4 H8 N2 O3'    132.118 
ASP 'L-peptide linking' y 'ASPARTIC ACID' ? 'C4 H7 N O4'     133.103 
CA  non-polymer         . 'CALCIUM ION'   ? 'Ca 2'           40.078  
CYS 'L-peptide linking' y CYSTEINE        ? 'C3 H7 N O2 S'   121.158 
GLN 'L-peptide linking' y GLUTAMINE       ? 'C5 H10 N2 O3'   146.144 
GLU 'L-peptide linking' y 'GLUTAMIC ACID' ? 'C5 H9 N O4'     147.129 
GLY 'peptide linking'   y GLYCINE         ? 'C2 H5 N O2'     75.067  
HIS 'L-peptide linking' y HISTIDINE       ? 'C6 H10 N3 O2 1' 156.162 
HOH non-polymer         . WATER           ? 'H2 O'           18.015  
ILE 'L-peptide linking' y ISOLEUCINE      ? 'C6 H13 N O2'    131.173 
LEU 'L-peptide linking' y LEUCINE         ? 'C6 H13 N O2'    131.173 
LYS 'L-peptide linking' y LYSINE          ? 'C6 H15 N2 O2 1' 147.195 
MET 'L-peptide linking' y METHIONINE      ? 'C5 H11 N O2 S'  149.211 
PHE 'L-peptide linking' y PHENYLALANINE   ? 'C9 H11 N O2'    165.189 
PRO 'L-peptide linking' y PROLINE         ? 'C5 H9 N O2'     115.130 
SER 'L-peptide linking' y SERINE          ? 'C3 H7 N O3'     105.093 
SO4 non-polymer         . 'SULFATE ION'   ? 'O4 S -2'        96.063  
THR 'L-peptide linking' y THREONINE       ? 'C4 H9 N O3'     119.119 
TRP 'L-peptide linking' y TRYPTOPHAN      ? 'C11 H12 N2 O2'  204.225 
TYR 'L-peptide linking' y TYROSINE        ? 'C9 H11 N O3'    181.189 
VAL 'L-peptide linking' y VALINE          ? 'C5 H11 N O2'    117.146 
# 
loop_
_pdbx_poly_seq_scheme.asym_id 
_pdbx_poly_seq_scheme.entity_id 
_pdbx_poly_seq_scheme.seq_id 
_pdbx_poly_seq_scheme.mon_id 
_pdbx_poly_seq_scheme.ndb_seq_num 
_pdbx_poly_seq_scheme.pdb_seq_num 
_pdbx_poly_seq_scheme.auth_seq_num 
_pdbx_poly_seq_scheme.pdb_mon_id 
_pdbx_poly_seq_scheme.auth_mon_id 
_pdbx_poly_seq_scheme.pdb_strand_id 
_pdbx_poly_seq_scheme.pdb_ins_code 
_pdbx_poly_seq_scheme.hetero 
A 1 1   ILE 1   16  16  ILE ILE A . n 
A 1 2   VAL 2   17  17  VAL VAL A . n 
A 1 3   GLY 3   18  18  GLY GLY A . n 
A 1 4   GLY 4   19  19  GLY GLY A . n 
A 1 5   TYR 5   20  20  TYR TYR A . n 
A 1 6   THR 6   21  21  THR THR A . n 
A 1 7   CYS 7   22  22  CYS CYS A . n 
A 1 8   GLY 8   23  23  GLY GLY A . n 
A 1 9   ALA 9   24  24  ALA ALA A . n 
A 1 10  ASN 10  25  25  ASN ASN A . n 
A 1 11  THR 11  26  26  THR THR A . n 
A 1 12  VAL 12  27  27  VAL VAL A . n 
A 1 13  PRO 13  28  28  PRO PRO A . n 
A 1 14  TYR 14  29  29  TYR TYR A . n 
A 1 15  GLN 15  30  30  GLN GLN A . n 
A 1 16  VAL 16  31  31  VAL VAL A . n 
A 1 17  SER 17  32  32  SER SER A . n 
A 1 18  LEU 18  33  33  LEU LEU A . n 
A 1 19  ASN 19  34  34  ASN ASN A . n 
A 1 20  SER 20  37  37  SER SER A . n 
A 1 21  GLY 21  38  38  GLY GLY A . n 
A 1 22  TYR 22  39  39  TYR TYR A . n 
A 1 23  HIS 23  40  40  HIS HIS A . n 
A 1 24  PHE 24  41  41  PHE PHE A . n 
A 1 25  CYS 25  42  42  CYS CYS A . n 
A 1 26  GLY 26  43  43  GLY GLY A . n 
A 1 27  GLY 27  44  44  GLY GLY A . n 
A 1 28  SER 28  45  45  SER SER A . n 
A 1 29  LEU 29  46  46  LEU LEU A . n 
A 1 30  ILE 30  47  47  ILE ILE A . n 
A 1 31  ASN 31  48  48  ASN ASN A . n 
A 1 32  SER 32  49  49  SER SER A . n 
A 1 33  GLN 33  50  50  GLN GLN A . n 
A 1 34  TRP 34  51  51  TRP TRP A . n 
A 1 35  VAL 35  52  52  VAL VAL A . n 
A 1 36  VAL 36  53  53  VAL VAL A . n 
A 1 37  SER 37  54  54  SER SER A . n 
A 1 38  ALA 38  55  55  ALA ALA A . n 
A 1 39  ALA 39  56  56  ALA ALA A . n 
A 1 40  HIS 40  57  57  HIS HIS A . n 
A 1 41  CYS 41  58  58  CYS CYS A . n 
A 1 42  TYR 42  59  59  TYR TYR A . n 
A 1 43  LYS 43  60  60  LYS LYS A . n 
A 1 44  SER 44  61  61  SER SER A . n 
A 1 45  GLY 45  62  62  GLY GLY A . n 
A 1 46  ILE 46  63  63  ILE ILE A . n 
A 1 47  GLN 47  64  64  GLN GLN A . n 
A 1 48  VAL 48  65  65  VAL VAL A . n 
A 1 49  ARG 49  66  66  ARG ARG A . n 
A 1 50  LEU 50  67  67  LEU LEU A . n 
A 1 51  GLY 51  69  69  GLY GLY A . n 
A 1 52  GLU 52  70  70  GLU GLU A . n 
A 1 53  ASP 53  71  71  ASP ASP A . n 
A 1 54  ASN 54  72  72  ASN ASN A . n 
A 1 55  ILE 55  73  73  ILE ILE A . n 
A 1 56  ASN 56  74  74  ASN ASN A . n 
A 1 57  VAL 57  75  75  VAL VAL A . n 
A 1 58  VAL 58  76  76  VAL VAL A . n 
A 1 59  GLU 59  77  77  GLU GLU A . n 
A 1 60  GLY 60  78  78  GLY GLY A . n 
A 1 61  ASN 61  79  79  ASN ASN A . n 
A 1 62  GLU 62  80  80  GLU GLU A . n 
A 1 63  GLN 63  81  81  GLN GLN A . n 
A 1 64  PHE 64  82  82  PHE PHE A . n 
A 1 65  ILE 65  83  83  ILE ILE A . n 
A 1 66  SER 66  84  84  SER SER A . n 
A 1 67  ALA 67  85  85  ALA ALA A . n 
A 1 68  SER 68  86  86  SER SER A . n 
A 1 69  LYS 69  87  87  LYS LYS A . n 
A 1 70  SER 70  88  88  SER SER A . n 
A 1 71  ILE 71  89  89  ILE ILE A . n 
A 1 72  VAL 72  90  90  VAL VAL A . n 
A 1 73  HIS 73  91  91  HIS HIS A . n 
A 1 74  PRO 74  92  92  PRO PRO A . n 
A 1 75  SER 75  93  93  SER SER A . n 
A 1 76  TYR 76  94  94  TYR TYR A . n 
A 1 77  ASN 77  95  95  ASN ASN A . n 
A 1 78  SER 78  96  96  SER SER A . n 
A 1 79  ASN 79  97  97  ASN ASN A . n 
A 1 80  THR 80  98  98  THR THR A . n 
A 1 81  LEU 81  99  99  LEU LEU A . n 
A 1 82  ASN 82  100 100 ASN ASN A . n 
A 1 83  ASN 83  101 101 ASN ASN A . n 
A 1 84  ASP 84  102 102 ASP ASP A . n 
A 1 85  ILE 85  103 103 ILE ILE A . n 
A 1 86  MET 86  104 104 MET MET A . n 
A 1 87  LEU 87  105 105 LEU LEU A . n 
A 1 88  ILE 88  106 106 ILE ILE A . n 
A 1 89  LYS 89  107 107 LYS LYS A . n 
A 1 90  LEU 90  108 108 LEU LEU A . n 
A 1 91  LYS 91  109 109 LYS LYS A . n 
A 1 92  SER 92  110 110 SER SER A . n 
A 1 93  ALA 93  111 111 ALA ALA A . n 
A 1 94  ALA 94  112 112 ALA ALA A . n 
A 1 95  SER 95  113 113 SER SER A . n 
A 1 96  LEU 96  114 114 LEU LEU A . n 
A 1 97  ASN 97  115 115 ASN ASN A . n 
A 1 98  SER 98  116 116 SER SER A . n 
A 1 99  ARG 99  117 117 ARG ARG A . n 
A 1 100 VAL 100 118 118 VAL VAL A . n 
A 1 101 ALA 101 119 119 ALA ALA A . n 
A 1 102 SER 102 120 120 SER SER A . n 
A 1 103 ILE 103 121 121 ILE ILE A . n 
A 1 104 SER 104 122 122 SER SER A . n 
A 1 105 LEU 105 123 123 LEU LEU A . n 
A 1 106 PRO 106 124 124 PRO PRO A . n 
A 1 107 THR 107 125 125 THR THR A . n 
A 1 108 SER 108 127 127 SER SER A . n 
A 1 109 CYS 109 128 128 CYS CYS A . n 
A 1 110 ALA 110 129 129 ALA ALA A . n 
A 1 111 SER 111 130 130 SER SER A . n 
A 1 112 ALA 112 132 132 ALA ALA A . n 
A 1 113 GLY 113 133 133 GLY GLY A . n 
A 1 114 THR 114 134 134 THR THR A . n 
A 1 115 GLN 115 135 135 GLN GLN A . n 
A 1 116 CYS 116 136 136 CYS CYS A . n 
A 1 117 LEU 117 137 137 LEU LEU A . n 
A 1 118 ILE 118 138 138 ILE ILE A . n 
A 1 119 SER 119 139 139 SER SER A . n 
A 1 120 GLY 120 140 140 GLY GLY A . n 
A 1 121 TRP 121 141 141 TRP TRP A . n 
A 1 122 GLY 122 142 142 GLY GLY A . n 
A 1 123 ASN 123 143 143 ASN ASN A . n 
A 1 124 THR 124 144 144 THR THR A . n 
A 1 125 LYS 125 145 145 LYS LYS A . n 
A 1 126 SER 126 146 146 SER SER A . n 
A 1 127 SER 127 147 147 SER SER A . n 
A 1 128 GLY 128 148 148 GLY GLY A . n 
A 1 129 THR 129 149 149 THR THR A . n 
A 1 130 SER 130 150 150 SER SER A . n 
A 1 131 TYR 131 151 151 TYR TYR A . n 
A 1 132 PRO 132 152 152 PRO PRO A . n 
A 1 133 ASP 133 153 153 ASP ASP A . n 
A 1 134 VAL 134 154 154 VAL VAL A . n 
A 1 135 LEU 135 155 155 LEU LEU A . n 
A 1 136 LYS 136 156 156 LYS LYS A . n 
A 1 137 CYS 137 157 157 CYS CYS A . n 
A 1 138 LEU 138 158 158 LEU LEU A . n 
A 1 139 LYS 139 159 159 LYS LYS A . n 
A 1 140 ALA 140 160 160 ALA ALA A . n 
A 1 141 PRO 141 161 161 PRO PRO A . n 
A 1 142 ILE 142 162 162 ILE ILE A . n 
A 1 143 LEU 143 163 163 LEU LEU A . n 
A 1 144 SER 144 164 164 SER SER A . n 
A 1 145 ASP 145 165 165 ASP ASP A . n 
A 1 146 SER 146 166 166 SER SER A . n 
A 1 147 SER 147 167 167 SER SER A . n 
A 1 148 CYS 148 168 168 CYS CYS A . n 
A 1 149 LYS 149 169 169 LYS LYS A . n 
A 1 150 SER 150 170 170 SER SER A . n 
A 1 151 ALA 151 171 171 ALA ALA A . n 
A 1 152 TYR 152 172 172 TYR TYR A . n 
A 1 153 PRO 153 173 173 PRO PRO A . n 
A 1 154 GLY 154 174 174 GLY GLY A . n 
A 1 155 GLN 155 175 175 GLN GLN A . n 
A 1 156 ILE 156 176 176 ILE ILE A . n 
A 1 157 THR 157 177 177 THR THR A . n 
A 1 158 SER 158 178 178 SER SER A . n 
A 1 159 ASN 159 179 179 ASN ASN A . n 
A 1 160 MET 160 180 180 MET MET A . n 
A 1 161 PHE 161 181 181 PHE PHE A . n 
A 1 162 CYS 162 182 182 CYS CYS A . n 
A 1 163 ALA 163 183 183 ALA ALA A . n 
A 1 164 GLY 164 184 184 GLY GLY A A n 
A 1 165 TYR 165 184 184 TYR TYR A . n 
A 1 166 LEU 166 185 185 LEU LEU A . n 
A 1 167 GLU 167 186 186 GLU GLU A . n 
A 1 168 GLY 168 187 187 GLY GLY A . n 
A 1 169 GLY 169 188 188 GLY GLY A A n 
A 1 170 LYS 170 188 188 LYS LYS A . n 
A 1 171 ASP 171 189 189 ASP ASP A . n 
A 1 172 SER 172 190 190 SER SER A . n 
A 1 173 CYS 173 191 191 CYS CYS A . n 
A 1 174 GLN 174 192 192 GLN GLN A . n 
A 1 175 GLY 175 193 193 GLY GLY A . n 
A 1 176 ASP 176 194 194 ASP ASP A . n 
A 1 177 SER 177 195 195 SER SER A . n 
A 1 178 GLY 178 196 196 GLY GLY A . n 
A 1 179 GLY 179 197 197 GLY GLY A . n 
A 1 180 PRO 180 198 198 PRO PRO A . n 
A 1 181 VAL 181 199 199 VAL VAL A . n 
A 1 182 VAL 182 200 200 VAL VAL A . n 
A 1 183 CYS 183 201 201 CYS CYS A . n 
A 1 184 SER 184 202 202 SER SER A . n 
A 1 185 GLY 185 203 203 GLY GLY A . n 
A 1 186 LYS 186 204 204 LYS LYS A . n 
A 1 187 LEU 187 209 209 LEU LEU A . n 
A 1 188 GLN 188 210 210 GLN GLN A . n 
A 1 189 GLY 189 211 211 GLY GLY A . n 
A 1 190 ILE 190 212 212 ILE ILE A . n 
A 1 191 VAL 191 213 213 VAL VAL A . n 
A 1 192 SER 192 214 214 SER SER A . n 
A 1 193 TRP 193 215 215 TRP TRP A . n 
A 1 194 GLY 194 216 216 GLY GLY A . n 
A 1 195 SER 195 217 217 SER SER A . n 
A 1 196 GLY 196 219 219 GLY GLY A . n 
A 1 197 CYS 197 220 220 CYS CYS A . n 
A 1 198 ALA 198 221 221 ALA ALA A A n 
A 1 199 GLN 199 221 221 GLN GLN A . n 
A 1 200 LYS 200 222 222 LYS LYS A . n 
A 1 201 ASN 201 223 223 ASN ASN A . n 
A 1 202 LYS 202 224 224 LYS LYS A . n 
A 1 203 PRO 203 225 225 PRO PRO A . n 
A 1 204 GLY 204 226 226 GLY GLY A . n 
A 1 205 VAL 205 227 227 VAL VAL A . n 
A 1 206 TYR 206 228 228 TYR TYR A . n 
A 1 207 THR 207 229 229 THR THR A . n 
A 1 208 LYS 208 230 230 LYS LYS A . n 
A 1 209 VAL 209 231 231 VAL VAL A . n 
A 1 210 CYS 210 232 232 CYS CYS A . n 
A 1 211 ASN 211 233 233 ASN ASN A . n 
A 1 212 TYR 212 234 234 TYR TYR A . n 
A 1 213 VAL 213 235 235 VAL VAL A . n 
A 1 214 SER 214 236 236 SER SER A . n 
A 1 215 TRP 215 237 237 TRP TRP A . n 
A 1 216 ILE 216 238 238 ILE ILE A . n 
A 1 217 LYS 217 239 239 LYS LYS A . n 
A 1 218 GLN 218 240 240 GLN GLN A . n 
A 1 219 THR 219 241 241 THR THR A . n 
A 1 220 ILE 220 242 242 ILE ILE A . n 
A 1 221 ALA 221 243 243 ALA ALA A . n 
A 1 222 SER 222 244 244 SER SER A . n 
A 1 223 ASN 223 245 245 ASN ASN A . n 
# 
loop_
_pdbx_nonpoly_scheme.asym_id 
_pdbx_nonpoly_scheme.entity_id 
_pdbx_nonpoly_scheme.mon_id 
_pdbx_nonpoly_scheme.ndb_seq_num 
_pdbx_nonpoly_scheme.pdb_seq_num 
_pdbx_nonpoly_scheme.auth_seq_num 
_pdbx_nonpoly_scheme.pdb_mon_id 
_pdbx_nonpoly_scheme.auth_mon_id 
_pdbx_nonpoly_scheme.pdb_strand_id 
_pdbx_nonpoly_scheme.pdb_ins_code 
B 2 CA  1  480 480 CA  CA  A . 
C 3 SO4 1  702 702 SO4 SO4 A . 
D 4 HOH 1  406 406 HOH HOH A . 
D 4 HOH 2  408 408 HOH HOH A . 
D 4 HOH 3  410 410 HOH HOH A . 
D 4 HOH 4  414 414 HOH HOH A . 
D 4 HOH 5  415 415 HOH HOH A . 
D 4 HOH 6  416 416 HOH HOH A . 
D 4 HOH 7  430 430 HOH HOH A . 
D 4 HOH 8  516 516 HOH HOH A . 
D 4 HOH 9  562 562 HOH HOH A . 
D 4 HOH 10 604 604 HOH HOH A . 
D 4 HOH 11 701 701 HOH HOH A . 
D 4 HOH 12 703 703 HOH HOH A . 
D 4 HOH 13 704 704 HOH HOH A . 
D 4 HOH 14 705 705 HOH HOH A . 
D 4 HOH 15 706 706 HOH HOH A . 
D 4 HOH 16 708 708 HOH HOH A . 
D 4 HOH 17 709 709 HOH HOH A . 
D 4 HOH 18 714 714 HOH HOH A . 
D 4 HOH 19 716 716 HOH HOH A . 
D 4 HOH 20 717 717 HOH HOH A . 
D 4 HOH 21 721 721 HOH HOH A . 
D 4 HOH 22 722 722 HOH HOH A . 
D 4 HOH 23 755 755 HOH HOH A . 
D 4 HOH 24 805 805 HOH HOH A . 
D 4 HOH 25 926 926 HOH HOH A . 
# 
loop_
_software.name 
_software.classification 
_software.version 
_software.citation_id 
_software.pdbx_ordinal 
PROTEIN 'model building' . ? 1 
EREF    refinement       . ? 2 
FILME   'data reduction' . ? 3 
PROTEIN 'data scaling'   . ? 4 
PROTEIN phasing          . ? 5 
# 
_cell.entry_id           1TLD 
_cell.length_a           63.700 
_cell.length_b           63.500 
_cell.length_c           68.900 
_cell.angle_alpha        90.00 
_cell.angle_beta         90.00 
_cell.angle_gamma        90.00 
_cell.Z_PDB              4 
_cell.pdbx_unique_axis   ? 
_cell.length_a_esd       ? 
_cell.length_b_esd       ? 
_cell.length_c_esd       ? 
_cell.angle_alpha_esd    ? 
_cell.angle_beta_esd     ? 
_cell.angle_gamma_esd    ? 
# 
_symmetry.entry_id                         1TLD 
_symmetry.space_group_name_H-M             'P 21 21 21' 
_symmetry.pdbx_full_space_group_name_H-M   ? 
_symmetry.cell_setting                     ? 
_symmetry.Int_Tables_number                19 
_symmetry.space_group_name_Hall            ? 
# 
_exptl.entry_id          1TLD 
_exptl.method            'X-RAY DIFFRACTION' 
_exptl.crystals_number   1 
# 
_exptl_crystal.id                    1 
_exptl_crystal.density_meas          ? 
_exptl_crystal.density_Matthews      2.99 
_exptl_crystal.density_percent_sol   58.81 
_exptl_crystal.description           ? 
_exptl_crystal.F_000                 ? 
_exptl_crystal.preparation           ? 
# 
_exptl_crystal_grow.crystal_id      1 
_exptl_crystal_grow.method          ? 
_exptl_crystal_grow.temp            ? 
_exptl_crystal_grow.temp_details    ? 
_exptl_crystal_grow.pH              ? 
_exptl_crystal_grow.pdbx_pH_range   ? 
_exptl_crystal_grow.pdbx_details    
;THE SOLVENT USED WAS 2.5 M AMMONIUM SULPHATE, 0.1 M
PHOSPHATE, 1 MM CACL AT PH 5.3.
;
# 
_diffrn.id                     1 
_diffrn.ambient_temp           ? 
_diffrn.ambient_temp_details   ? 
_diffrn.crystal_id             1 
# 
_diffrn_detector.diffrn_id              1 
_diffrn_detector.detector               FILM 
_diffrn_detector.type                   ? 
_diffrn_detector.pdbx_collection_date   ? 
_diffrn_detector.details                ? 
# 
_diffrn_radiation.diffrn_id                        1 
_diffrn_radiation.wavelength_id                    1 
_diffrn_radiation.monochromator                    ? 
_diffrn_radiation.pdbx_monochromatic_or_laue_m_l   ? 
_diffrn_radiation.pdbx_diffrn_protocol             ? 
_diffrn_radiation.pdbx_scattering_type             x-ray 
# 
_diffrn_radiation_wavelength.id           1 
_diffrn_radiation_wavelength.wavelength   1.009 
_diffrn_radiation_wavelength.wt           1.0 
# 
_diffrn_source.diffrn_id                   1 
_diffrn_source.source                      SYNCHROTRON 
_diffrn_source.type                        'EMBL/DESY, HAMBURG BEAMLINE X31' 
_diffrn_source.pdbx_synchrotron_site       'EMBL/DESY, HAMBURG' 
_diffrn_source.pdbx_synchrotron_beamline   X31 
_diffrn_source.pdbx_wavelength             ? 
_diffrn_source.pdbx_wavelength_list        1.009 
# 
_refine.entry_id                                 1TLD 
_refine.ls_number_reflns_obs                     ? 
_refine.ls_number_reflns_all                     ? 
_refine.pdbx_ls_sigma_I                          ? 
_refine.pdbx_ls_sigma_F                          ? 
_refine.pdbx_data_cutoff_high_absF               ? 
_refine.pdbx_data_cutoff_low_absF                ? 
_refine.pdbx_data_cutoff_high_rms_absF           ? 
_refine.ls_d_res_low                             7.0 
_refine.ls_d_res_high                            1.5 
_refine.ls_percent_reflns_obs                    ? 
_refine.ls_R_factor_obs                          ? 
_refine.ls_R_factor_all                          ? 
_refine.ls_R_factor_R_work                       0.167 
_refine.ls_R_factor_R_free                       ? 
_refine.ls_R_factor_R_free_error                 ? 
_refine.ls_R_factor_R_free_error_details         ? 
_refine.ls_percent_reflns_R_free                 ? 
_refine.ls_number_reflns_R_free                  ? 
_refine.ls_number_parameters                     ? 
_refine.ls_number_restraints                     ? 
_refine.occupancy_min                            ? 
_refine.occupancy_max                            ? 
_refine.B_iso_mean                               ? 
_refine.aniso_B[1][1]                            ? 
_refine.aniso_B[2][2]                            ? 
_refine.aniso_B[3][3]                            ? 
_refine.aniso_B[1][2]                            ? 
_refine.aniso_B[1][3]                            ? 
_refine.aniso_B[2][3]                            ? 
_refine.solvent_model_details                    ? 
_refine.solvent_model_param_ksol                 ? 
_refine.solvent_model_param_bsol                 ? 
_refine.pdbx_ls_cross_valid_method               ? 
_refine.details                                  ? 
_refine.pdbx_starting_model                      ? 
_refine.pdbx_method_to_determine_struct          ? 
_refine.pdbx_isotropic_thermal_model             ? 
_refine.pdbx_stereochemistry_target_values       ? 
_refine.pdbx_stereochem_target_val_spec_case     ? 
_refine.pdbx_R_Free_selection_details            ? 
_refine.pdbx_overall_ESU_R                       ? 
_refine.pdbx_overall_ESU_R_Free                  ? 
_refine.overall_SU_ML                            ? 
_refine.overall_SU_B                             ? 
_refine.pdbx_refine_id                           'X-RAY DIFFRACTION' 
_refine.ls_redundancy_reflns_obs                 ? 
_refine.pdbx_overall_phase_error                 ? 
_refine.B_iso_min                                ? 
_refine.B_iso_max                                ? 
_refine.correlation_coeff_Fo_to_Fc               ? 
_refine.correlation_coeff_Fo_to_Fc_free          ? 
_refine.pdbx_solvent_vdw_probe_radii             ? 
_refine.pdbx_solvent_ion_probe_radii             ? 
_refine.pdbx_solvent_shrinkage_radii             ? 
_refine.overall_SU_R_Cruickshank_DPI             ? 
_refine.overall_SU_R_free                        ? 
_refine.ls_wR_factor_R_free                      ? 
_refine.ls_wR_factor_R_work                      ? 
_refine.overall_FOM_free_R_set                   ? 
_refine.overall_FOM_work_R_set                   ? 
_refine.pdbx_diffrn_id                           1 
_refine.pdbx_TLS_residual_ADP_flag               ? 
_refine.pdbx_overall_SU_R_free_Cruickshank_DPI   ? 
_refine.pdbx_overall_SU_R_Blow_DPI               ? 
_refine.pdbx_overall_SU_R_free_Blow_DPI          ? 
# 
_refine_hist.pdbx_refine_id                   'X-RAY DIFFRACTION' 
_refine_hist.cycle_id                         LAST 
_refine_hist.pdbx_number_atoms_protein        1629 
_refine_hist.pdbx_number_atoms_nucleic_acid   0 
_refine_hist.pdbx_number_atoms_ligand         6 
_refine_hist.number_atoms_solvent             25 
_refine_hist.number_atoms_total               1660 
_refine_hist.d_res_high                       1.5 
_refine_hist.d_res_low                        7.0 
# 
loop_
_refine_ls_restr.type 
_refine_ls_restr.dev_ideal 
_refine_ls_restr.dev_ideal_target 
_refine_ls_restr.weight 
_refine_ls_restr.number 
_refine_ls_restr.pdbx_refine_id 
_refine_ls_restr.pdbx_restraint_function 
o_bond_d                0.015 ? ? ? 'X-RAY DIFFRACTION' ? 
o_bond_d_na             ?     ? ? ? 'X-RAY DIFFRACTION' ? 
o_bond_d_prot           ?     ? ? ? 'X-RAY DIFFRACTION' ? 
o_angle_d               ?     ? ? ? 'X-RAY DIFFRACTION' ? 
o_angle_d_na            ?     ? ? ? 'X-RAY DIFFRACTION' ? 
o_angle_d_prot          ?     ? ? ? 'X-RAY DIFFRACTION' ? 
o_angle_deg             2.17  ? ? ? 'X-RAY DIFFRACTION' ? 
o_angle_deg_na          ?     ? ? ? 'X-RAY DIFFRACTION' ? 
o_angle_deg_prot        ?     ? ? ? 'X-RAY DIFFRACTION' ? 
o_dihedral_angle_d      ?     ? ? ? 'X-RAY DIFFRACTION' ? 
o_dihedral_angle_d_na   ?     ? ? ? 'X-RAY DIFFRACTION' ? 
o_dihedral_angle_d_prot ?     ? ? ? 'X-RAY DIFFRACTION' ? 
o_improper_angle_d      ?     ? ? ? 'X-RAY DIFFRACTION' ? 
o_improper_angle_d_na   ?     ? ? ? 'X-RAY DIFFRACTION' ? 
o_improper_angle_d_prot ?     ? ? ? 'X-RAY DIFFRACTION' ? 
o_mcbond_it             ?     ? ? ? 'X-RAY DIFFRACTION' ? 
o_mcangle_it            ?     ? ? ? 'X-RAY DIFFRACTION' ? 
o_scbond_it             ?     ? ? ? 'X-RAY DIFFRACTION' ? 
o_scangle_it            ?     ? ? ? 'X-RAY DIFFRACTION' ? 
# 
_struct.entry_id                  1TLD 
_struct.title                     
;CRYSTAL STRUCTURE OF BOVINE BETA-TRYPSIN AT 1.5 ANGSTROMS RESOLUTION IN A CRYSTAL FORM WITH LOW MOLECULAR PACKING DENSITY. ACTIVE SITE GEOMETRY, ION PAIRS AND SOLVENT STRUCTURE
;
_struct.pdbx_model_details        ? 
_struct.pdbx_CASP_flag            ? 
_struct.pdbx_model_type_details   ? 
# 
_struct_keywords.entry_id        1TLD 
_struct_keywords.pdbx_keywords   HYDROLASE 
_struct_keywords.text            'HYDROLASE, SERINE PROTEINASE' 
# 
loop_
_struct_asym.id 
_struct_asym.pdbx_blank_PDB_chainid_flag 
_struct_asym.pdbx_modified 
_struct_asym.entity_id 
_struct_asym.details 
A N N 1 ? 
B N N 2 ? 
C N N 3 ? 
D N N 4 ? 
# 
_struct_ref.id                         1 
_struct_ref.db_name                    UNP 
_struct_ref.db_code                    TRY1_BOVIN 
_struct_ref.entity_id                  1 
_struct_ref.pdbx_db_accession          P00760 
_struct_ref.pdbx_align_begin           1 
_struct_ref.pdbx_seq_one_letter_code   
;FIFLALLGAAVAFPVDDDDKIVGGYTCGANTVPYQVSLNSGYHFCGGSLINSQWVVSAAHCYKSGIQVRLGEDNINVVEG
NEQFISASKSIVHPSYNSNTLNNDIMLIKLKSAASLNSRVASISLPTSCASAGTQCLISGWGNTKSSGTSYPDVLKCLKA
PILSDSSCKSAYPGQITSNMFCAGYLEGGKDSCQGDSGGPVVCSGKLQGIVSWGSGCAQKNKPGVYTKVCNYVSWIKQTI
ASN
;
_struct_ref.pdbx_db_isoform            ? 
# 
_struct_ref_seq.align_id                      1 
_struct_ref_seq.ref_id                        1 
_struct_ref_seq.pdbx_PDB_id_code              1TLD 
_struct_ref_seq.pdbx_strand_id                A 
_struct_ref_seq.seq_align_beg                 1 
_struct_ref_seq.pdbx_seq_align_beg_ins_code   ? 
_struct_ref_seq.seq_align_end                 223 
_struct_ref_seq.pdbx_seq_align_end_ins_code   ? 
_struct_ref_seq.pdbx_db_accession             P00760 
_struct_ref_seq.db_align_beg                  21 
_struct_ref_seq.pdbx_db_align_beg_ins_code    ? 
_struct_ref_seq.db_align_end                  243 
_struct_ref_seq.pdbx_db_align_end_ins_code    ? 
_struct_ref_seq.pdbx_auth_seq_align_beg       16 
_struct_ref_seq.pdbx_auth_seq_align_end       245 
# 
_pdbx_struct_assembly.id                   1 
_pdbx_struct_assembly.details              author_defined_assembly 
_pdbx_struct_assembly.method_details       ? 
_pdbx_struct_assembly.oligomeric_details   monomeric 
_pdbx_struct_assembly.oligomeric_count     1 
# 
_pdbx_struct_assembly_gen.assembly_id       1 
_pdbx_struct_assembly_gen.oper_expression   1 
_pdbx_struct_assembly_gen.asym_id_list      A,B,C,D 
# 
_pdbx_struct_oper_list.id                   1 
_pdbx_struct_oper_list.type                 'identity operation' 
_pdbx_struct_oper_list.name                 1_555 
_pdbx_struct_oper_list.symmetry_operation   x,y,z 
_pdbx_struct_oper_list.matrix[1][1]         1.0000000000 
_pdbx_struct_oper_list.matrix[1][2]         0.0000000000 
_pdbx_struct_oper_list.matrix[1][3]         0.0000000000 
_pdbx_struct_oper_list.vector[1]            0.0000000000 
_pdbx_struct_oper_list.matrix[2][1]         0.0000000000 
_pdbx_struct_oper_list.matrix[2][2]         1.0000000000 
_pdbx_struct_oper_list.matrix[2][3]         0.0000000000 
_pdbx_struct_oper_list.vector[2]            0.0000000000 
_pdbx_struct_oper_list.matrix[3][1]         0.0000000000 
_pdbx_struct_oper_list.matrix[3][2]         0.0000000000 
_pdbx_struct_oper_list.matrix[3][3]         1.0000000000 
_pdbx_struct_oper_list.vector[3]            0.0000000000 
# 
_struct_biol.id        1 
_struct_biol.details   ? 
# 
loop_
_struct_conf.conf_type_id 
_struct_conf.id 
_struct_conf.pdbx_PDB_helix_id 
_struct_conf.beg_label_comp_id 
_struct_conf.beg_label_asym_id 
_struct_conf.beg_label_seq_id 
_struct_conf.pdbx_beg_PDB_ins_code 
_struct_conf.end_label_comp_id 
_struct_conf.end_label_asym_id 
_struct_conf.end_label_seq_id 
_struct_conf.pdbx_end_PDB_ins_code 
_struct_conf.beg_auth_comp_id 
_struct_conf.beg_auth_asym_id 
_struct_conf.beg_auth_seq_id 
_struct_conf.end_auth_comp_id 
_struct_conf.end_auth_asym_id 
_struct_conf.end_auth_seq_id 
_struct_conf.pdbx_PDB_helix_class 
_struct_conf.details 
_struct_conf.pdbx_PDB_helix_length 
HELX_P HELX_P1 H1 SER A 144 ? ILE A 156 ? SER A 164 ILE A 176 1 'SNGL ALPHA TURN,REST IRREG.' 13 
HELX_P HELX_P2 H2 LYS A 208 ? VAL A 213 ? LYS A 230 VAL A 235 5 'CONTIGUOUS WITH H3'          6  
HELX_P HELX_P3 H3 SER A 214 ? ASN A 223 ? SER A 236 ASN A 245 1 'CONTIGUOUS WITH H2'          10 
# 
_struct_conf_type.id          HELX_P 
_struct_conf_type.criteria    ? 
_struct_conf_type.reference   ? 
# 
loop_
_struct_conn.id 
_struct_conn.conn_type_id 
_struct_conn.pdbx_leaving_atom_flag 
_struct_conn.pdbx_PDB_id 
_struct_conn.ptnr1_label_asym_id 
_struct_conn.ptnr1_label_comp_id 
_struct_conn.ptnr1_label_seq_id 
_struct_conn.ptnr1_label_atom_id 
_struct_conn.pdbx_ptnr1_label_alt_id 
_struct_conn.pdbx_ptnr1_PDB_ins_code 
_struct_conn.pdbx_ptnr1_standard_comp_id 
_struct_conn.ptnr1_symmetry 
_struct_conn.ptnr2_label_asym_id 
_struct_conn.ptnr2_label_comp_id 
_struct_conn.ptnr2_label_seq_id 
_struct_conn.ptnr2_label_atom_id 
_struct_conn.pdbx_ptnr2_label_alt_id 
_struct_conn.pdbx_ptnr2_PDB_ins_code 
_struct_conn.ptnr1_auth_asym_id 
_struct_conn.ptnr1_auth_comp_id 
_struct_conn.ptnr1_auth_seq_id 
_struct_conn.ptnr2_auth_asym_id 
_struct_conn.ptnr2_auth_comp_id 
_struct_conn.ptnr2_auth_seq_id 
_struct_conn.ptnr2_symmetry 
_struct_conn.pdbx_ptnr3_label_atom_id 
_struct_conn.pdbx_ptnr3_label_seq_id 
_struct_conn.pdbx_ptnr3_label_comp_id 
_struct_conn.pdbx_ptnr3_label_asym_id 
_struct_conn.pdbx_ptnr3_label_alt_id 
_struct_conn.pdbx_ptnr3_PDB_ins_code 
_struct_conn.details 
_struct_conn.pdbx_dist_value 
_struct_conn.pdbx_value_order 
_struct_conn.pdbx_role 
disulf1 disulf ? ? A CYS 7   SG  ? ? ? 1_555 A CYS 137 SG ? ? A CYS 22  A CYS 157 1_555 ? ? ? ? ? ? ? 2.101 ? ? 
disulf2 disulf ? ? A CYS 25  SG  ? ? ? 1_555 A CYS 41  SG ? ? A CYS 42  A CYS 58  1_555 ? ? ? ? ? ? ? 2.024 ? ? 
disulf3 disulf ? ? A CYS 109 SG  ? ? ? 1_555 A CYS 210 SG ? ? A CYS 128 A CYS 232 1_555 ? ? ? ? ? ? ? 2.025 ? ? 
disulf4 disulf ? ? A CYS 116 SG  ? ? ? 1_555 A CYS 183 SG ? ? A CYS 136 A CYS 201 1_555 ? ? ? ? ? ? ? 2.007 ? ? 
disulf5 disulf ? ? A CYS 148 SG  ? ? ? 1_555 A CYS 162 SG ? ? A CYS 168 A CYS 182 1_555 ? ? ? ? ? ? ? 2.010 ? ? 
disulf6 disulf ? ? A CYS 173 SG  ? ? ? 1_555 A CYS 197 SG ? ? A CYS 191 A CYS 220 1_555 ? ? ? ? ? ? ? 2.052 ? ? 
metalc1 metalc ? ? A GLU 52  OE1 ? ? ? 1_555 B CA  .   CA ? ? A GLU 70  A CA  480 1_555 ? ? ? ? ? ? ? 2.213 ? ? 
metalc2 metalc ? ? A ASN 54  O   ? ? ? 1_555 B CA  .   CA ? ? A ASN 72  A CA  480 1_555 ? ? ? ? ? ? ? 2.309 ? ? 
metalc3 metalc ? ? A VAL 57  O   ? ? ? 1_555 B CA  .   CA ? ? A VAL 75  A CA  480 1_555 ? ? ? ? ? ? ? 2.315 ? ? 
metalc4 metalc ? ? A GLU 62  OE2 ? ? ? 1_555 B CA  .   CA ? ? A GLU 80  A CA  480 1_555 ? ? ? ? ? ? ? 2.350 ? ? 
metalc5 metalc ? ? B CA  .   CA  ? ? ? 1_555 D HOH .   O  ? ? A CA  480 A HOH 714 1_555 ? ? ? ? ? ? ? 2.292 ? ? 
# 
loop_
_struct_conn_type.id 
_struct_conn_type.criteria 
_struct_conn_type.reference 
disulf ? ? 
metalc ? ? 
# 
loop_
_pdbx_struct_conn_angle.id 
_pdbx_struct_conn_angle.ptnr1_label_atom_id 
_pdbx_struct_conn_angle.ptnr1_label_alt_id 
_pdbx_struct_conn_angle.ptnr1_label_asym_id 
_pdbx_struct_conn_angle.ptnr1_label_comp_id 
_pdbx_struct_conn_angle.ptnr1_label_seq_id 
_pdbx_struct_conn_angle.ptnr1_auth_atom_id 
_pdbx_struct_conn_angle.ptnr1_auth_asym_id 
_pdbx_struct_conn_angle.ptnr1_auth_comp_id 
_pdbx_struct_conn_angle.ptnr1_auth_seq_id 
_pdbx_struct_conn_angle.ptnr1_PDB_ins_code 
_pdbx_struct_conn_angle.ptnr1_symmetry 
_pdbx_struct_conn_angle.ptnr2_label_atom_id 
_pdbx_struct_conn_angle.ptnr2_label_alt_id 
_pdbx_struct_conn_angle.ptnr2_label_asym_id 
_pdbx_struct_conn_angle.ptnr2_label_comp_id 
_pdbx_struct_conn_angle.ptnr2_label_seq_id 
_pdbx_struct_conn_angle.ptnr2_auth_atom_id 
_pdbx_struct_conn_angle.ptnr2_auth_asym_id 
_pdbx_struct_conn_angle.ptnr2_auth_comp_id 
_pdbx_struct_conn_angle.ptnr2_auth_seq_id 
_pdbx_struct_conn_angle.ptnr2_PDB_ins_code 
_pdbx_struct_conn_angle.ptnr2_symmetry 
_pdbx_struct_conn_angle.ptnr3_label_atom_id 
_pdbx_struct_conn_angle.ptnr3_label_alt_id 
_pdbx_struct_conn_angle.ptnr3_label_asym_id 
_pdbx_struct_conn_angle.ptnr3_label_comp_id 
_pdbx_struct_conn_angle.ptnr3_label_seq_id 
_pdbx_struct_conn_angle.ptnr3_auth_atom_id 
_pdbx_struct_conn_angle.ptnr3_auth_asym_id 
_pdbx_struct_conn_angle.ptnr3_auth_comp_id 
_pdbx_struct_conn_angle.ptnr3_auth_seq_id 
_pdbx_struct_conn_angle.ptnr3_PDB_ins_code 
_pdbx_struct_conn_angle.ptnr3_symmetry 
_pdbx_struct_conn_angle.value 
_pdbx_struct_conn_angle.value_esd 
1  OE1 ? A GLU 52 ? A GLU 70 ? 1_555 CA ? B CA . ? A CA 480 ? 1_555 O   ? A ASN 54 ? A ASN 72  ? 1_555 89.0  ? 
2  OE1 ? A GLU 52 ? A GLU 70 ? 1_555 CA ? B CA . ? A CA 480 ? 1_555 O   ? A VAL 57 ? A VAL 75  ? 1_555 159.6 ? 
3  O   ? A ASN 54 ? A ASN 72 ? 1_555 CA ? B CA . ? A CA 480 ? 1_555 O   ? A VAL 57 ? A VAL 75  ? 1_555 82.0  ? 
4  OE1 ? A GLU 52 ? A GLU 70 ? 1_555 CA ? B CA . ? A CA 480 ? 1_555 OE2 ? A GLU 62 ? A GLU 80  ? 1_555 103.8 ? 
5  O   ? A ASN 54 ? A ASN 72 ? 1_555 CA ? B CA . ? A CA 480 ? 1_555 OE2 ? A GLU 62 ? A GLU 80  ? 1_555 159.5 ? 
6  O   ? A VAL 57 ? A VAL 75 ? 1_555 CA ? B CA . ? A CA 480 ? 1_555 OE2 ? A GLU 62 ? A GLU 80  ? 1_555 90.3  ? 
7  OE1 ? A GLU 52 ? A GLU 70 ? 1_555 CA ? B CA . ? A CA 480 ? 1_555 O   ? D HOH .  ? A HOH 714 ? 1_555 87.1  ? 
8  O   ? A ASN 54 ? A ASN 72 ? 1_555 CA ? B CA . ? A CA 480 ? 1_555 O   ? D HOH .  ? A HOH 714 ? 1_555 88.5  ? 
9  O   ? A VAL 57 ? A VAL 75 ? 1_555 CA ? B CA . ? A CA 480 ? 1_555 O   ? D HOH .  ? A HOH 714 ? 1_555 110.8 ? 
10 OE2 ? A GLU 62 ? A GLU 80 ? 1_555 CA ? B CA . ? A CA 480 ? 1_555 O   ? D HOH .  ? A HOH 714 ? 1_555 76.5  ? 
# 
loop_
_pdbx_modification_feature.ordinal 
_pdbx_modification_feature.label_comp_id 
_pdbx_modification_feature.label_asym_id 
_pdbx_modification_feature.label_seq_id 
_pdbx_modification_feature.label_alt_id 
_pdbx_modification_feature.modified_residue_label_comp_id 
_pdbx_modification_feature.modified_residue_label_asym_id 
_pdbx_modification_feature.modified_residue_label_seq_id 
_pdbx_modification_feature.modified_residue_label_alt_id 
_pdbx_modification_feature.auth_comp_id 
_pdbx_modification_feature.auth_asym_id 
_pdbx_modification_feature.auth_seq_id 
_pdbx_modification_feature.PDB_ins_code 
_pdbx_modification_feature.symmetry 
_pdbx_modification_feature.modified_residue_auth_comp_id 
_pdbx_modification_feature.modified_residue_auth_asym_id 
_pdbx_modification_feature.modified_residue_auth_seq_id 
_pdbx_modification_feature.modified_residue_PDB_ins_code 
_pdbx_modification_feature.modified_residue_symmetry 
_pdbx_modification_feature.comp_id_linking_atom 
_pdbx_modification_feature.modified_residue_id_linking_atom 
_pdbx_modification_feature.modified_residue_id 
_pdbx_modification_feature.ref_pcm_id 
_pdbx_modification_feature.ref_comp_id 
_pdbx_modification_feature.type 
_pdbx_modification_feature.category 
1 CYS A 7   ? CYS A 137 ? CYS A 22  ? 1_555 CYS A 157 ? 1_555 SG SG . . . None 'Disulfide bridge' 
2 CYS A 25  ? CYS A 41  ? CYS A 42  ? 1_555 CYS A 58  ? 1_555 SG SG . . . None 'Disulfide bridge' 
3 CYS A 109 ? CYS A 210 ? CYS A 128 ? 1_555 CYS A 232 ? 1_555 SG SG . . . None 'Disulfide bridge' 
4 CYS A 116 ? CYS A 183 ? CYS A 136 ? 1_555 CYS A 201 ? 1_555 SG SG . . . None 'Disulfide bridge' 
5 CYS A 148 ? CYS A 162 ? CYS A 168 ? 1_555 CYS A 182 ? 1_555 SG SG . . . None 'Disulfide bridge' 
6 CYS A 173 ? CYS A 197 ? CYS A 191 ? 1_555 CYS A 220 ? 1_555 SG SG . . . None 'Disulfide bridge' 
# 
loop_
_struct_sheet.id 
_struct_sheet.type 
_struct_sheet.number_strands 
_struct_sheet.details 
A ? 7 ? 
B ? 7 ? 
# 
loop_
_struct_sheet_order.sheet_id 
_struct_sheet_order.range_id_1 
_struct_sheet_order.range_id_2 
_struct_sheet_order.offset 
_struct_sheet_order.sense 
A 1 2 ? anti-parallel 
A 2 3 ? anti-parallel 
A 3 4 ? anti-parallel 
A 4 5 ? anti-parallel 
A 5 6 ? anti-parallel 
A 6 7 ? anti-parallel 
B 1 2 ? anti-parallel 
B 2 3 ? anti-parallel 
B 3 4 ? anti-parallel 
B 4 5 ? anti-parallel 
B 5 6 ? anti-parallel 
B 6 7 ? anti-parallel 
# 
loop_
_struct_sheet_range.sheet_id 
_struct_sheet_range.id 
_struct_sheet_range.beg_label_comp_id 
_struct_sheet_range.beg_label_asym_id 
_struct_sheet_range.beg_label_seq_id 
_struct_sheet_range.pdbx_beg_PDB_ins_code 
_struct_sheet_range.end_label_comp_id 
_struct_sheet_range.end_label_asym_id 
_struct_sheet_range.end_label_seq_id 
_struct_sheet_range.pdbx_end_PDB_ins_code 
_struct_sheet_range.beg_auth_comp_id 
_struct_sheet_range.beg_auth_asym_id 
_struct_sheet_range.beg_auth_seq_id 
_struct_sheet_range.end_auth_comp_id 
_struct_sheet_range.end_auth_asym_id 
_struct_sheet_range.end_auth_seq_id 
A 1 TYR A 5   ? THR A 6   ? TYR A 20  THR A 21  
A 2 LYS A 136 ? PRO A 141 ? LYS A 156 PRO A 161 
A 3 GLN A 115 ? GLY A 120 ? GLN A 135 GLY A 140 
A 4 PRO A 180 ? CYS A 183 ? PRO A 198 CYS A 201 
A 5 LYS A 186 ? TRP A 193 ? LYS A 204 TRP A 215 
A 6 GLY A 204 ? LYS A 208 ? GLY A 226 LYS A 230 
A 7 MET A 160 ? ALA A 163 ? MET A 180 ALA A 183 
B 1 GLN A 15  ? ASN A 19  ? GLN A 30  ASN A 34  
B 2 HIS A 23  ? ASN A 31  ? HIS A 40  ASN A 48  
B 3 TRP A 34  ? SER A 37  ? TRP A 51  SER A 54  
B 4 MET A 86  ? LEU A 90  ? MET A 104 LEU A 108 
B 5 GLN A 63  ? VAL A 72  ? GLN A 81  VAL A 90  
B 6 GLN A 47  ? LEU A 50  ? GLN A 64  LEU A 67  
B 7 GLN A 15  ? ASN A 19  ? GLN A 30  ASN A 34  
# 
loop_
_pdbx_struct_sheet_hbond.sheet_id 
_pdbx_struct_sheet_hbond.range_id_1 
_pdbx_struct_sheet_hbond.range_id_2 
_pdbx_struct_sheet_hbond.range_1_label_atom_id 
_pdbx_struct_sheet_hbond.range_1_label_comp_id 
_pdbx_struct_sheet_hbond.range_1_label_asym_id 
_pdbx_struct_sheet_hbond.range_1_label_seq_id 
_pdbx_struct_sheet_hbond.range_1_PDB_ins_code 
_pdbx_struct_sheet_hbond.range_1_auth_atom_id 
_pdbx_struct_sheet_hbond.range_1_auth_comp_id 
_pdbx_struct_sheet_hbond.range_1_auth_asym_id 
_pdbx_struct_sheet_hbond.range_1_auth_seq_id 
_pdbx_struct_sheet_hbond.range_2_label_atom_id 
_pdbx_struct_sheet_hbond.range_2_label_comp_id 
_pdbx_struct_sheet_hbond.range_2_label_asym_id 
_pdbx_struct_sheet_hbond.range_2_label_seq_id 
_pdbx_struct_sheet_hbond.range_2_PDB_ins_code 
_pdbx_struct_sheet_hbond.range_2_auth_atom_id 
_pdbx_struct_sheet_hbond.range_2_auth_comp_id 
_pdbx_struct_sheet_hbond.range_2_auth_asym_id 
_pdbx_struct_sheet_hbond.range_2_auth_seq_id 
A 1 2 O TYR A 5   ? O TYR A 20  N CYS A 137 ? N CYS A 157 
A 2 3 O ALA A 140 ? O ALA A 160 N CYS A 116 ? N CYS A 136 
A 3 4 N SER A 119 ? N SER A 139 O PRO A 180 ? O PRO A 198 
A 4 5 N CYS A 183 ? N CYS A 201 O LYS A 186 ? O LYS A 204 
A 5 6 O TRP A 193 ? O TRP A 215 N VAL A 205 ? N VAL A 227 
A 6 7 N TYR A 206 ? N TYR A 228 O PHE A 161 ? O PHE A 181 
B 1 2 O LEU A 18  ? O LEU A 33  N PHE A 24  ? N PHE A 41  
B 2 3 N ILE A 30  ? N ILE A 47  O TRP A 34  ? O TRP A 51  
B 3 4 N SER A 37  ? N SER A 54  O MET A 86  ? O MET A 104 
B 4 5 O LYS A 89  ? O LYS A 107 N SER A 68  ? N SER A 86  
B 5 6 O ILE A 65  ? O ILE A 83  N VAL A 48  ? N VAL A 65  
B 6 7 N ARG A 49  ? N ARG A 66  O SER A 17  ? O SER A 32  
# 
loop_
_struct_site.id 
_struct_site.pdbx_evidence_code 
_struct_site.pdbx_auth_asym_id 
_struct_site.pdbx_auth_comp_id 
_struct_site.pdbx_auth_seq_id 
_struct_site.pdbx_auth_ins_code 
_struct_site.pdbx_num_residues 
_struct_site.details 
AC1 Software A CA  480 ? 5 'BINDING SITE FOR RESIDUE CA A 480'  
AC2 Software A SO4 702 ? 4 'BINDING SITE FOR RESIDUE SO4 A 702' 
# 
loop_
_struct_site_gen.id 
_struct_site_gen.site_id 
_struct_site_gen.pdbx_num_res 
_struct_site_gen.label_comp_id 
_struct_site_gen.label_asym_id 
_struct_site_gen.label_seq_id 
_struct_site_gen.pdbx_auth_ins_code 
_struct_site_gen.auth_comp_id 
_struct_site_gen.auth_asym_id 
_struct_site_gen.auth_seq_id 
_struct_site_gen.label_atom_id 
_struct_site_gen.label_alt_id 
_struct_site_gen.symmetry 
_struct_site_gen.details 
1 AC1 5 GLU A 52  ? GLU A 70  . ? 1_555 ? 
2 AC1 5 ASN A 54  ? ASN A 72  . ? 1_555 ? 
3 AC1 5 VAL A 57  ? VAL A 75  . ? 1_555 ? 
4 AC1 5 GLU A 62  ? GLU A 80  . ? 1_555 ? 
5 AC1 5 HOH D .   ? HOH A 714 . ? 1_555 ? 
6 AC2 4 HIS A 40  ? HIS A 57  . ? 1_555 ? 
7 AC2 4 GLN A 174 ? GLN A 192 . ? 1_555 ? 
8 AC2 4 GLY A 175 ? GLY A 193 . ? 1_555 ? 
9 AC2 4 SER A 177 ? SER A 195 . ? 1_555 ? 
# 
_pdbx_entry_details.entry_id                   1TLD 
_pdbx_entry_details.compound_details           ? 
_pdbx_entry_details.source_details             ? 
_pdbx_entry_details.nonpolymer_details         ? 
_pdbx_entry_details.sequence_details           ? 
_pdbx_entry_details.has_ligand_of_interest     ? 
_pdbx_entry_details.has_protein_modification   Y 
# 
loop_
_pdbx_validate_rmsd_bond.id 
_pdbx_validate_rmsd_bond.PDB_model_num 
_pdbx_validate_rmsd_bond.auth_atom_id_1 
_pdbx_validate_rmsd_bond.auth_asym_id_1 
_pdbx_validate_rmsd_bond.auth_comp_id_1 
_pdbx_validate_rmsd_bond.auth_seq_id_1 
_pdbx_validate_rmsd_bond.PDB_ins_code_1 
_pdbx_validate_rmsd_bond.label_alt_id_1 
_pdbx_validate_rmsd_bond.auth_atom_id_2 
_pdbx_validate_rmsd_bond.auth_asym_id_2 
_pdbx_validate_rmsd_bond.auth_comp_id_2 
_pdbx_validate_rmsd_bond.auth_seq_id_2 
_pdbx_validate_rmsd_bond.PDB_ins_code_2 
_pdbx_validate_rmsd_bond.label_alt_id_2 
_pdbx_validate_rmsd_bond.bond_value 
_pdbx_validate_rmsd_bond.bond_target_value 
_pdbx_validate_rmsd_bond.bond_deviation 
_pdbx_validate_rmsd_bond.bond_standard_deviation 
_pdbx_validate_rmsd_bond.linker_flag 
1 1 NE1 A TRP 51  ? ? CE2 A TRP 51  ? ? 1.290 1.371 -0.081 0.013 N 
2 1 NE1 A TRP 141 ? ? CE2 A TRP 141 ? ? 1.288 1.371 -0.083 0.013 N 
3 1 CD  A GLU 186 ? ? OE2 A GLU 186 ? ? 1.332 1.252 0.080  0.011 N 
4 1 NE1 A TRP 215 ? ? CE2 A TRP 215 ? ? 1.285 1.371 -0.086 0.013 N 
5 1 NE1 A TRP 237 ? ? CE2 A TRP 237 ? ? 1.287 1.371 -0.084 0.013 N 
# 
_pdbx_validate_rmsd_angle.id                         1 
_pdbx_validate_rmsd_angle.PDB_model_num              1 
_pdbx_validate_rmsd_angle.auth_atom_id_1             CB 
_pdbx_validate_rmsd_angle.auth_asym_id_1             A 
_pdbx_validate_rmsd_angle.auth_comp_id_1             ASP 
_pdbx_validate_rmsd_angle.auth_seq_id_1              165 
_pdbx_validate_rmsd_angle.PDB_ins_code_1             ? 
_pdbx_validate_rmsd_angle.label_alt_id_1             ? 
_pdbx_validate_rmsd_angle.auth_atom_id_2             CG 
_pdbx_validate_rmsd_angle.auth_asym_id_2             A 
_pdbx_validate_rmsd_angle.auth_comp_id_2             ASP 
_pdbx_validate_rmsd_angle.auth_seq_id_2              165 
_pdbx_validate_rmsd_angle.PDB_ins_code_2             ? 
_pdbx_validate_rmsd_angle.label_alt_id_2             ? 
_pdbx_validate_rmsd_angle.auth_atom_id_3             OD2 
_pdbx_validate_rmsd_angle.auth_asym_id_3             A 
_pdbx_validate_rmsd_angle.auth_comp_id_3             ASP 
_pdbx_validate_rmsd_angle.auth_seq_id_3              165 
_pdbx_validate_rmsd_angle.PDB_ins_code_3             ? 
_pdbx_validate_rmsd_angle.label_alt_id_3             ? 
_pdbx_validate_rmsd_angle.angle_value                112.55 
_pdbx_validate_rmsd_angle.angle_target_value         118.30 
_pdbx_validate_rmsd_angle.angle_deviation            -5.75 
_pdbx_validate_rmsd_angle.angle_standard_deviation   0.90 
_pdbx_validate_rmsd_angle.linker_flag                N 
# 
loop_
_pdbx_validate_torsion.id 
_pdbx_validate_torsion.PDB_model_num 
_pdbx_validate_torsion.auth_comp_id 
_pdbx_validate_torsion.auth_asym_id 
_pdbx_validate_torsion.auth_seq_id 
_pdbx_validate_torsion.PDB_ins_code 
_pdbx_validate_torsion.label_alt_id 
_pdbx_validate_torsion.phi 
_pdbx_validate_torsion.psi 
1 1 ASN A 48  ? ? -173.13 -177.80 
2 1 ASP A 71  ? ? -126.79 -68.50  
3 1 ASN A 79  ? ? 56.83   18.02   
4 1 SER A 214 ? ? -116.25 -74.66  
5 1 ASN A 223 ? ? 57.97   18.11   
# 
loop_
_pdbx_validate_planes.id 
_pdbx_validate_planes.PDB_model_num 
_pdbx_validate_planes.auth_comp_id 
_pdbx_validate_planes.auth_asym_id 
_pdbx_validate_planes.auth_seq_id 
_pdbx_validate_planes.PDB_ins_code 
_pdbx_validate_planes.label_alt_id 
_pdbx_validate_planes.rmsd 
_pdbx_validate_planes.type 
1 1 GLN A 50  ? ? 0.112 'SIDE CHAIN' 
2 1 GLN A 81  ? ? 0.074 'SIDE CHAIN' 
3 1 ASP A 165 ? ? 0.072 'SIDE CHAIN' 
4 1 GLU A 186 ? ? 0.123 'SIDE CHAIN' 
5 1 GLN A 221 ? ? 0.078 'SIDE CHAIN' 
6 1 ASN A 223 ? ? 0.074 'SIDE CHAIN' 
7 1 ASN A 245 ? ? 0.077 'SIDE CHAIN' 
# 
loop_
_pdbx_validate_main_chain_plane.id 
_pdbx_validate_main_chain_plane.PDB_model_num 
_pdbx_validate_main_chain_plane.auth_comp_id 
_pdbx_validate_main_chain_plane.auth_asym_id 
_pdbx_validate_main_chain_plane.auth_seq_id 
_pdbx_validate_main_chain_plane.PDB_ins_code 
_pdbx_validate_main_chain_plane.label_alt_id 
_pdbx_validate_main_chain_plane.improper_torsion_angle 
1 1 SER A 88  ? ? 19.71  
2 1 LYS A 159 ? ? 12.03  
3 1 ASP A 189 ? ? -10.69 
4 1 VAL A 199 ? ? 10.83  
# 
loop_
_chem_comp_atom.comp_id 
_chem_comp_atom.atom_id 
_chem_comp_atom.type_symbol 
_chem_comp_atom.pdbx_aromatic_flag 
_chem_comp_atom.pdbx_stereo_config 
_chem_comp_atom.pdbx_ordinal 
ALA N    N  N N 1   
ALA CA   C  N S 2   
ALA C    C  N N 3   
ALA O    O  N N 4   
ALA CB   C  N N 5   
ALA OXT  O  N N 6   
ALA H    H  N N 7   
ALA H2   H  N N 8   
ALA HA   H  N N 9   
ALA HB1  H  N N 10  
ALA HB2  H  N N 11  
ALA HB3  H  N N 12  
ALA HXT  H  N N 13  
ARG N    N  N N 14  
ARG CA   C  N S 15  
ARG C    C  N N 16  
ARG O    O  N N 17  
ARG CB   C  N N 18  
ARG CG   C  N N 19  
ARG CD   C  N N 20  
ARG NE   N  N N 21  
ARG CZ   C  N N 22  
ARG NH1  N  N N 23  
ARG NH2  N  N N 24  
ARG OXT  O  N N 25  
ARG H    H  N N 26  
ARG H2   H  N N 27  
ARG HA   H  N N 28  
ARG HB2  H  N N 29  
ARG HB3  H  N N 30  
ARG HG2  H  N N 31  
ARG HG3  H  N N 32  
ARG HD2  H  N N 33  
ARG HD3  H  N N 34  
ARG HE   H  N N 35  
ARG HH11 H  N N 36  
ARG HH12 H  N N 37  
ARG HH21 H  N N 38  
ARG HH22 H  N N 39  
ARG HXT  H  N N 40  
ASN N    N  N N 41  
ASN CA   C  N S 42  
ASN C    C  N N 43  
ASN O    O  N N 44  
ASN CB   C  N N 45  
ASN CG   C  N N 46  
ASN OD1  O  N N 47  
ASN ND2  N  N N 48  
ASN OXT  O  N N 49  
ASN H    H  N N 50  
ASN H2   H  N N 51  
ASN HA   H  N N 52  
ASN HB2  H  N N 53  
ASN HB3  H  N N 54  
ASN HD21 H  N N 55  
ASN HD22 H  N N 56  
ASN HXT  H  N N 57  
ASP N    N  N N 58  
ASP CA   C  N S 59  
ASP C    C  N N 60  
ASP O    O  N N 61  
ASP CB   C  N N 62  
ASP CG   C  N N 63  
ASP OD1  O  N N 64  
ASP OD2  O  N N 65  
ASP OXT  O  N N 66  
ASP H    H  N N 67  
ASP H2   H  N N 68  
ASP HA   H  N N 69  
ASP HB2  H  N N 70  
ASP HB3  H  N N 71  
ASP HD2  H  N N 72  
ASP HXT  H  N N 73  
CA  CA   CA N N 74  
CYS N    N  N N 75  
CYS CA   C  N R 76  
CYS C    C  N N 77  
CYS O    O  N N 78  
CYS CB   C  N N 79  
CYS SG   S  N N 80  
CYS OXT  O  N N 81  
CYS H    H  N N 82  
CYS H2   H  N N 83  
CYS HA   H  N N 84  
CYS HB2  H  N N 85  
CYS HB3  H  N N 86  
CYS HG   H  N N 87  
CYS HXT  H  N N 88  
GLN N    N  N N 89  
GLN CA   C  N S 90  
GLN C    C  N N 91  
GLN O    O  N N 92  
GLN CB   C  N N 93  
GLN CG   C  N N 94  
GLN CD   C  N N 95  
GLN OE1  O  N N 96  
GLN NE2  N  N N 97  
GLN OXT  O  N N 98  
GLN H    H  N N 99  
GLN H2   H  N N 100 
GLN HA   H  N N 101 
GLN HB2  H  N N 102 
GLN HB3  H  N N 103 
GLN HG2  H  N N 104 
GLN HG3  H  N N 105 
GLN HE21 H  N N 106 
GLN HE22 H  N N 107 
GLN HXT  H  N N 108 
GLU N    N  N N 109 
GLU CA   C  N S 110 
GLU C    C  N N 111 
GLU O    O  N N 112 
GLU CB   C  N N 113 
GLU CG   C  N N 114 
GLU CD   C  N N 115 
GLU OE1  O  N N 116 
GLU OE2  O  N N 117 
GLU OXT  O  N N 118 
GLU H    H  N N 119 
GLU H2   H  N N 120 
GLU HA   H  N N 121 
GLU HB2  H  N N 122 
GLU HB3  H  N N 123 
GLU HG2  H  N N 124 
GLU HG3  H  N N 125 
GLU HE2  H  N N 126 
GLU HXT  H  N N 127 
GLY N    N  N N 128 
GLY CA   C  N N 129 
GLY C    C  N N 130 
GLY O    O  N N 131 
GLY OXT  O  N N 132 
GLY H    H  N N 133 
GLY H2   H  N N 134 
GLY HA2  H  N N 135 
GLY HA3  H  N N 136 
GLY HXT  H  N N 137 
HIS N    N  N N 138 
HIS CA   C  N S 139 
HIS C    C  N N 140 
HIS O    O  N N 141 
HIS CB   C  N N 142 
HIS CG   C  Y N 143 
HIS ND1  N  Y N 144 
HIS CD2  C  Y N 145 
HIS CE1  C  Y N 146 
HIS NE2  N  Y N 147 
HIS OXT  O  N N 148 
HIS H    H  N N 149 
HIS H2   H  N N 150 
HIS HA   H  N N 151 
HIS HB2  H  N N 152 
HIS HB3  H  N N 153 
HIS HD1  H  N N 154 
HIS HD2  H  N N 155 
HIS HE1  H  N N 156 
HIS HE2  H  N N 157 
HIS HXT  H  N N 158 
HOH O    O  N N 159 
HOH H1   H  N N 160 
HOH H2   H  N N 161 
ILE N    N  N N 162 
ILE CA   C  N S 163 
ILE C    C  N N 164 
ILE O    O  N N 165 
ILE CB   C  N S 166 
ILE CG1  C  N N 167 
ILE CG2  C  N N 168 
ILE CD1  C  N N 169 
ILE OXT  O  N N 170 
ILE H    H  N N 171 
ILE H2   H  N N 172 
ILE HA   H  N N 173 
ILE HB   H  N N 174 
ILE HG12 H  N N 175 
ILE HG13 H  N N 176 
ILE HG21 H  N N 177 
ILE HG22 H  N N 178 
ILE HG23 H  N N 179 
ILE HD11 H  N N 180 
ILE HD12 H  N N 181 
ILE HD13 H  N N 182 
ILE HXT  H  N N 183 
LEU N    N  N N 184 
LEU CA   C  N S 185 
LEU C    C  N N 186 
LEU O    O  N N 187 
LEU CB   C  N N 188 
LEU CG   C  N N 189 
LEU CD1  C  N N 190 
LEU CD2  C  N N 191 
LEU OXT  O  N N 192 
LEU H    H  N N 193 
LEU H2   H  N N 194 
LEU HA   H  N N 195 
LEU HB2  H  N N 196 
LEU HB3  H  N N 197 
LEU HG   H  N N 198 
LEU HD11 H  N N 199 
LEU HD12 H  N N 200 
LEU HD13 H  N N 201 
LEU HD21 H  N N 202 
LEU HD22 H  N N 203 
LEU HD23 H  N N 204 
LEU HXT  H  N N 205 
LYS N    N  N N 206 
LYS CA   C  N S 207 
LYS C    C  N N 208 
LYS O    O  N N 209 
LYS CB   C  N N 210 
LYS CG   C  N N 211 
LYS CD   C  N N 212 
LYS CE   C  N N 213 
LYS NZ   N  N N 214 
LYS OXT  O  N N 215 
LYS H    H  N N 216 
LYS H2   H  N N 217 
LYS HA   H  N N 218 
LYS HB2  H  N N 219 
LYS HB3  H  N N 220 
LYS HG2  H  N N 221 
LYS HG3  H  N N 222 
LYS HD2  H  N N 223 
LYS HD3  H  N N 224 
LYS HE2  H  N N 225 
LYS HE3  H  N N 226 
LYS HZ1  H  N N 227 
LYS HZ2  H  N N 228 
LYS HZ3  H  N N 229 
LYS HXT  H  N N 230 
MET N    N  N N 231 
MET CA   C  N S 232 
MET C    C  N N 233 
MET O    O  N N 234 
MET CB   C  N N 235 
MET CG   C  N N 236 
MET SD   S  N N 237 
MET CE   C  N N 238 
MET OXT  O  N N 239 
MET H    H  N N 240 
MET H2   H  N N 241 
MET HA   H  N N 242 
MET HB2  H  N N 243 
MET HB3  H  N N 244 
MET HG2  H  N N 245 
MET HG3  H  N N 246 
MET HE1  H  N N 247 
MET HE2  H  N N 248 
MET HE3  H  N N 249 
MET HXT  H  N N 250 
PHE N    N  N N 251 
PHE CA   C  N S 252 
PHE C    C  N N 253 
PHE O    O  N N 254 
PHE CB   C  N N 255 
PHE CG   C  Y N 256 
PHE CD1  C  Y N 257 
PHE CD2  C  Y N 258 
PHE CE1  C  Y N 259 
PHE CE2  C  Y N 260 
PHE CZ   C  Y N 261 
PHE OXT  O  N N 262 
PHE H    H  N N 263 
PHE H2   H  N N 264 
PHE HA   H  N N 265 
PHE HB2  H  N N 266 
PHE HB3  H  N N 267 
PHE HD1  H  N N 268 
PHE HD2  H  N N 269 
PHE HE1  H  N N 270 
PHE HE2  H  N N 271 
PHE HZ   H  N N 272 
PHE HXT  H  N N 273 
PRO N    N  N N 274 
PRO CA   C  N S 275 
PRO C    C  N N 276 
PRO O    O  N N 277 
PRO CB   C  N N 278 
PRO CG   C  N N 279 
PRO CD   C  N N 280 
PRO OXT  O  N N 281 
PRO H    H  N N 282 
PRO HA   H  N N 283 
PRO HB2  H  N N 284 
PRO HB3  H  N N 285 
PRO HG2  H  N N 286 
PRO HG3  H  N N 287 
PRO HD2  H  N N 288 
PRO HD3  H  N N 289 
PRO HXT  H  N N 290 
SER N    N  N N 291 
SER CA   C  N S 292 
SER C    C  N N 293 
SER O    O  N N 294 
SER CB   C  N N 295 
SER OG   O  N N 296 
SER OXT  O  N N 297 
SER H    H  N N 298 
SER H2   H  N N 299 
SER HA   H  N N 300 
SER HB2  H  N N 301 
SER HB3  H  N N 302 
SER HG   H  N N 303 
SER HXT  H  N N 304 
SO4 S    S  N N 305 
SO4 O1   O  N N 306 
SO4 O2   O  N N 307 
SO4 O3   O  N N 308 
SO4 O4   O  N N 309 
THR N    N  N N 310 
THR CA   C  N S 311 
THR C    C  N N 312 
THR O    O  N N 313 
THR CB   C  N R 314 
THR OG1  O  N N 315 
THR CG2  C  N N 316 
THR OXT  O  N N 317 
THR H    H  N N 318 
THR H2   H  N N 319 
THR HA   H  N N 320 
THR HB   H  N N 321 
THR HG1  H  N N 322 
THR HG21 H  N N 323 
THR HG22 H  N N 324 
THR HG23 H  N N 325 
THR HXT  H  N N 326 
TRP N    N  N N 327 
TRP CA   C  N S 328 
TRP C    C  N N 329 
TRP O    O  N N 330 
TRP CB   C  N N 331 
TRP CG   C  Y N 332 
TRP CD1  C  Y N 333 
TRP CD2  C  Y N 334 
TRP NE1  N  Y N 335 
TRP CE2  C  Y N 336 
TRP CE3  C  Y N 337 
TRP CZ2  C  Y N 338 
TRP CZ3  C  Y N 339 
TRP CH2  C  Y N 340 
TRP OXT  O  N N 341 
TRP H    H  N N 342 
TRP H2   H  N N 343 
TRP HA   H  N N 344 
TRP HB2  H  N N 345 
TRP HB3  H  N N 346 
TRP HD1  H  N N 347 
TRP HE1  H  N N 348 
TRP HE3  H  N N 349 
TRP HZ2  H  N N 350 
TRP HZ3  H  N N 351 
TRP HH2  H  N N 352 
TRP HXT  H  N N 353 
TYR N    N  N N 354 
TYR CA   C  N S 355 
TYR C    C  N N 356 
TYR O    O  N N 357 
TYR CB   C  N N 358 
TYR CG   C  Y N 359 
TYR CD1  C  Y N 360 
TYR CD2  C  Y N 361 
TYR CE1  C  Y N 362 
TYR CE2  C  Y N 363 
TYR CZ   C  Y N 364 
TYR OH   O  N N 365 
TYR OXT  O  N N 366 
TYR H    H  N N 367 
TYR H2   H  N N 368 
TYR HA   H  N N 369 
TYR HB2  H  N N 370 
TYR HB3  H  N N 371 
TYR HD1  H  N N 372 
TYR HD2  H  N N 373 
TYR HE1  H  N N 374 
TYR HE2  H  N N 375 
TYR HH   H  N N 376 
TYR HXT  H  N N 377 
VAL N    N  N N 378 
VAL CA   C  N S 379 
VAL C    C  N N 380 
VAL O    O  N N 381 
VAL CB   C  N N 382 
VAL CG1  C  N N 383 
VAL CG2  C  N N 384 
VAL OXT  O  N N 385 
VAL H    H  N N 386 
VAL H2   H  N N 387 
VAL HA   H  N N 388 
VAL HB   H  N N 389 
VAL HG11 H  N N 390 
VAL HG12 H  N N 391 
VAL HG13 H  N N 392 
VAL HG21 H  N N 393 
VAL HG22 H  N N 394 
VAL HG23 H  N N 395 
VAL HXT  H  N N 396 
# 
loop_
_chem_comp_bond.comp_id 
_chem_comp_bond.atom_id_1 
_chem_comp_bond.atom_id_2 
_chem_comp_bond.value_order 
_chem_comp_bond.pdbx_aromatic_flag 
_chem_comp_bond.pdbx_stereo_config 
_chem_comp_bond.pdbx_ordinal 
ALA N   CA   sing N N 1   
ALA N   H    sing N N 2   
ALA N   H2   sing N N 3   
ALA CA  C    sing N N 4   
ALA CA  CB   sing N N 5   
ALA CA  HA   sing N N 6   
ALA C   O    doub N N 7   
ALA C   OXT  sing N N 8   
ALA CB  HB1  sing N N 9   
ALA CB  HB2  sing N N 10  
ALA CB  HB3  sing N N 11  
ALA OXT HXT  sing N N 12  
ARG N   CA   sing N N 13  
ARG N   H    sing N N 14  
ARG N   H2   sing N N 15  
ARG CA  C    sing N N 16  
ARG CA  CB   sing N N 17  
ARG CA  HA   sing N N 18  
ARG C   O    doub N N 19  
ARG C   OXT  sing N N 20  
ARG CB  CG   sing N N 21  
ARG CB  HB2  sing N N 22  
ARG CB  HB3  sing N N 23  
ARG CG  CD   sing N N 24  
ARG CG  HG2  sing N N 25  
ARG CG  HG3  sing N N 26  
ARG CD  NE   sing N N 27  
ARG CD  HD2  sing N N 28  
ARG CD  HD3  sing N N 29  
ARG NE  CZ   sing N N 30  
ARG NE  HE   sing N N 31  
ARG CZ  NH1  sing N N 32  
ARG CZ  NH2  doub N N 33  
ARG NH1 HH11 sing N N 34  
ARG NH1 HH12 sing N N 35  
ARG NH2 HH21 sing N N 36  
ARG NH2 HH22 sing N N 37  
ARG OXT HXT  sing N N 38  
ASN N   CA   sing N N 39  
ASN N   H    sing N N 40  
ASN N   H2   sing N N 41  
ASN CA  C    sing N N 42  
ASN CA  CB   sing N N 43  
ASN CA  HA   sing N N 44  
ASN C   O    doub N N 45  
ASN C   OXT  sing N N 46  
ASN CB  CG   sing N N 47  
ASN CB  HB2  sing N N 48  
ASN CB  HB3  sing N N 49  
ASN CG  OD1  doub N N 50  
ASN CG  ND2  sing N N 51  
ASN ND2 HD21 sing N N 52  
ASN ND2 HD22 sing N N 53  
ASN OXT HXT  sing N N 54  
ASP N   CA   sing N N 55  
ASP N   H    sing N N 56  
ASP N   H2   sing N N 57  
ASP CA  C    sing N N 58  
ASP CA  CB   sing N N 59  
ASP CA  HA   sing N N 60  
ASP C   O    doub N N 61  
ASP C   OXT  sing N N 62  
ASP CB  CG   sing N N 63  
ASP CB  HB2  sing N N 64  
ASP CB  HB3  sing N N 65  
ASP CG  OD1  doub N N 66  
ASP CG  OD2  sing N N 67  
ASP OD2 HD2  sing N N 68  
ASP OXT HXT  sing N N 69  
CYS N   CA   sing N N 70  
CYS N   H    sing N N 71  
CYS N   H2   sing N N 72  
CYS CA  C    sing N N 73  
CYS CA  CB   sing N N 74  
CYS CA  HA   sing N N 75  
CYS C   O    doub N N 76  
CYS C   OXT  sing N N 77  
CYS CB  SG   sing N N 78  
CYS CB  HB2  sing N N 79  
CYS CB  HB3  sing N N 80  
CYS SG  HG   sing N N 81  
CYS OXT HXT  sing N N 82  
GLN N   CA   sing N N 83  
GLN N   H    sing N N 84  
GLN N   H2   sing N N 85  
GLN CA  C    sing N N 86  
GLN CA  CB   sing N N 87  
GLN CA  HA   sing N N 88  
GLN C   O    doub N N 89  
GLN C   OXT  sing N N 90  
GLN CB  CG   sing N N 91  
GLN CB  HB2  sing N N 92  
GLN CB  HB3  sing N N 93  
GLN CG  CD   sing N N 94  
GLN CG  HG2  sing N N 95  
GLN CG  HG3  sing N N 96  
GLN CD  OE1  doub N N 97  
GLN CD  NE2  sing N N 98  
GLN NE2 HE21 sing N N 99  
GLN NE2 HE22 sing N N 100 
GLN OXT HXT  sing N N 101 
GLU N   CA   sing N N 102 
GLU N   H    sing N N 103 
GLU N   H2   sing N N 104 
GLU CA  C    sing N N 105 
GLU CA  CB   sing N N 106 
GLU CA  HA   sing N N 107 
GLU C   O    doub N N 108 
GLU C   OXT  sing N N 109 
GLU CB  CG   sing N N 110 
GLU CB  HB2  sing N N 111 
GLU CB  HB3  sing N N 112 
GLU CG  CD   sing N N 113 
GLU CG  HG2  sing N N 114 
GLU CG  HG3  sing N N 115 
GLU CD  OE1  doub N N 116 
GLU CD  OE2  sing N N 117 
GLU OE2 HE2  sing N N 118 
GLU OXT HXT  sing N N 119 
GLY N   CA   sing N N 120 
GLY N   H    sing N N 121 
GLY N   H2   sing N N 122 
GLY CA  C    sing N N 123 
GLY CA  HA2  sing N N 124 
GLY CA  HA3  sing N N 125 
GLY C   O    doub N N 126 
GLY C   OXT  sing N N 127 
GLY OXT HXT  sing N N 128 
HIS N   CA   sing N N 129 
HIS N   H    sing N N 130 
HIS N   H2   sing N N 131 
HIS CA  C    sing N N 132 
HIS CA  CB   sing N N 133 
HIS CA  HA   sing N N 134 
HIS C   O    doub N N 135 
HIS C   OXT  sing N N 136 
HIS CB  CG   sing N N 137 
HIS CB  HB2  sing N N 138 
HIS CB  HB3  sing N N 139 
HIS CG  ND1  sing Y N 140 
HIS CG  CD2  doub Y N 141 
HIS ND1 CE1  doub Y N 142 
HIS ND1 HD1  sing N N 143 
HIS CD2 NE2  sing Y N 144 
HIS CD2 HD2  sing N N 145 
HIS CE1 NE2  sing Y N 146 
HIS CE1 HE1  sing N N 147 
HIS NE2 HE2  sing N N 148 
HIS OXT HXT  sing N N 149 
HOH O   H1   sing N N 150 
HOH O   H2   sing N N 151 
ILE N   CA   sing N N 152 
ILE N   H    sing N N 153 
ILE N   H2   sing N N 154 
ILE CA  C    sing N N 155 
ILE CA  CB   sing N N 156 
ILE CA  HA   sing N N 157 
ILE C   O    doub N N 158 
ILE C   OXT  sing N N 159 
ILE CB  CG1  sing N N 160 
ILE CB  CG2  sing N N 161 
ILE CB  HB   sing N N 162 
ILE CG1 CD1  sing N N 163 
ILE CG1 HG12 sing N N 164 
ILE CG1 HG13 sing N N 165 
ILE CG2 HG21 sing N N 166 
ILE CG2 HG22 sing N N 167 
ILE CG2 HG23 sing N N 168 
ILE CD1 HD11 sing N N 169 
ILE CD1 HD12 sing N N 170 
ILE CD1 HD13 sing N N 171 
ILE OXT HXT  sing N N 172 
LEU N   CA   sing N N 173 
LEU N   H    sing N N 174 
LEU N   H2   sing N N 175 
LEU CA  C    sing N N 176 
LEU CA  CB   sing N N 177 
LEU CA  HA   sing N N 178 
LEU C   O    doub N N 179 
LEU C   OXT  sing N N 180 
LEU CB  CG   sing N N 181 
LEU CB  HB2  sing N N 182 
LEU CB  HB3  sing N N 183 
LEU CG  CD1  sing N N 184 
LEU CG  CD2  sing N N 185 
LEU CG  HG   sing N N 186 
LEU CD1 HD11 sing N N 187 
LEU CD1 HD12 sing N N 188 
LEU CD1 HD13 sing N N 189 
LEU CD2 HD21 sing N N 190 
LEU CD2 HD22 sing N N 191 
LEU CD2 HD23 sing N N 192 
LEU OXT HXT  sing N N 193 
LYS N   CA   sing N N 194 
LYS N   H    sing N N 195 
LYS N   H2   sing N N 196 
LYS CA  C    sing N N 197 
LYS CA  CB   sing N N 198 
LYS CA  HA   sing N N 199 
LYS C   O    doub N N 200 
LYS C   OXT  sing N N 201 
LYS CB  CG   sing N N 202 
LYS CB  HB2  sing N N 203 
LYS CB  HB3  sing N N 204 
LYS CG  CD   sing N N 205 
LYS CG  HG2  sing N N 206 
LYS CG  HG3  sing N N 207 
LYS CD  CE   sing N N 208 
LYS CD  HD2  sing N N 209 
LYS CD  HD3  sing N N 210 
LYS CE  NZ   sing N N 211 
LYS CE  HE2  sing N N 212 
LYS CE  HE3  sing N N 213 
LYS NZ  HZ1  sing N N 214 
LYS NZ  HZ2  sing N N 215 
LYS NZ  HZ3  sing N N 216 
LYS OXT HXT  sing N N 217 
MET N   CA   sing N N 218 
MET N   H    sing N N 219 
MET N   H2   sing N N 220 
MET CA  C    sing N N 221 
MET CA  CB   sing N N 222 
MET CA  HA   sing N N 223 
MET C   O    doub N N 224 
MET C   OXT  sing N N 225 
MET CB  CG   sing N N 226 
MET CB  HB2  sing N N 227 
MET CB  HB3  sing N N 228 
MET CG  SD   sing N N 229 
MET CG  HG2  sing N N 230 
MET CG  HG3  sing N N 231 
MET SD  CE   sing N N 232 
MET CE  HE1  sing N N 233 
MET CE  HE2  sing N N 234 
MET CE  HE3  sing N N 235 
MET OXT HXT  sing N N 236 
PHE N   CA   sing N N 237 
PHE N   H    sing N N 238 
PHE N   H2   sing N N 239 
PHE CA  C    sing N N 240 
PHE CA  CB   sing N N 241 
PHE CA  HA   sing N N 242 
PHE C   O    doub N N 243 
PHE C   OXT  sing N N 244 
PHE CB  CG   sing N N 245 
PHE CB  HB2  sing N N 246 
PHE CB  HB3  sing N N 247 
PHE CG  CD1  doub Y N 248 
PHE CG  CD2  sing Y N 249 
PHE CD1 CE1  sing Y N 250 
PHE CD1 HD1  sing N N 251 
PHE CD2 CE2  doub Y N 252 
PHE CD2 HD2  sing N N 253 
PHE CE1 CZ   doub Y N 254 
PHE CE1 HE1  sing N N 255 
PHE CE2 CZ   sing Y N 256 
PHE CE2 HE2  sing N N 257 
PHE CZ  HZ   sing N N 258 
PHE OXT HXT  sing N N 259 
PRO N   CA   sing N N 260 
PRO N   CD   sing N N 261 
PRO N   H    sing N N 262 
PRO CA  C    sing N N 263 
PRO CA  CB   sing N N 264 
PRO CA  HA   sing N N 265 
PRO C   O    doub N N 266 
PRO C   OXT  sing N N 267 
PRO CB  CG   sing N N 268 
PRO CB  HB2  sing N N 269 
PRO CB  HB3  sing N N 270 
PRO CG  CD   sing N N 271 
PRO CG  HG2  sing N N 272 
PRO CG  HG3  sing N N 273 
PRO CD  HD2  sing N N 274 
PRO CD  HD3  sing N N 275 
PRO OXT HXT  sing N N 276 
SER N   CA   sing N N 277 
SER N   H    sing N N 278 
SER N   H2   sing N N 279 
SER CA  C    sing N N 280 
SER CA  CB   sing N N 281 
SER CA  HA   sing N N 282 
SER C   O    doub N N 283 
SER C   OXT  sing N N 284 
SER CB  OG   sing N N 285 
SER CB  HB2  sing N N 286 
SER CB  HB3  sing N N 287 
SER OG  HG   sing N N 288 
SER OXT HXT  sing N N 289 
SO4 S   O1   doub N N 290 
SO4 S   O2   doub N N 291 
SO4 S   O3   sing N N 292 
SO4 S   O4   sing N N 293 
THR N   CA   sing N N 294 
THR N   H    sing N N 295 
THR N   H2   sing N N 296 
THR CA  C    sing N N 297 
THR CA  CB   sing N N 298 
THR CA  HA   sing N N 299 
THR C   O    doub N N 300 
THR C   OXT  sing N N 301 
THR CB  OG1  sing N N 302 
THR CB  CG2  sing N N 303 
THR CB  HB   sing N N 304 
THR OG1 HG1  sing N N 305 
THR CG2 HG21 sing N N 306 
THR CG2 HG22 sing N N 307 
THR CG2 HG23 sing N N 308 
THR OXT HXT  sing N N 309 
TRP N   CA   sing N N 310 
TRP N   H    sing N N 311 
TRP N   H2   sing N N 312 
TRP CA  C    sing N N 313 
TRP CA  CB   sing N N 314 
TRP CA  HA   sing N N 315 
TRP C   O    doub N N 316 
TRP C   OXT  sing N N 317 
TRP CB  CG   sing N N 318 
TRP CB  HB2  sing N N 319 
TRP CB  HB3  sing N N 320 
TRP CG  CD1  doub Y N 321 
TRP CG  CD2  sing Y N 322 
TRP CD1 NE1  sing Y N 323 
TRP CD1 HD1  sing N N 324 
TRP CD2 CE2  doub Y N 325 
TRP CD2 CE3  sing Y N 326 
TRP NE1 CE2  sing Y N 327 
TRP NE1 HE1  sing N N 328 
TRP CE2 CZ2  sing Y N 329 
TRP CE3 CZ3  doub Y N 330 
TRP CE3 HE3  sing N N 331 
TRP CZ2 CH2  doub Y N 332 
TRP CZ2 HZ2  sing N N 333 
TRP CZ3 CH2  sing Y N 334 
TRP CZ3 HZ3  sing N N 335 
TRP CH2 HH2  sing N N 336 
TRP OXT HXT  sing N N 337 
TYR N   CA   sing N N 338 
TYR N   H    sing N N 339 
TYR N   H2   sing N N 340 
TYR CA  C    sing N N 341 
TYR CA  CB   sing N N 342 
TYR CA  HA   sing N N 343 
TYR C   O    doub N N 344 
TYR C   OXT  sing N N 345 
TYR CB  CG   sing N N 346 
TYR CB  HB2  sing N N 347 
TYR CB  HB3  sing N N 348 
TYR CG  CD1  doub Y N 349 
TYR CG  CD2  sing Y N 350 
TYR CD1 CE1  sing Y N 351 
TYR CD1 HD1  sing N N 352 
TYR CD2 CE2  doub Y N 353 
TYR CD2 HD2  sing N N 354 
TYR CE1 CZ   doub Y N 355 
TYR CE1 HE1  sing N N 356 
TYR CE2 CZ   sing Y N 357 
TYR CE2 HE2  sing N N 358 
TYR CZ  OH   sing N N 359 
TYR OH  HH   sing N N 360 
TYR OXT HXT  sing N N 361 
VAL N   CA   sing N N 362 
VAL N   H    sing N N 363 
VAL N   H2   sing N N 364 
VAL CA  C    sing N N 365 
VAL CA  CB   sing N N 366 
VAL CA  HA   sing N N 367 
VAL C   O    doub N N 368 
VAL C   OXT  sing N N 369 
VAL CB  CG1  sing N N 370 
VAL CB  CG2  sing N N 371 
VAL CB  HB   sing N N 372 
VAL CG1 HG11 sing N N 373 
VAL CG1 HG12 sing N N 374 
VAL CG1 HG13 sing N N 375 
VAL CG2 HG21 sing N N 376 
VAL CG2 HG22 sing N N 377 
VAL CG2 HG23 sing N N 378 
VAL OXT HXT  sing N N 379 
# 
_atom_sites.entry_id                    1TLD 
_atom_sites.fract_transf_matrix[1][1]   -0.01446642 
_atom_sites.fract_transf_matrix[1][2]   0.00372329 
_atom_sites.fract_transf_matrix[1][3]   0.00482890 
_atom_sites.fract_transf_matrix[2][1]   0.00352418 
_atom_sites.fract_transf_matrix[2][2]   0.01529858 
_atom_sites.fract_transf_matrix[2][3]   -0.00123814 
_atom_sites.fract_transf_matrix[3][1]   -0.00460763 
_atom_sites.fract_transf_matrix[3][2]   -0.00005246 
_atom_sites.fract_transf_matrix[3][3]   -0.01376311 
_atom_sites.fract_transf_vector[1]      0.245762 
_atom_sites.fract_transf_vector[2]      -0.105505 
_atom_sites.fract_transf_vector[3]      0.364893 
# 
_atom_sites_footnote.id     1 
_atom_sites_footnote.text   'SEE REMARK 4.' 
# 
loop_
_atom_type.symbol 
C  
CA 
N  
O  
S  
# 
loop_
_atom_site.group_PDB 
_atom_site.id 
_atom_site.type_symbol 
_atom_site.label_atom_id 
_atom_site.label_alt_id 
_atom_site.label_comp_id 
_atom_site.label_asym_id 
_atom_site.label_entity_id 
_atom_site.label_seq_id 
_atom_site.pdbx_PDB_ins_code 
_atom_site.Cartn_x 
_atom_site.Cartn_y 
_atom_site.Cartn_z 
_atom_site.occupancy 
_atom_site.B_iso_or_equiv 
_atom_site.pdbx_formal_charge 
_atom_site.auth_seq_id 
_atom_site.auth_comp_id 
_atom_site.auth_asym_id 
_atom_site.auth_atom_id 
_atom_site.pdbx_PDB_model_num 
ATOM   1    N  N   . ILE A 1 1   ? 5.974   8.538   -3.740  1.00 16.50 ? 16  ILE A N   1 
ATOM   2    C  CA  . ILE A 1 1   ? 6.564   8.868   -2.423  1.00 16.50 ? 16  ILE A CA  1 
ATOM   3    C  C   . ILE A 1 1   ? 7.341   10.186  -2.537  1.00 16.50 ? 16  ILE A C   1 
ATOM   4    O  O   . ILE A 1 1   ? 8.230   10.301  -3.398  1.00 16.50 ? 16  ILE A O   1 
ATOM   5    C  CB  . ILE A 1 1   ? 7.565   7.749   -1.939  1.00 16.50 ? 16  ILE A CB  1 
ATOM   6    C  CG1 . ILE A 1 1   ? 6.991   6.310   -1.927  1.00 12.88 ? 16  ILE A CG1 1 
ATOM   7    C  CG2 . ILE A 1 1   ? 8.400   8.075   -0.670  1.00 12.88 ? 16  ILE A CG2 1 
ATOM   8    C  CD1 . ILE A 1 1   ? 6.050   6.050   -0.759  1.00 12.88 ? 16  ILE A CD1 1 
ATOM   9    N  N   . VAL A 1 2   ? 6.969   11.187  -1.775  1.00 15.16 ? 17  VAL A N   1 
ATOM   10   C  CA  . VAL A 1 2   ? 7.611   12.534  -1.733  1.00 15.16 ? 17  VAL A CA  1 
ATOM   11   C  C   . VAL A 1 2   ? 8.530   12.594  -0.515  1.00 15.16 ? 17  VAL A C   1 
ATOM   12   O  O   . VAL A 1 2   ? 8.206   11.994  0.533   1.00 15.16 ? 17  VAL A O   1 
ATOM   13   C  CB  . VAL A 1 2   ? 6.513   13.638  -1.603  1.00 15.16 ? 17  VAL A CB  1 
ATOM   14   C  CG1 . VAL A 1 2   ? 7.159   15.009  -1.582  1.00 12.93 ? 17  VAL A CG1 1 
ATOM   15   C  CG2 . VAL A 1 2   ? 5.545   13.545  -2.779  1.00 12.93 ? 17  VAL A CG2 1 
ATOM   16   N  N   . GLY A 1 3   ? 9.799   12.988  -0.727  1.00 19.68 ? 18  GLY A N   1 
ATOM   17   C  CA  . GLY A 1 3   ? 10.781  13.066  0.374   1.00 19.68 ? 18  GLY A CA  1 
ATOM   18   C  C   . GLY A 1 3   ? 11.448  11.753  0.775   1.00 19.68 ? 18  GLY A C   1 
ATOM   19   O  O   . GLY A 1 3   ? 11.951  11.655  1.918   1.00 19.68 ? 18  GLY A O   1 
ATOM   20   N  N   . GLY A 1 4   ? 11.305  10.734  -0.050  1.00 16.15 ? 19  GLY A N   1 
ATOM   21   C  CA  . GLY A 1 4   ? 11.777  9.431   0.352   1.00 16.15 ? 19  GLY A CA  1 
ATOM   22   C  C   . GLY A 1 4   ? 13.131  9.127   -0.241  1.00 16.15 ? 19  GLY A C   1 
ATOM   23   O  O   . GLY A 1 4   ? 13.879  10.079  -0.574  1.00 16.15 ? 19  GLY A O   1 
ATOM   24   N  N   . TYR A 1 5   ? 13.480  7.850   -0.313  1.00 17.79 ? 20  TYR A N   1 
ATOM   25   C  CA  . TYR A 1 5   ? 14.749  7.441   -0.879  1.00 17.79 ? 20  TYR A CA  1 
ATOM   26   C  C   . TYR A 1 5   ? 14.608  6.252   -1.825  1.00 17.79 ? 20  TYR A C   1 
ATOM   27   O  O   . TYR A 1 5   ? 13.654  5.462   -1.667  1.00 17.79 ? 20  TYR A O   1 
ATOM   28   C  CB  . TYR A 1 5   ? 15.770  7.135   0.251   1.00 17.79 ? 20  TYR A CB  1 
ATOM   29   C  CG  . TYR A 1 5   ? 15.329  6.063   1.271   1.00 16.95 ? 20  TYR A CG  1 
ATOM   30   C  CD1 . TYR A 1 5   ? 15.751  4.752   1.149   1.00 16.95 ? 20  TYR A CD1 1 
ATOM   31   C  CD2 . TYR A 1 5   ? 14.521  6.443   2.343   1.00 16.95 ? 20  TYR A CD2 1 
ATOM   32   C  CE1 . TYR A 1 5   ? 15.357  3.792   2.084   1.00 16.95 ? 20  TYR A CE1 1 
ATOM   33   C  CE2 . TYR A 1 5   ? 14.126  5.501   3.263   1.00 16.95 ? 20  TYR A CE2 1 
ATOM   34   C  CZ  . TYR A 1 5   ? 14.530  4.173   3.142   1.00 16.95 ? 20  TYR A CZ  1 
ATOM   35   O  OH  . TYR A 1 5   ? 13.986  3.206   4.041   1.00 16.95 ? 20  TYR A OH  1 
ATOM   36   N  N   . THR A 1 6   ? 15.600  6.038   -2.660  1.00 16.19 ? 21  THR A N   1 
ATOM   37   C  CA  . THR A 1 6   ? 15.621  4.796   -3.449  1.00 16.19 ? 21  THR A CA  1 
ATOM   38   C  C   . THR A 1 6   ? 15.820  3.555   -2.583  1.00 16.19 ? 21  THR A C   1 
ATOM   39   O  O   . THR A 1 6   ? 16.835  3.416   -1.874  1.00 16.19 ? 21  THR A O   1 
ATOM   40   C  CB  . THR A 1 6   ? 16.721  4.833   -4.484  1.00 16.19 ? 21  THR A CB  1 
ATOM   41   O  OG1 . THR A 1 6   ? 16.488  5.884   -5.353  1.00 14.77 ? 21  THR A OG1 1 
ATOM   42   C  CG2 . THR A 1 6   ? 16.755  3.529   -5.287  1.00 14.77 ? 21  THR A CG2 1 
ATOM   43   N  N   . CYS A 1 7   ? 14.824  2.690   -2.533  1.00 15.94 ? 22  CYS A N   1 
ATOM   44   C  CA  . CYS A 1 7   ? 14.891  1.530   -1.643  1.00 15.94 ? 22  CYS A CA  1 
ATOM   45   C  C   . CYS A 1 7   ? 16.131  0.667   -1.879  1.00 15.94 ? 22  CYS A C   1 
ATOM   46   O  O   . CYS A 1 7   ? 16.661  0.087   -0.916  1.00 15.94 ? 22  CYS A O   1 
ATOM   47   C  CB  . CYS A 1 7   ? 13.659  0.623   -1.837  1.00 15.94 ? 22  CYS A CB  1 
ATOM   48   S  SG  . CYS A 1 7   ? 12.080  1.433   -1.612  1.00 14.52 ? 22  CYS A SG  1 
ATOM   49   N  N   . GLY A 1 8   ? 16.447  0.414   -3.135  1.00 21.44 ? 23  GLY A N   1 
ATOM   50   C  CA  . GLY A 1 8   ? 17.379  -0.653  -3.451  1.00 21.44 ? 23  GLY A CA  1 
ATOM   51   C  C   . GLY A 1 8   ? 16.660  -1.861  -4.033  1.00 21.44 ? 23  GLY A C   1 
ATOM   52   O  O   . GLY A 1 8   ? 15.588  -2.257  -3.496  1.00 21.44 ? 23  GLY A O   1 
ATOM   53   N  N   . ALA A 1 9   ? 17.176  -2.358  -5.167  1.00 21.08 ? 24  ALA A N   1 
ATOM   54   C  CA  . ALA A 1 9   ? 16.479  -3.454  -5.837  1.00 21.08 ? 24  ALA A CA  1 
ATOM   55   C  C   . ALA A 1 9   ? 16.177  -4.617  -4.896  1.00 21.08 ? 24  ALA A C   1 
ATOM   56   O  O   . ALA A 1 9   ? 17.089  -5.175  -4.219  1.00 21.08 ? 24  ALA A O   1 
ATOM   57   C  CB  . ALA A 1 9   ? 17.242  -3.924  -7.095  1.00 21.08 ? 24  ALA A CB  1 
ATOM   58   N  N   . ASN A 1 10  ? 14.908  -4.975  -4.948  1.00 17.03 ? 25  ASN A N   1 
ATOM   59   C  CA  . ASN A 1 10  ? 14.370  -6.135  -4.280  1.00 17.03 ? 25  ASN A CA  1 
ATOM   60   C  C   . ASN A 1 10  ? 14.566  -6.155  -2.781  1.00 17.03 ? 25  ASN A C   1 
ATOM   61   O  O   . ASN A 1 10  ? 14.454  -7.243  -2.180  1.00 17.03 ? 25  ASN A O   1 
ATOM   62   C  CB  . ASN A 1 10  ? 14.885  -7.437  -4.949  1.00 17.03 ? 25  ASN A CB  1 
ATOM   63   C  CG  . ASN A 1 10  ? 14.672  -7.415  -6.472  1.00 21.92 ? 25  ASN A CG  1 
ATOM   64   O  OD1 . ASN A 1 10  ? 13.538  -7.321  -7.001  1.00 21.92 ? 25  ASN A OD1 1 
ATOM   65   N  ND2 . ASN A 1 10  ? 15.713  -7.561  -7.190  1.00 21.92 ? 25  ASN A ND2 1 
ATOM   66   N  N   . THR A 1 11  ? 14.730  -4.979  -2.190  1.00 17.57 ? 26  THR A N   1 
ATOM   67   C  CA  . THR A 1 11  ? 14.833  -4.856  -0.710  1.00 17.57 ? 26  THR A CA  1 
ATOM   68   C  C   . THR A 1 11  ? 13.477  -4.910  -0.014  1.00 17.57 ? 26  THR A C   1 
ATOM   69   O  O   . THR A 1 11  ? 13.348  -4.961  1.230   1.00 17.57 ? 26  THR A O   1 
ATOM   70   C  CB  . THR A 1 11  ? 15.618  -3.573  -0.338  1.00 17.57 ? 26  THR A CB  1 
ATOM   71   O  OG1 . THR A 1 11  ? 14.934  -2.409  -0.838  1.00 16.70 ? 26  THR A OG1 1 
ATOM   72   C  CG2 . THR A 1 11  ? 17.071  -3.645  -0.869  1.00 16.70 ? 26  THR A CG2 1 
ATOM   73   N  N   . VAL A 1 12  ? 12.409  -4.781  -0.796  1.00 12.93 ? 27  VAL A N   1 
ATOM   74   C  CA  . VAL A 1 12  ? 11.011  -4.800  -0.316  1.00 12.93 ? 27  VAL A CA  1 
ATOM   75   C  C   . VAL A 1 12  ? 10.228  -5.856  -1.085  1.00 12.93 ? 27  VAL A C   1 
ATOM   76   O  O   . VAL A 1 12  ? 9.522   -5.551  -2.082  1.00 12.93 ? 27  VAL A O   1 
ATOM   77   C  CB  . VAL A 1 12  ? 10.347  -3.393  -0.412  1.00 12.93 ? 27  VAL A CB  1 
ATOM   78   C  CG1 . VAL A 1 12  ? 9.015   -3.360  0.350   1.00 10.21 ? 27  VAL A CG1 1 
ATOM   79   C  CG2 . VAL A 1 12  ? 11.311  -2.245  0.080   1.00 10.21 ? 27  VAL A CG2 1 
ATOM   80   N  N   . PRO A 1 13  ? 10.564  -7.102  -0.789  1.00 14.00 ? 28  PRO A N   1 
ATOM   81   C  CA  . PRO A 1 13  ? 10.285  -8.231  -1.694  1.00 14.00 ? 28  PRO A CA  1 
ATOM   82   C  C   . PRO A 1 13  ? 8.800   -8.550  -1.779  1.00 14.00 ? 28  PRO A C   1 
ATOM   83   O  O   . PRO A 1 13  ? 8.409   -9.354  -2.660  1.00 14.00 ? 28  PRO A O   1 
ATOM   84   C  CB  . PRO A 1 13  ? 10.925  -9.459  -1.056  1.00 14.00 ? 28  PRO A CB  1 
ATOM   85   C  CG  . PRO A 1 13  ? 11.423  -9.059  0.345   1.00 15.52 ? 28  PRO A CG  1 
ATOM   86   C  CD  . PRO A 1 13  ? 11.290  -7.541  0.451   1.00 15.52 ? 28  PRO A CD  1 
ATOM   87   N  N   . TYR A 1 14  ? 8.031   -7.973  -0.847  1.00 11.20 ? 29  TYR A N   1 
ATOM   88   C  CA  . TYR A 1 14  ? 6.536   -8.159  -0.804  1.00 11.20 ? 29  TYR A CA  1 
ATOM   89   C  C   . TYR A 1 14  ? 5.803   -7.083  -1.605  1.00 11.20 ? 29  TYR A C   1 
ATOM   90   O  O   . TYR A 1 14  ? 4.549   -7.164  -1.739  1.00 11.20 ? 29  TYR A O   1 
ATOM   91   C  CB  . TYR A 1 14  ? 6.014   -8.222  0.666   1.00 11.20 ? 29  TYR A CB  1 
ATOM   92   C  CG  . TYR A 1 14  ? 6.555   -7.015  1.448   1.00 10.72 ? 29  TYR A CG  1 
ATOM   93   C  CD1 . TYR A 1 14  ? 5.837   -5.810  1.460   1.00 10.72 ? 29  TYR A CD1 1 
ATOM   94   C  CD2 . TYR A 1 14  ? 7.742   -7.112  2.125   1.00 10.72 ? 29  TYR A CD2 1 
ATOM   95   C  CE1 . TYR A 1 14  ? 6.308   -4.709  2.157   1.00 10.72 ? 29  TYR A CE1 1 
ATOM   96   C  CE2 . TYR A 1 14  ? 8.229   -5.982  2.834   1.00 10.72 ? 29  TYR A CE2 1 
ATOM   97   C  CZ  . TYR A 1 14  ? 7.506   -4.800  2.852   1.00 10.72 ? 29  TYR A CZ  1 
ATOM   98   O  OH  . TYR A 1 14  ? 7.930   -3.682  3.604   1.00 10.72 ? 29  TYR A OH  1 
ATOM   99   N  N   . GLN A 1 15  ? 6.554   -6.059  -2.066  1.00 11.65 ? 30  GLN A N   1 
ATOM   100  C  CA  . GLN A 1 15  ? 5.893   -4.949  -2.794  1.00 11.65 ? 30  GLN A CA  1 
ATOM   101  C  C   . GLN A 1 15  ? 5.473   -5.437  -4.184  1.00 11.65 ? 30  GLN A C   1 
ATOM   102  O  O   . GLN A 1 15  ? 6.304   -5.988  -4.946  1.00 11.65 ? 30  GLN A O   1 
ATOM   103  C  CB  . GLN A 1 15  ? 6.881   -3.788  -2.982  1.00 11.65 ? 30  GLN A CB  1 
ATOM   104  C  CG  . GLN A 1 15  ? 6.291   -2.714  -3.932  1.00 11.34 ? 30  GLN A CG  1 
ATOM   105  C  CD  . GLN A 1 15  ? 5.312   -1.713  -3.271  1.00 11.34 ? 30  GLN A CD  1 
ATOM   106  O  OE1 . GLN A 1 15  ? 4.257   -1.307  -3.849  1.00 11.34 ? 30  GLN A OE1 1 
ATOM   107  N  NE2 . GLN A 1 15  ? 5.747   -1.168  -2.196  1.00 11.34 ? 30  GLN A NE2 1 
ATOM   108  N  N   . VAL A 1 16  ? 4.233   -5.180  -4.586  1.00 11.42 ? 31  VAL A N   1 
ATOM   109  C  CA  . VAL A 1 16  ? 3.864   -5.456  -5.974  1.00 11.42 ? 31  VAL A CA  1 
ATOM   110  C  C   . VAL A 1 16  ? 3.430   -4.193  -6.711  1.00 11.42 ? 31  VAL A C   1 
ATOM   111  O  O   . VAL A 1 16  ? 2.998   -3.201  -6.073  1.00 11.42 ? 31  VAL A O   1 
ATOM   112  C  CB  . VAL A 1 16  ? 2.752   -6.546  -6.063  1.00 11.42 ? 31  VAL A CB  1 
ATOM   113  C  CG1 . VAL A 1 16  ? 3.024   -7.737  -5.099  1.00 14.09 ? 31  VAL A CG1 1 
ATOM   114  C  CG2 . VAL A 1 16  ? 1.302   -6.037  -6.070  1.00 14.09 ? 31  VAL A CG2 1 
ATOM   115  N  N   . SER A 1 17  ? 3.523   -4.290  -8.024  1.00 9.36  ? 32  SER A N   1 
ATOM   116  C  CA  . SER A 1 17  ? 2.993   -3.269  -8.907  1.00 9.36  ? 32  SER A CA  1 
ATOM   117  C  C   . SER A 1 17  ? 1.733   -3.819  -9.563  1.00 9.36  ? 32  SER A C   1 
ATOM   118  O  O   . SER A 1 17  ? 1.778   -4.899  -10.192 1.00 9.36  ? 32  SER A O   1 
ATOM   119  C  CB  . SER A 1 17  ? 4.026   -2.821  -9.959  1.00 9.36  ? 32  SER A CB  1 
ATOM   120  O  OG  . SER A 1 17  ? 3.331   -1.952  -10.908 1.00 13.49 ? 32  SER A OG  1 
ATOM   121  N  N   . LEU A 1 18  ? 0.654   -3.057  -9.478  1.00 12.07 ? 33  LEU A N   1 
ATOM   122  C  CA  . LEU A 1 18  ? -0.537  -3.395  -10.272 1.00 12.07 ? 33  LEU A CA  1 
ATOM   123  C  C   . LEU A 1 18  ? -0.486  -2.624  -11.591 1.00 12.07 ? 33  LEU A C   1 
ATOM   124  O  O   . LEU A 1 18  ? -0.336  -1.382  -11.559 1.00 12.07 ? 33  LEU A O   1 
ATOM   125  C  CB  . LEU A 1 18  ? -1.817  -3.001  -9.534  1.00 12.07 ? 33  LEU A CB  1 
ATOM   126  C  CG  . LEU A 1 18  ? -1.955  -3.710  -8.185  1.00 11.24 ? 33  LEU A CG  1 
ATOM   127  C  CD1 . LEU A 1 18  ? -3.374  -3.402  -7.642  1.00 11.24 ? 33  LEU A CD1 1 
ATOM   128  C  CD2 . LEU A 1 18  ? -1.698  -5.238  -8.299  1.00 11.24 ? 33  LEU A CD2 1 
ATOM   129  N  N   . ASN A 1 19  ? -0.608  -3.397  -12.671 1.00 9.47  ? 34  ASN A N   1 
ATOM   130  C  CA  . ASN A 1 19  ? -0.366  -2.925  -14.048 1.00 9.47  ? 34  ASN A CA  1 
ATOM   131  C  C   . ASN A 1 19  ? -1.509  -3.212  -15.025 1.00 9.47  ? 34  ASN A C   1 
ATOM   132  O  O   . ASN A 1 19  ? -2.032  -4.352  -15.079 1.00 9.47  ? 34  ASN A O   1 
ATOM   133  C  CB  . ASN A 1 19  ? 0.869   -3.639  -14.591 1.00 9.47  ? 34  ASN A CB  1 
ATOM   134  C  CG  . ASN A 1 19  ? 1.314   -3.010  -15.904 1.00 11.50 ? 34  ASN A CG  1 
ATOM   135  O  OD1 . ASN A 1 19  ? 0.765   -3.395  -16.947 1.00 11.50 ? 34  ASN A OD1 1 
ATOM   136  N  ND2 . ASN A 1 19  ? 2.354   -2.223  -15.886 1.00 11.50 ? 34  ASN A ND2 1 
ATOM   137  N  N   . SER A 1 20  ? -1.824  -2.168  -15.791 1.00 14.17 ? 37  SER A N   1 
ATOM   138  C  CA  . SER A 1 20  ? -2.787  -2.282  -16.882 1.00 14.17 ? 37  SER A CA  1 
ATOM   139  C  C   . SER A 1 20  ? -2.273  -1.591  -18.137 1.00 14.17 ? 37  SER A C   1 
ATOM   140  O  O   . SER A 1 20  ? -2.954  -0.690  -18.686 1.00 14.17 ? 37  SER A O   1 
ATOM   141  C  CB  . SER A 1 20  ? -4.126  -1.643  -16.489 1.00 14.17 ? 37  SER A CB  1 
ATOM   142  O  OG  . SER A 1 20  ? -3.886  -0.305  -15.985 1.00 21.63 ? 37  SER A OG  1 
ATOM   143  N  N   . GLY A 1 21  ? -1.053  -1.900  -18.470 1.00 12.89 ? 38  GLY A N   1 
ATOM   144  C  CA  . GLY A 1 21  ? -0.297  -1.237  -19.558 1.00 12.89 ? 38  GLY A CA  1 
ATOM   145  C  C   . GLY A 1 21  ? 0.460   -0.029  -19.036 1.00 12.89 ? 38  GLY A C   1 
ATOM   146  O  O   . GLY A 1 21  ? 1.084   0.757   -19.780 1.00 12.89 ? 38  GLY A O   1 
ATOM   147  N  N   . TYR A 1 22  ? 0.405   0.149   -17.723 1.00 13.18 ? 39  TYR A N   1 
ATOM   148  C  CA  . TYR A 1 22  ? 1.148   1.193   -16.968 1.00 13.18 ? 39  TYR A CA  1 
ATOM   149  C  C   . TYR A 1 22  ? 0.942   0.836   -15.476 1.00 13.18 ? 39  TYR A C   1 
ATOM   150  O  O   . TYR A 1 22  ? -0.103  0.218   -15.149 1.00 13.18 ? 39  TYR A O   1 
ATOM   151  C  CB  . TYR A 1 22  ? 0.675   2.666   -17.305 1.00 13.18 ? 39  TYR A CB  1 
ATOM   152  C  CG  . TYR A 1 22  ? -0.803  2.890   -16.967 1.00 17.46 ? 39  TYR A CG  1 
ATOM   153  C  CD1 . TYR A 1 22  ? -1.744  2.455   -17.873 1.00 17.46 ? 39  TYR A CD1 1 
ATOM   154  C  CD2 . TYR A 1 22  ? -1.191  3.462   -15.760 1.00 17.46 ? 39  TYR A CD2 1 
ATOM   155  C  CE1 . TYR A 1 22  ? -3.111  2.550   -17.593 1.00 17.46 ? 39  TYR A CE1 1 
ATOM   156  C  CE2 . TYR A 1 22  ? -2.564  3.583   -15.476 1.00 17.46 ? 39  TYR A CE2 1 
ATOM   157  C  CZ  . TYR A 1 22  ? -3.495  3.102   -16.392 1.00 17.46 ? 39  TYR A CZ  1 
ATOM   158  O  OH  . TYR A 1 22  ? -4.856  3.132   -16.091 1.00 17.46 ? 39  TYR A OH  1 
ATOM   159  N  N   . HIS A 1 23  ? 1.838   1.280   -14.610 1.00 12.75 ? 40  HIS A N   1 
ATOM   160  C  CA  . HIS A 1 23  ? 1.681   1.085   -13.171 1.00 12.75 ? 40  HIS A CA  1 
ATOM   161  C  C   . HIS A 1 23  ? 0.615   2.029   -12.626 1.00 12.75 ? 40  HIS A C   1 
ATOM   162  O  O   . HIS A 1 23  ? 0.628   3.250   -12.930 1.00 12.75 ? 40  HIS A O   1 
ATOM   163  C  CB  . HIS A 1 23  ? 3.043   1.487   -12.530 1.00 12.75 ? 40  HIS A CB  1 
ATOM   164  C  CG  . HIS A 1 23  ? 2.869   1.654   -11.019 1.00 10.91 ? 40  HIS A CG  1 
ATOM   165  N  ND1 . HIS A 1 23  ? 2.897   0.547   -10.146 1.00 10.91 ? 40  HIS A ND1 1 
ATOM   166  C  CD2 . HIS A 1 23  ? 2.572   2.776   -10.325 1.00 10.91 ? 40  HIS A CD2 1 
ATOM   167  C  CE1 . HIS A 1 23  ? 2.642   1.021   -8.888  1.00 10.91 ? 40  HIS A CE1 1 
ATOM   168  N  NE2 . HIS A 1 23  ? 2.391   2.400   -8.978  1.00 10.91 ? 40  HIS A NE2 1 
ATOM   169  N  N   . PHE A 1 24  ? -0.364  1.487   -11.896 1.00 12.26 ? 41  PHE A N   1 
ATOM   170  C  CA  . PHE A 1 24  ? -1.403  2.372   -11.378 1.00 12.26 ? 41  PHE A CA  1 
ATOM   171  C  C   . PHE A 1 24  ? -1.633  2.300   -9.871  1.00 12.26 ? 41  PHE A C   1 
ATOM   172  O  O   . PHE A 1 24  ? -2.234  3.217   -9.310  1.00 12.26 ? 41  PHE A O   1 
ATOM   173  C  CB  . PHE A 1 24  ? -2.721  2.208   -12.114 1.00 12.26 ? 41  PHE A CB  1 
ATOM   174  C  CG  . PHE A 1 24  ? -3.413  0.869   -11.866 1.00 13.44 ? 41  PHE A CG  1 
ATOM   175  C  CD1 . PHE A 1 24  ? -4.313  0.717   -10.816 1.00 13.44 ? 41  PHE A CD1 1 
ATOM   176  C  CD2 . PHE A 1 24  ? -3.174  -0.203  -12.719 1.00 13.44 ? 41  PHE A CD2 1 
ATOM   177  C  CE1 . PHE A 1 24  ? -4.933  -0.520  -10.613 1.00 13.44 ? 41  PHE A CE1 1 
ATOM   178  C  CE2 . PHE A 1 24  ? -3.817  -1.448  -12.520 1.00 13.44 ? 41  PHE A CE2 1 
ATOM   179  C  CZ  . PHE A 1 24  ? -4.697  -1.608  -11.456 1.00 13.44 ? 41  PHE A CZ  1 
ATOM   180  N  N   . CYS A 1 25  ? -1.192  1.255   -9.243  1.00 9.32  ? 42  CYS A N   1 
ATOM   181  C  CA  . CYS A 1 25  ? -1.314  1.172   -7.819  1.00 9.32  ? 42  CYS A CA  1 
ATOM   182  C  C   . CYS A 1 25  ? -0.334  0.145   -7.293  1.00 9.32  ? 42  CYS A C   1 
ATOM   183  O  O   . CYS A 1 25  ? 0.189   -0.717  -8.033  1.00 9.32  ? 42  CYS A O   1 
ATOM   184  C  CB  . CYS A 1 25  ? -2.727  0.603   -7.490  1.00 9.32  ? 42  CYS A CB  1 
ATOM   185  S  SG  . CYS A 1 25  ? -3.974  1.880   -7.253  1.00 12.34 ? 42  CYS A SG  1 
ATOM   186  N  N   . GLY A 1 26  ? -0.102  0.183   -6.018  1.00 8.00  ? 43  GLY A N   1 
ATOM   187  C  CA  . GLY A 1 26  ? 0.754   -0.866  -5.385  1.00 8.00  ? 43  GLY A CA  1 
ATOM   188  C  C   . GLY A 1 26  ? -0.091  -1.953  -4.736  1.00 8.00  ? 43  GLY A C   1 
ATOM   189  O  O   . GLY A 1 26  ? -1.340  -1.896  -4.795  1.00 8.00  ? 43  GLY A O   1 
ATOM   190  N  N   . GLY A 1 27  ? 0.577   -2.876  -4.062  1.00 7.68  ? 44  GLY A N   1 
ATOM   191  C  CA  . GLY A 1 27  ? -0.078  -3.913  -3.231  1.00 7.68  ? 44  GLY A CA  1 
ATOM   192  C  C   . GLY A 1 27  ? 1.020   -4.741  -2.580  1.00 7.68  ? 44  GLY A C   1 
ATOM   193  O  O   . GLY A 1 27  ? 2.205   -4.354  -2.689  1.00 7.68  ? 44  GLY A O   1 
ATOM   194  N  N   . SER A 1 28  ? 0.599   -5.650  -1.722  1.00 9.10  ? 45  SER A N   1 
ATOM   195  C  CA  . SER A 1 28  ? 1.527   -6.449  -0.896  1.00 9.10  ? 45  SER A CA  1 
ATOM   196  C  C   . SER A 1 28  ? 1.155   -7.892  -1.026  1.00 9.10  ? 45  SER A C   1 
ATOM   197  O  O   . SER A 1 28  ? -0.054  -8.224  -0.961  1.00 9.10  ? 45  SER A O   1 
ATOM   198  C  CB  . SER A 1 28  ? 1.287   -6.124  0.616   1.00 9.10  ? 45  SER A CB  1 
ATOM   199  O  OG  . SER A 1 28  ? 1.478   -4.729  0.863   1.00 14.13 ? 45  SER A OG  1 
ATOM   200  N  N   . LEU A 1 29  ? 2.177   -8.673  -1.232  1.00 10.46 ? 46  LEU A N   1 
ATOM   201  C  CA  . LEU A 1 29  ? 2.064   -10.107 -1.328  1.00 10.46 ? 46  LEU A CA  1 
ATOM   202  C  C   . LEU A 1 29  ? 1.917   -10.716 0.077   1.00 10.46 ? 46  LEU A C   1 
ATOM   203  O  O   . LEU A 1 29  ? 2.812   -10.515 0.913   1.00 10.46 ? 46  LEU A O   1 
ATOM   204  C  CB  . LEU A 1 29  ? 3.315   -10.653 -2.090  1.00 10.46 ? 46  LEU A CB  1 
ATOM   205  C  CG  . LEU A 1 29  ? 3.177   -12.158 -2.442  1.00 9.96  ? 46  LEU A CG  1 
ATOM   206  C  CD1 . LEU A 1 29  ? 2.030   -12.350 -3.417  1.00 9.96  ? 46  LEU A CD1 1 
ATOM   207  C  CD2 . LEU A 1 29  ? 4.505   -12.662 -2.992  1.00 9.96  ? 46  LEU A CD2 1 
ATOM   208  N  N   . ILE A 1 30  ? 0.797   -11.338 0.383   1.00 14.31 ? 47  ILE A N   1 
ATOM   209  C  CA  . ILE A 1 30  ? 0.535   -11.922 1.729   1.00 14.31 ? 47  ILE A CA  1 
ATOM   210  C  C   . ILE A 1 30  ? 0.562   -13.439 1.764   1.00 14.31 ? 47  ILE A C   1 
ATOM   211  O  O   . ILE A 1 30  ? 0.646   -13.987 2.875   1.00 14.31 ? 47  ILE A O   1 
ATOM   212  C  CB  . ILE A 1 30  ? -0.776  -11.432 2.366   1.00 14.31 ? 47  ILE A CB  1 
ATOM   213  C  CG1 . ILE A 1 30  ? -2.041  -11.866 1.594   1.00 19.21 ? 47  ILE A CG1 1 
ATOM   214  C  CG2 . ILE A 1 30  ? -0.721  -9.922  2.673   1.00 19.21 ? 47  ILE A CG2 1 
ATOM   215  C  CD1 . ILE A 1 30  ? -3.290  -11.836 2.525   1.00 19.21 ? 47  ILE A CD1 1 
ATOM   216  N  N   . ASN A 1 31  ? 0.705   -14.070 0.608   1.00 16.23 ? 48  ASN A N   1 
ATOM   217  C  CA  . ASN A 1 31  ? 1.053   -15.495 0.449   1.00 16.23 ? 48  ASN A CA  1 
ATOM   218  C  C   . ASN A 1 31  ? 1.288   -15.800 -1.009  1.00 16.23 ? 48  ASN A C   1 
ATOM   219  O  O   . ASN A 1 31  ? 1.312   -14.844 -1.806  1.00 16.23 ? 48  ASN A O   1 
ATOM   220  C  CB  . ASN A 1 31  ? 0.033   -16.486 1.074   1.00 16.23 ? 48  ASN A CB  1 
ATOM   221  C  CG  . ASN A 1 31  ? -1.370  -16.401 0.482   1.00 22.57 ? 48  ASN A CG  1 
ATOM   222  O  OD1 . ASN A 1 31  ? -2.355  -16.349 1.243   1.00 22.57 ? 48  ASN A OD1 1 
ATOM   223  N  ND2 . ASN A 1 31  ? -1.521  -16.477 -0.768  1.00 22.57 ? 48  ASN A ND2 1 
ATOM   224  N  N   . SER A 1 32  ? 1.570   -17.042 -1.366  1.00 15.69 ? 49  SER A N   1 
ATOM   225  C  CA  . SER A 1 32  ? 1.951   -17.255 -2.766  1.00 15.69 ? 49  SER A CA  1 
ATOM   226  C  C   . SER A 1 32  ? 0.855   -16.965 -3.794  1.00 15.69 ? 49  SER A C   1 
ATOM   227  O  O   . SER A 1 32  ? 1.177   -16.714 -4.975  1.00 15.69 ? 49  SER A O   1 
ATOM   228  C  CB  . SER A 1 32  ? 2.566   -18.645 -3.010  1.00 15.69 ? 49  SER A CB  1 
ATOM   229  O  OG  . SER A 1 32  ? 1.466   -19.519 -2.979  1.00 23.94 ? 49  SER A OG  1 
ATOM   230  N  N   . GLN A 1 33  ? -0.393  -16.961 -3.401  1.00 15.48 ? 50  GLN A N   1 
ATOM   231  C  CA  . GLN A 1 33  ? -1.498  -16.706 -4.360  1.00 15.48 ? 50  GLN A CA  1 
ATOM   232  C  C   . GLN A 1 33  ? -2.345  -15.409 -4.153  1.00 15.48 ? 50  GLN A C   1 
ATOM   233  O  O   . GLN A 1 33  ? -3.376  -15.218 -4.847  1.00 15.48 ? 50  GLN A O   1 
ATOM   234  C  CB  . GLN A 1 33  ? -2.337  -17.993 -4.414  1.00 15.48 ? 50  GLN A CB  1 
ATOM   235  C  CG  . GLN A 1 33  ? -3.346  -18.045 -5.586  1.00 47.33 ? 50  GLN A CG  1 
ATOM   236  C  CD  . GLN A 1 33  ? -3.262  -19.368 -6.341  1.00 47.33 ? 50  GLN A CD  1 
ATOM   237  O  OE1 . GLN A 1 33  ? -3.801  -19.457 -7.483  1.00 47.33 ? 50  GLN A OE1 1 
ATOM   238  N  NE2 . GLN A 1 33  ? -2.116  -19.920 -6.093  1.00 47.33 ? 50  GLN A NE2 1 
ATOM   239  N  N   . TRP A 1 34  ? -2.009  -14.589 -3.146  1.00 11.21 ? 51  TRP A N   1 
ATOM   240  C  CA  . TRP A 1 34  ? -2.963  -13.507 -2.749  1.00 11.21 ? 51  TRP A CA  1 
ATOM   241  C  C   . TRP A 1 34  ? -2.248  -12.195 -2.470  1.00 11.21 ? 51  TRP A C   1 
ATOM   242  O  O   . TRP A 1 34  ? -1.193  -12.204 -1.825  1.00 11.21 ? 51  TRP A O   1 
ATOM   243  C  CB  . TRP A 1 34  ? -3.801  -13.844 -1.482  1.00 11.21 ? 51  TRP A CB  1 
ATOM   244  C  CG  . TRP A 1 34  ? -4.871  -14.920 -1.744  1.00 14.71 ? 51  TRP A CG  1 
ATOM   245  C  CD1 . TRP A 1 34  ? -4.776  -16.294 -1.574  1.00 14.71 ? 51  TRP A CD1 1 
ATOM   246  C  CD2 . TRP A 1 34  ? -6.198  -14.679 -2.131  1.00 14.71 ? 51  TRP A CD2 1 
ATOM   247  N  NE1 . TRP A 1 34  ? -6.028  -16.874 -1.846  1.00 14.71 ? 51  TRP A NE1 1 
ATOM   248  C  CE2 . TRP A 1 34  ? -6.859  -15.943 -2.169  1.00 14.71 ? 51  TRP A CE2 1 
ATOM   249  C  CE3 . TRP A 1 34  ? -6.870  -13.484 -2.374  1.00 14.71 ? 51  TRP A CE3 1 
ATOM   250  C  CZ2 . TRP A 1 34  ? -8.215  -16.073 -2.494  1.00 14.71 ? 51  TRP A CZ2 1 
ATOM   251  C  CZ3 . TRP A 1 34  ? -8.227  -13.612 -2.709  1.00 14.71 ? 51  TRP A CZ3 1 
ATOM   252  C  CH2 . TRP A 1 34  ? -8.891  -14.878 -2.767  1.00 14.71 ? 51  TRP A CH2 1 
ATOM   253  N  N   . VAL A 1 35  ? -2.750  -11.120 -3.006  1.00 11.62 ? 52  VAL A N   1 
ATOM   254  C  CA  . VAL A 1 35  ? -2.229  -9.780  -2.791  1.00 11.62 ? 52  VAL A CA  1 
ATOM   255  C  C   . VAL A 1 35  ? -3.279  -8.922  -2.123  1.00 11.62 ? 52  VAL A C   1 
ATOM   256  O  O   . VAL A 1 35  ? -4.480  -9.121  -2.391  1.00 11.62 ? 52  VAL A O   1 
ATOM   257  C  CB  . VAL A 1 35  ? -1.901  -9.171  -4.177  1.00 11.62 ? 52  VAL A CB  1 
ATOM   258  C  CG1 . VAL A 1 35  ? -1.661  -7.647  -4.118  1.00 10.01 ? 52  VAL A CG1 1 
ATOM   259  C  CG2 . VAL A 1 35  ? -0.748  -9.935  -4.822  1.00 10.01 ? 52  VAL A CG2 1 
ATOM   260  N  N   . VAL A 1 36  ? -2.861  -8.038  -1.213  1.00 10.27 ? 53  VAL A N   1 
ATOM   261  C  CA  . VAL A 1 36  ? -3.808  -7.064  -0.641  1.00 10.27 ? 53  VAL A CA  1 
ATOM   262  C  C   . VAL A 1 36  ? -3.527  -5.702  -1.262  1.00 10.27 ? 53  VAL A C   1 
ATOM   263  O  O   . VAL A 1 36  ? -2.332  -5.286  -1.364  1.00 10.27 ? 53  VAL A O   1 
ATOM   264  C  CB  . VAL A 1 36  ? -3.503  -7.041  0.877   1.00 10.27 ? 53  VAL A CB  1 
ATOM   265  C  CG1 . VAL A 1 36  ? -3.697  -5.736  1.632   1.00 19.54 ? 53  VAL A CG1 1 
ATOM   266  C  CG2 . VAL A 1 36  ? -3.938  -8.309  1.587   1.00 19.54 ? 53  VAL A CG2 1 
ATOM   267  N  N   . SER A 1 37  ? -4.583  -4.965  -1.581  1.00 8.73  ? 54  SER A N   1 
ATOM   268  C  CA  . SER A 1 37  ? -4.360  -3.615  -2.125  1.00 8.73  ? 54  SER A CA  1 
ATOM   269  C  C   . SER A 1 37  ? -5.506  -2.724  -1.618  1.00 8.73  ? 54  SER A C   1 
ATOM   270  O  O   . SER A 1 37  ? -6.212  -3.184  -0.662  1.00 8.73  ? 54  SER A O   1 
ATOM   271  C  CB  . SER A 1 37  ? -4.227  -3.728  -3.668  1.00 8.73  ? 54  SER A CB  1 
ATOM   272  O  OG  . SER A 1 37  ? -4.041  -2.432  -4.192  1.00 8.66  ? 54  SER A OG  1 
ATOM   273  N  N   . ALA A 1 38  ? -5.684  -1.579  -2.222  1.00 8.77  ? 55  ALA A N   1 
ATOM   274  C  CA  . ALA A 1 38  ? -6.793  -0.707  -1.817  1.00 8.77  ? 55  ALA A CA  1 
ATOM   275  C  C   . ALA A 1 38  ? -8.011  -1.016  -2.723  1.00 8.77  ? 55  ALA A C   1 
ATOM   276  O  O   . ALA A 1 38  ? -7.851  -1.073  -3.957  1.00 8.77  ? 55  ALA A O   1 
ATOM   277  C  CB  . ALA A 1 38  ? -6.386  0.778   -1.992  1.00 8.77  ? 55  ALA A CB  1 
ATOM   278  N  N   . ALA A 1 39  ? -9.170  -0.945  -2.188  1.00 11.45 ? 56  ALA A N   1 
ATOM   279  C  CA  . ALA A 1 39  ? -10.409 -1.002  -2.993  1.00 11.45 ? 56  ALA A CA  1 
ATOM   280  C  C   . ALA A 1 39  ? -10.500 0.061   -4.100  1.00 11.45 ? 56  ALA A C   1 
ATOM   281  O  O   . ALA A 1 39  ? -11.049 -0.242  -5.194  1.00 11.45 ? 56  ALA A O   1 
ATOM   282  C  CB  . ALA A 1 39  ? -11.654 -0.891  -2.095  1.00 11.45 ? 56  ALA A CB  1 
ATOM   283  N  N   . HIS A 1 40  ? -10.025 1.261   -3.821  1.00 11.14 ? 57  HIS A N   1 
ATOM   284  C  CA  . HIS A 1 40  ? -10.170 2.298   -4.830  1.00 11.14 ? 57  HIS A CA  1 
ATOM   285  C  C   . HIS A 1 40  ? -9.259  2.105   -6.041  1.00 11.14 ? 57  HIS A C   1 
ATOM   286  O  O   . HIS A 1 40  ? -9.454  2.785   -7.087  1.00 11.14 ? 57  HIS A O   1 
ATOM   287  C  CB  . HIS A 1 40  ? -10.072 3.683   -4.220  1.00 11.14 ? 57  HIS A CB  1 
ATOM   288  C  CG  . HIS A 1 40  ? -8.633  4.153   -3.950  1.00 15.18 ? 57  HIS A CG  1 
ATOM   289  N  ND1 . HIS A 1 40  ? -8.001  4.060   -2.720  1.00 15.18 ? 57  HIS A ND1 1 
ATOM   290  C  CD2 . HIS A 1 40  ? -7.824  4.827   -4.787  1.00 15.18 ? 57  HIS A CD2 1 
ATOM   291  C  CE1 . HIS A 1 40  ? -6.786  4.665   -2.816  1.00 15.18 ? 57  HIS A CE1 1 
ATOM   292  N  NE2 . HIS A 1 40  ? -6.657  5.175   -4.140  1.00 15.18 ? 57  HIS A NE2 1 
ATOM   293  N  N   . CYS A 1 41  ? -8.406  1.088   -5.965  1.00 12.61 ? 58  CYS A N   1 
ATOM   294  C  CA  . CYS A 1 41  ? -7.551  0.690   -7.092  1.00 12.61 ? 58  CYS A CA  1 
ATOM   295  C  C   . CYS A 1 41  ? -8.261  -0.311  -8.008  1.00 12.61 ? 58  CYS A C   1 
ATOM   296  O  O   . CYS A 1 41  ? -7.667  -0.772  -9.018  1.00 12.61 ? 58  CYS A O   1 
ATOM   297  C  CB  . CYS A 1 41  ? -6.306  0.031   -6.503  1.00 12.61 ? 58  CYS A CB  1 
ATOM   298  S  SG  . CYS A 1 41  ? -5.135  1.202   -5.739  1.00 13.26 ? 58  CYS A SG  1 
ATOM   299  N  N   . TYR A 1 42  ? -9.443  -0.717  -7.626  1.00 14.29 ? 59  TYR A N   1 
ATOM   300  C  CA  . TYR A 1 42  ? -10.121 -1.789  -8.402  1.00 14.29 ? 59  TYR A CA  1 
ATOM   301  C  C   . TYR A 1 42  ? -10.256 -1.433  -9.893  1.00 14.29 ? 59  TYR A C   1 
ATOM   302  O  O   . TYR A 1 42  ? -10.698 -0.319  -10.209 1.00 14.29 ? 59  TYR A O   1 
ATOM   303  C  CB  . TYR A 1 42  ? -11.499 -2.148  -7.794  1.00 14.29 ? 59  TYR A CB  1 
ATOM   304  C  CG  . TYR A 1 42  ? -12.267 -3.060  -8.774  1.00 19.21 ? 59  TYR A CG  1 
ATOM   305  C  CD1 . TYR A 1 42  ? -13.240 -2.524  -9.603  1.00 19.21 ? 59  TYR A CD1 1 
ATOM   306  C  CD2 . TYR A 1 42  ? -11.841 -4.350  -8.918  1.00 19.21 ? 59  TYR A CD2 1 
ATOM   307  C  CE1 . TYR A 1 42  ? -13.787 -3.314  -10.584 1.00 19.21 ? 59  TYR A CE1 1 
ATOM   308  C  CE2 . TYR A 1 42  ? -12.402 -5.152  -9.884  1.00 19.21 ? 59  TYR A CE2 1 
ATOM   309  C  CZ  . TYR A 1 42  ? -13.364 -4.622  -10.714 1.00 19.21 ? 59  TYR A CZ  1 
ATOM   310  O  OH  . TYR A 1 42  ? -13.977 -5.466  -11.666 1.00 19.21 ? 59  TYR A OH  1 
ATOM   311  N  N   . LYS A 1 43  ? -9.851  -2.335  -10.774 1.00 18.70 ? 60  LYS A N   1 
ATOM   312  C  CA  . LYS A 1 43  ? -10.075 -2.194  -12.240 1.00 18.70 ? 60  LYS A CA  1 
ATOM   313  C  C   . LYS A 1 43  ? -10.342 -3.585  -12.780 1.00 18.70 ? 60  LYS A C   1 
ATOM   314  O  O   . LYS A 1 43  ? -9.794  -4.538  -12.198 1.00 18.70 ? 60  LYS A O   1 
ATOM   315  C  CB  . LYS A 1 43  ? -8.747  -1.825  -12.946 1.00 18.70 ? 60  LYS A CB  1 
ATOM   316  C  CG  . LYS A 1 43  ? -8.371  -0.359  -13.033 1.00 36.15 ? 60  LYS A CG  1 
ATOM   317  C  CD  . LYS A 1 43  ? -7.431  -0.270  -14.251 1.00 36.15 ? 60  LYS A CD  1 
ATOM   318  C  CE  . LYS A 1 43  ? -6.327  0.796   -14.121 1.00 36.15 ? 60  LYS A CE  1 
ATOM   319  N  NZ  . LYS A 1 43  ? -6.826  2.136   -13.772 1.00 36.15 ? 60  LYS A NZ  1 
ATOM   320  N  N   . SER A 1 44  ? -10.840 -3.702  -13.994 1.00 24.33 ? 61  SER A N   1 
ATOM   321  C  CA  . SER A 1 44  ? -10.695 -5.015  -14.678 1.00 24.33 ? 61  SER A CA  1 
ATOM   322  C  C   . SER A 1 44  ? -9.335  -5.076  -15.389 1.00 24.33 ? 61  SER A C   1 
ATOM   323  O  O   . SER A 1 44  ? -8.700  -4.021  -15.653 1.00 24.33 ? 61  SER A O   1 
ATOM   324  C  CB  . SER A 1 44  ? -11.856 -5.335  -15.681 1.00 24.33 ? 61  SER A CB  1 
ATOM   325  O  OG  . SER A 1 44  ? -12.723 -4.193  -15.852 1.00 43.80 ? 61  SER A OG  1 
ATOM   326  N  N   . GLY A 1 45  ? -8.844  -6.238  -15.713 1.00 25.40 ? 62  GLY A N   1 
ATOM   327  C  CA  . GLY A 1 45  ? -7.654  -6.227  -16.583 1.00 25.40 ? 62  GLY A CA  1 
ATOM   328  C  C   . GLY A 1 45  ? -6.321  -6.112  -15.839 1.00 25.40 ? 62  GLY A C   1 
ATOM   329  O  O   . GLY A 1 45  ? -5.386  -5.456  -16.359 1.00 25.40 ? 62  GLY A O   1 
ATOM   330  N  N   . ILE A 1 46  ? -6.287  -6.474  -14.576 1.00 18.18 ? 63  ILE A N   1 
ATOM   331  C  CA  . ILE A 1 46  ? -5.064  -6.234  -13.742 1.00 18.18 ? 63  ILE A CA  1 
ATOM   332  C  C   . ILE A 1 46  ? -4.038  -7.355  -13.938 1.00 18.18 ? 63  ILE A C   1 
ATOM   333  O  O   . ILE A 1 46  ? -4.364  -8.574  -13.804 1.00 18.18 ? 63  ILE A O   1 
ATOM   334  C  CB  . ILE A 1 46  ? -5.414  -6.151  -12.230 1.00 18.18 ? 63  ILE A CB  1 
ATOM   335  C  CG1 . ILE A 1 46  ? -6.278  -4.905  -11.996 1.00 18.04 ? 63  ILE A CG1 1 
ATOM   336  C  CG2 . ILE A 1 46  ? -4.167  -6.196  -11.274 1.00 18.04 ? 63  ILE A CG2 1 
ATOM   337  C  CD1 . ILE A 1 46  ? -6.902  -4.875  -10.590 1.00 18.04 ? 63  ILE A CD1 1 
ATOM   338  N  N   . GLN A 1 47  ? -2.829  -6.885  -14.184 1.00 14.51 ? 64  GLN A N   1 
ATOM   339  C  CA  . GLN A 1 47  ? -1.676  -7.751  -14.132 1.00 14.51 ? 64  GLN A CA  1 
ATOM   340  C  C   . GLN A 1 47  ? -0.876  -7.378  -12.872 1.00 14.51 ? 64  GLN A C   1 
ATOM   341  O  O   . GLN A 1 47  ? -0.496  -6.191  -12.653 1.00 14.51 ? 64  GLN A O   1 
ATOM   342  C  CB  . GLN A 1 47  ? -0.840  -7.650  -15.448 1.00 14.51 ? 64  GLN A CB  1 
ATOM   343  C  CG  . GLN A 1 47  ? 0.306   -8.689  -15.484 1.00 16.93 ? 64  GLN A CG  1 
ATOM   344  C  CD  . GLN A 1 47  ? 1.186   -8.523  -16.731 1.00 16.93 ? 64  GLN A CD  1 
ATOM   345  O  OE1 . GLN A 1 47  ? 1.196   -9.409  -17.636 1.00 16.93 ? 64  GLN A OE1 1 
ATOM   346  N  NE2 . GLN A 1 47  ? 1.709   -7.341  -16.859 1.00 16.93 ? 64  GLN A NE2 1 
ATOM   347  N  N   . VAL A 1 48  ? -0.581  -8.403  -12.092 1.00 12.07 ? 65  VAL A N   1 
ATOM   348  C  CA  . VAL A 1 48  ? 0.316   -8.243  -10.954 1.00 12.07 ? 65  VAL A CA  1 
ATOM   349  C  C   . VAL A 1 48  ? 1.765   -8.451  -11.343 1.00 12.07 ? 65  VAL A C   1 
ATOM   350  O  O   . VAL A 1 48  ? 2.150   -9.525  -11.863 1.00 12.07 ? 65  VAL A O   1 
ATOM   351  C  CB  . VAL A 1 48  ? -0.096  -9.251  -9.851  1.00 12.07 ? 65  VAL A CB  1 
ATOM   352  C  CG1 . VAL A 1 48  ? 0.784   -9.100  -8.594  1.00 10.73 ? 65  VAL A CG1 1 
ATOM   353  C  CG2 . VAL A 1 48  ? -1.592  -9.062  -9.567  1.00 10.73 ? 65  VAL A CG2 1 
ATOM   354  N  N   . ARG A 1 49  ? 2.565   -7.468  -11.059 1.00 13.04 ? 66  ARG A N   1 
ATOM   355  C  CA  . ARG A 1 49  ? 3.999   -7.585  -11.293 1.00 13.04 ? 66  ARG A CA  1 
ATOM   356  C  C   . ARG A 1 49  ? 4.827   -7.650  -9.993  1.00 13.04 ? 66  ARG A C   1 
ATOM   357  O  O   . ARG A 1 49  ? 4.766   -6.709  -9.161  1.00 13.04 ? 66  ARG A O   1 
ATOM   358  C  CB  . ARG A 1 49  ? 4.462   -6.426  -12.179 1.00 13.04 ? 66  ARG A CB  1 
ATOM   359  C  CG  . ARG A 1 49  ? 3.645   -6.392  -13.484 1.00 11.61 ? 66  ARG A CG  1 
ATOM   360  C  CD  . ARG A 1 49  ? 4.259   -5.341  -14.466 1.00 11.61 ? 66  ARG A CD  1 
ATOM   361  N  NE  . ARG A 1 49  ? 3.733   -5.645  -15.834 1.00 11.61 ? 66  ARG A NE  1 
ATOM   362  C  CZ  . ARG A 1 49  ? 4.242   -5.174  -16.975 1.00 11.61 ? 66  ARG A CZ  1 
ATOM   363  N  NH1 . ARG A 1 49  ? 5.174   -4.236  -16.920 1.00 11.61 ? 66  ARG A NH1 1 
ATOM   364  N  NH2 . ARG A 1 49  ? 3.703   -5.543  -18.146 1.00 11.61 ? 66  ARG A NH2 1 
ATOM   365  N  N   . LEU A 1 50  ? 5.436   -8.801  -9.818  1.00 11.56 ? 67  LEU A N   1 
ATOM   366  C  CA  . LEU A 1 50  ? 6.226   -9.130  -8.622  1.00 11.56 ? 67  LEU A CA  1 
ATOM   367  C  C   . LEU A 1 50  ? 7.709   -8.999  -8.912  1.00 11.56 ? 67  LEU A C   1 
ATOM   368  O  O   . LEU A 1 50  ? 8.126   -9.193  -10.089 1.00 11.56 ? 67  LEU A O   1 
ATOM   369  C  CB  . LEU A 1 50  ? 5.988   -10.601 -8.097  1.00 11.56 ? 67  LEU A CB  1 
ATOM   370  C  CG  . LEU A 1 50  ? 4.495   -10.937 -7.945  1.00 30.01 ? 67  LEU A CG  1 
ATOM   371  C  CD1 . LEU A 1 50  ? 4.304   -12.425 -7.627  1.00 30.01 ? 67  LEU A CD1 1 
ATOM   372  C  CD2 . LEU A 1 50  ? 3.877   -10.163 -6.790  1.00 30.01 ? 67  LEU A CD2 1 
ATOM   373  N  N   . GLY A 1 51  ? 8.480   -8.822  -7.863  1.00 10.57 ? 69  GLY A N   1 
ATOM   374  C  CA  . GLY A 1 51  ? 9.934   -8.741  -8.019  1.00 10.57 ? 69  GLY A CA  1 
ATOM   375  C  C   . GLY A 1 51  ? 10.441  -7.546  -8.788  1.00 10.57 ? 69  GLY A C   1 
ATOM   376  O  O   . GLY A 1 51  ? 11.578  -7.631  -9.308  1.00 10.57 ? 69  GLY A O   1 
ATOM   377  N  N   . GLU A 1 52  ? 9.663   -6.468  -8.880  1.00 13.40 ? 70  GLU A N   1 
ATOM   378  C  CA  . GLU A 1 52  ? 10.010  -5.326  -9.680  1.00 13.40 ? 70  GLU A CA  1 
ATOM   379  C  C   . GLU A 1 52  ? 11.007  -4.450  -8.913  1.00 13.40 ? 70  GLU A C   1 
ATOM   380  O  O   . GLU A 1 52  ? 10.797  -4.243  -7.684  1.00 13.40 ? 70  GLU A O   1 
ATOM   381  C  CB  . GLU A 1 52  ? 8.762   -4.449  -9.989  1.00 13.40 ? 70  GLU A CB  1 
ATOM   382  C  CG  . GLU A 1 52  ? 7.930   -5.060  -11.126 1.00 17.64 ? 70  GLU A CG  1 
ATOM   383  C  CD  . GLU A 1 52  ? 8.648   -4.910  -12.484 1.00 17.64 ? 70  GLU A CD  1 
ATOM   384  O  OE1 . GLU A 1 52  ? 9.831   -4.499  -12.639 1.00 17.64 ? 70  GLU A OE1 1 
ATOM   385  O  OE2 . GLU A 1 52  ? 7.917   -4.938  -13.481 1.00 17.64 ? 70  GLU A OE2 1 
ATOM   386  N  N   . ASP A 1 53  ? 11.858  -3.778  -9.666  1.00 13.12 ? 71  ASP A N   1 
ATOM   387  C  CA  . ASP A 1 53  ? 12.563  -2.567  -9.142  1.00 13.12 ? 71  ASP A CA  1 
ATOM   388  C  C   . ASP A 1 53  ? 12.368  -1.366  -10.080 1.00 13.12 ? 71  ASP A C   1 
ATOM   389  O  O   . ASP A 1 53  ? 11.505  -0.487  -9.828  1.00 13.12 ? 71  ASP A O   1 
ATOM   390  C  CB  . ASP A 1 53  ? 14.039  -2.834  -8.956  1.00 13.12 ? 71  ASP A CB  1 
ATOM   391  C  CG  . ASP A 1 53  ? 14.569  -1.585  -8.257  1.00 21.00 ? 71  ASP A CG  1 
ATOM   392  O  OD1 . ASP A 1 53  ? 13.997  -1.150  -7.222  1.00 21.00 ? 71  ASP A OD1 1 
ATOM   393  O  OD2 . ASP A 1 53  ? 15.695  -1.133  -8.565  1.00 21.00 ? 71  ASP A OD2 1 
ATOM   394  N  N   . ASN A 1 54  ? 12.977  -1.449  -11.284 1.00 12.66 ? 72  ASN A N   1 
ATOM   395  C  CA  . ASN A 1 54  ? 12.657  -0.498  -12.360 1.00 12.66 ? 72  ASN A CA  1 
ATOM   396  C  C   . ASN A 1 54  ? 11.419  -0.958  -13.138 1.00 12.66 ? 72  ASN A C   1 
ATOM   397  O  O   . ASN A 1 54  ? 11.469  -2.035  -13.776 1.00 12.66 ? 72  ASN A O   1 
ATOM   398  C  CB  . ASN A 1 54  ? 13.873  -0.423  -13.308 1.00 12.66 ? 72  ASN A CB  1 
ATOM   399  C  CG  . ASN A 1 54  ? 13.694  0.685   -14.376 1.00 16.37 ? 72  ASN A CG  1 
ATOM   400  O  OD1 . ASN A 1 54  ? 12.588  0.978   -14.862 1.00 16.37 ? 72  ASN A OD1 1 
ATOM   401  N  ND2 . ASN A 1 54  ? 14.752  1.387   -14.680 1.00 16.37 ? 72  ASN A ND2 1 
ATOM   402  N  N   . ILE A 1 55  ? 10.323  -0.230  -13.074 1.00 14.87 ? 73  ILE A N   1 
ATOM   403  C  CA  . ILE A 1 55  ? 9.089   -0.708  -13.652 1.00 14.87 ? 73  ILE A CA  1 
ATOM   404  C  C   . ILE A 1 55  ? 9.042   -0.562  -15.171 1.00 14.87 ? 73  ILE A C   1 
ATOM   405  O  O   . ILE A 1 55  ? 8.086   -1.067  -15.826 1.00 14.87 ? 73  ILE A O   1 
ATOM   406  C  CB  . ILE A 1 55  ? 7.820   -0.044  -13.035 1.00 14.87 ? 73  ILE A CB  1 
ATOM   407  C  CG1 . ILE A 1 55  ? 7.881   1.490   -13.061 1.00 17.62 ? 73  ILE A CG1 1 
ATOM   408  C  CG2 . ILE A 1 55  ? 7.483   -0.660  -11.648 1.00 17.62 ? 73  ILE A CG2 1 
ATOM   409  C  CD1 . ILE A 1 55  ? 6.475   2.027   -12.697 1.00 17.62 ? 73  ILE A CD1 1 
ATOM   410  N  N   . ASN A 1 56  ? 10.050  0.103   -15.671 1.00 16.74 ? 74  ASN A N   1 
ATOM   411  C  CA  . ASN A 1 56  ? 10.138  0.357   -17.111 1.00 16.74 ? 74  ASN A CA  1 
ATOM   412  C  C   . ASN A 1 56  ? 11.120  -0.526  -17.851 1.00 16.74 ? 74  ASN A C   1 
ATOM   413  O  O   . ASN A 1 56  ? 11.054  -0.523  -19.089 1.00 16.74 ? 74  ASN A O   1 
ATOM   414  C  CB  . ASN A 1 56  ? 10.454  1.817   -17.379 1.00 16.74 ? 74  ASN A CB  1 
ATOM   415  C  CG  . ASN A 1 56  ? 9.135   2.555   -17.079 1.00 27.34 ? 74  ASN A CG  1 
ATOM   416  O  OD1 . ASN A 1 56  ? 8.041   2.149   -17.570 1.00 27.34 ? 74  ASN A OD1 1 
ATOM   417  N  ND2 . ASN A 1 56  ? 9.230   3.467   -16.133 1.00 27.34 ? 74  ASN A ND2 1 
ATOM   418  N  N   . VAL A 1 57  ? 11.966  -1.251  -17.169 1.00 15.69 ? 75  VAL A N   1 
ATOM   419  C  CA  . VAL A 1 57  ? 12.909  -2.162  -17.828 1.00 15.69 ? 75  VAL A CA  1 
ATOM   420  C  C   . VAL A 1 57  ? 12.747  -3.582  -17.284 1.00 15.69 ? 75  VAL A C   1 
ATOM   421  O  O   . VAL A 1 57  ? 12.590  -3.706  -16.047 1.00 15.69 ? 75  VAL A O   1 
ATOM   422  C  CB  . VAL A 1 57  ? 14.326  -1.682  -17.458 1.00 15.69 ? 75  VAL A CB  1 
ATOM   423  C  CG1 . VAL A 1 57  ? 15.362  -2.670  -18.087 1.00 17.07 ? 75  VAL A CG1 1 
ATOM   424  C  CG2 . VAL A 1 57  ? 14.511  -0.255  -17.964 1.00 17.07 ? 75  VAL A CG2 1 
ATOM   425  N  N   . VAL A 1 58  ? 12.865  -4.599  -18.103 1.00 20.13 ? 76  VAL A N   1 
ATOM   426  C  CA  . VAL A 1 58  ? 12.962  -5.961  -17.590 1.00 20.13 ? 76  VAL A CA  1 
ATOM   427  C  C   . VAL A 1 58  ? 14.416  -6.198  -17.206 1.00 20.13 ? 76  VAL A C   1 
ATOM   428  O  O   . VAL A 1 58  ? 15.288  -6.212  -18.113 1.00 20.13 ? 76  VAL A O   1 
ATOM   429  C  CB  . VAL A 1 58  ? 12.504  -7.024  -18.644 1.00 20.13 ? 76  VAL A CB  1 
ATOM   430  C  CG1 . VAL A 1 58  ? 12.692  -8.482  -18.129 1.00 15.26 ? 76  VAL A CG1 1 
ATOM   431  C  CG2 . VAL A 1 58  ? 11.042  -6.727  -19.026 1.00 15.26 ? 76  VAL A CG2 1 
ATOM   432  N  N   . GLU A 1 59  ? 14.622  -6.385  -15.921 1.00 16.47 ? 77  GLU A N   1 
ATOM   433  C  CA  . GLU A 1 59  ? 15.977  -6.539  -15.332 1.00 16.47 ? 77  GLU A CA  1 
ATOM   434  C  C   . GLU A 1 59  ? 16.373  -7.948  -14.896 1.00 16.47 ? 77  GLU A C   1 
ATOM   435  O  O   . GLU A 1 59  ? 17.575  -8.211  -14.652 1.00 16.47 ? 77  GLU A O   1 
ATOM   436  C  CB  . GLU A 1 59  ? 16.152  -5.594  -14.121 1.00 16.47 ? 77  GLU A CB  1 
ATOM   437  C  CG  . GLU A 1 59  ? 15.746  -4.175  -14.437 1.00 27.81 ? 77  GLU A CG  1 
ATOM   438  C  CD  . GLU A 1 59  ? 16.017  -3.289  -13.206 1.00 27.81 ? 77  GLU A CD  1 
ATOM   439  O  OE1 . GLU A 1 59  ? 15.253  -3.325  -12.239 1.00 27.81 ? 77  GLU A OE1 1 
ATOM   440  O  OE2 . GLU A 1 59  ? 17.150  -2.821  -12.997 1.00 27.81 ? 77  GLU A OE2 1 
ATOM   441  N  N   . GLY A 1 60  ? 15.425  -8.790  -14.700 1.00 19.09 ? 78  GLY A N   1 
ATOM   442  C  CA  . GLY A 1 60  ? 15.512  -10.083 -14.004 1.00 19.09 ? 78  GLY A CA  1 
ATOM   443  C  C   . GLY A 1 60  ? 14.625  -10.053 -12.762 1.00 19.09 ? 78  GLY A C   1 
ATOM   444  O  O   . GLY A 1 60  ? 14.127  -8.996  -12.369 1.00 19.09 ? 78  GLY A O   1 
ATOM   445  N  N   . ASN A 1 61  ? 14.433  -11.228 -12.201 1.00 18.73 ? 79  ASN A N   1 
ATOM   446  C  CA  . ASN A 1 61  ? 13.635  -11.426 -10.970 1.00 18.73 ? 79  ASN A CA  1 
ATOM   447  C  C   . ASN A 1 61  ? 12.171  -10.909 -11.053 1.00 18.73 ? 79  ASN A C   1 
ATOM   448  O  O   . ASN A 1 61  ? 11.508  -10.697 -10.031 1.00 18.73 ? 79  ASN A O   1 
ATOM   449  C  CB  . ASN A 1 61  ? 14.241  -10.665 -9.782  1.00 18.73 ? 79  ASN A CB  1 
ATOM   450  C  CG  . ASN A 1 61  ? 15.695  -11.035 -9.475  1.00 28.72 ? 79  ASN A CG  1 
ATOM   451  O  OD1 . ASN A 1 61  ? 15.993  -12.197 -9.203  1.00 28.72 ? 79  ASN A OD1 1 
ATOM   452  N  ND2 . ASN A 1 61  ? 16.627  -10.097 -9.501  1.00 28.72 ? 79  ASN A ND2 1 
ATOM   453  N  N   . GLU A 1 62  ? 11.624  -10.679 -12.240 1.00 15.24 ? 80  GLU A N   1 
ATOM   454  C  CA  . GLU A 1 62  ? 10.208  -10.227 -12.329 1.00 15.24 ? 80  GLU A CA  1 
ATOM   455  C  C   . GLU A 1 62  ? 9.304   -11.441 -12.512 1.00 15.24 ? 80  GLU A C   1 
ATOM   456  O  O   . GLU A 1 62  ? 9.641   -12.361 -13.274 1.00 15.24 ? 80  GLU A O   1 
ATOM   457  C  CB  . GLU A 1 62  ? 9.968   -9.290  -13.514 1.00 15.24 ? 80  GLU A CB  1 
ATOM   458  C  CG  . GLU A 1 62  ? 10.538  -7.888  -13.316 1.00 17.16 ? 80  GLU A CG  1 
ATOM   459  C  CD  . GLU A 1 62  ? 11.834  -7.697  -14.090 1.00 17.16 ? 80  GLU A CD  1 
ATOM   460  O  OE1 . GLU A 1 62  ? 12.484  -8.732  -14.498 1.00 17.16 ? 80  GLU A OE1 1 
ATOM   461  O  OE2 . GLU A 1 62  ? 12.278  -6.515  -14.328 1.00 17.16 ? 80  GLU A OE2 1 
ATOM   462  N  N   . GLN A 1 63  ? 8.168   -11.418 -11.952 1.00 12.16 ? 81  GLN A N   1 
ATOM   463  C  CA  . GLN A 1 63  ? 7.132   -12.394 -12.355 1.00 12.16 ? 81  GLN A CA  1 
ATOM   464  C  C   . GLN A 1 63  ? 5.857   -11.626 -12.634 1.00 12.16 ? 81  GLN A C   1 
ATOM   465  O  O   . GLN A 1 63  ? 5.479   -10.771 -11.782 1.00 12.16 ? 81  GLN A O   1 
ATOM   466  C  CB  . GLN A 1 63  ? 6.810   -13.388 -11.199 1.00 12.16 ? 81  GLN A CB  1 
ATOM   467  C  CG  . GLN A 1 63  ? 8.038   -14.288 -10.841 1.00 13.96 ? 81  GLN A CG  1 
ATOM   468  C  CD  . GLN A 1 63  ? 7.809   -15.147 -9.582  1.00 13.96 ? 81  GLN A CD  1 
ATOM   469  O  OE1 . GLN A 1 63  ? 8.618   -14.940 -8.635  1.00 13.96 ? 81  GLN A OE1 1 
ATOM   470  N  NE2 . GLN A 1 63  ? 6.588   -15.633 -9.400  1.00 13.96 ? 81  GLN A NE2 1 
ATOM   471  N  N   . PHE A 1 64  ? 5.331   -11.809 -13.839 1.00 9.75  ? 82  PHE A N   1 
ATOM   472  C  CA  . PHE A 1 64  ? 4.052   -11.159 -14.266 1.00 9.75  ? 82  PHE A CA  1 
ATOM   473  C  C   . PHE A 1 64  ? 2.883   -12.146 -14.238 1.00 9.75  ? 82  PHE A C   1 
ATOM   474  O  O   . PHE A 1 64  ? 2.988   -13.249 -14.795 1.00 9.75  ? 82  PHE A O   1 
ATOM   475  C  CB  . PHE A 1 64  ? 4.058   -10.575 -15.711 1.00 9.75  ? 82  PHE A CB  1 
ATOM   476  C  CG  . PHE A 1 64  ? 5.090   -9.456  -15.922 1.00 16.58 ? 82  PHE A CG  1 
ATOM   477  C  CD1 . PHE A 1 64  ? 5.365   -8.994  -17.202 1.00 16.58 ? 82  PHE A CD1 1 
ATOM   478  C  CD2 . PHE A 1 64  ? 5.775   -8.911  -14.826 1.00 16.58 ? 82  PHE A CD2 1 
ATOM   479  C  CE1 . PHE A 1 64  ? 6.318   -7.980  -17.376 1.00 16.58 ? 82  PHE A CE1 1 
ATOM   480  C  CE2 . PHE A 1 64  ? 6.743   -7.914  -14.996 1.00 16.58 ? 82  PHE A CE2 1 
ATOM   481  C  CZ  . PHE A 1 64  ? 7.013   -7.429  -16.275 1.00 16.58 ? 82  PHE A CZ  1 
ATOM   482  N  N   . ILE A 1 65  ? 1.893   -11.928 -13.417 1.00 10.56 ? 83  ILE A N   1 
ATOM   483  C  CA  . ILE A 1 65  ? 0.835   -12.875 -13.203 1.00 10.56 ? 83  ILE A CA  1 
ATOM   484  C  C   . ILE A 1 65  ? -0.503  -12.145 -13.304 1.00 10.56 ? 83  ILE A C   1 
ATOM   485  O  O   . ILE A 1 65  ? -0.725  -11.118 -12.645 1.00 10.56 ? 83  ILE A O   1 
ATOM   486  C  CB  . ILE A 1 65  ? 0.987   -13.697 -11.900 1.00 10.56 ? 83  ILE A CB  1 
ATOM   487  C  CG1 . ILE A 1 65  ? 2.390   -14.360 -11.792 1.00 14.06 ? 83  ILE A CG1 1 
ATOM   488  C  CG2 . ILE A 1 65  ? -0.128  -14.791 -11.768 1.00 14.06 ? 83  ILE A CG2 1 
ATOM   489  C  CD1 . ILE A 1 65  ? 2.637   -15.091 -10.453 1.00 14.06 ? 83  ILE A CD1 1 
ATOM   490  N  N   . SER A 1 66  ? -1.396  -12.631 -14.120 1.00 13.78 ? 84  SER A N   1 
ATOM   491  C  CA  . SER A 1 66  ? -2.752  -12.089 -14.143 1.00 13.78 ? 84  SER A CA  1 
ATOM   492  C  C   . SER A 1 66  ? -3.519  -12.271 -12.837 1.00 13.78 ? 84  SER A C   1 
ATOM   493  O  O   . SER A 1 66  ? -3.477  -13.336 -12.206 1.00 13.78 ? 84  SER A O   1 
ATOM   494  C  CB  . SER A 1 66  ? -3.569  -12.721 -15.313 1.00 13.78 ? 84  SER A CB  1 
ATOM   495  O  OG  . SER A 1 66  ? -2.896  -12.259 -16.479 1.00 28.78 ? 84  SER A OG  1 
ATOM   496  N  N   . ALA A 1 67  ? -4.319  -11.278 -12.509 1.00 17.96 ? 85  ALA A N   1 
ATOM   497  C  CA  . ALA A 1 67  ? -5.324  -11.487 -11.465 1.00 17.96 ? 85  ALA A CA  1 
ATOM   498  C  C   . ALA A 1 67  ? -6.480  -12.384 -11.960 1.00 17.96 ? 85  ALA A C   1 
ATOM   499  O  O   . ALA A 1 67  ? -7.034  -12.155 -13.071 1.00 17.96 ? 85  ALA A O   1 
ATOM   500  C  CB  . ALA A 1 67  ? -5.829  -10.051 -11.133 1.00 17.96 ? 85  ALA A CB  1 
ATOM   501  N  N   . SER A 1 68  ? -6.901  -13.269 -11.125 1.00 17.96 ? 86  SER A N   1 
ATOM   502  C  CA  . SER A 1 68  ? -7.977  -14.238 -11.388 1.00 17.96 ? 86  SER A CA  1 
ATOM   503  C  C   . SER A 1 68  ? -9.316  -13.713 -10.841 1.00 17.96 ? 86  SER A C   1 
ATOM   504  O  O   . SER A 1 68  ? -10.346 -13.756 -11.530 1.00 17.96 ? 86  SER A O   1 
ATOM   505  C  CB  . SER A 1 68  ? -7.665  -15.570 -10.708 1.00 17.96 ? 86  SER A CB  1 
ATOM   506  O  OG  . SER A 1 68  ? -8.812  -16.406 -10.731 1.00 43.47 ? 86  SER A OG  1 
ATOM   507  N  N   . LYS A 1 69  ? -9.228  -13.246 -9.599  1.00 20.57 ? 87  LYS A N   1 
ATOM   508  C  CA  . LYS A 1 69  ? -10.356 -12.670 -8.818  1.00 20.57 ? 87  LYS A CA  1 
ATOM   509  C  C   . LYS A 1 69  ? -9.901  -11.370 -8.140  1.00 20.57 ? 87  LYS A C   1 
ATOM   510  O  O   . LYS A 1 69  ? -8.774  -11.275 -7.633  1.00 20.57 ? 87  LYS A O   1 
ATOM   511  C  CB  . LYS A 1 69  ? -10.687 -13.558 -7.583  1.00 20.57 ? 87  LYS A CB  1 
ATOM   512  C  CG  . LYS A 1 69  ? -11.561 -14.790 -7.862  1.00 47.75 ? 87  LYS A CG  1 
ATOM   513  C  CD  . LYS A 1 69  ? -11.054 -16.053 -7.144  1.00 47.75 ? 87  LYS A CD  1 
ATOM   514  C  CE  . LYS A 1 69  ? -12.150 -16.790 -6.372  1.00 47.75 ? 87  LYS A CE  1 
ATOM   515  N  NZ  . LYS A 1 69  ? -13.418 -16.048 -6.323  1.00 47.75 ? 87  LYS A NZ  1 
ATOM   516  N  N   . SER A 1 70  ? -10.752 -10.367 -8.104  1.00 16.42 ? 88  SER A N   1 
ATOM   517  C  CA  . SER A 1 70  ? -10.419 -9.110  -7.395  1.00 16.42 ? 88  SER A CA  1 
ATOM   518  C  C   . SER A 1 70  ? -11.576 -8.707  -6.486  1.00 16.42 ? 88  SER A C   1 
ATOM   519  O  O   . SER A 1 70  ? -12.751 -8.941  -6.807  1.00 16.42 ? 88  SER A O   1 
ATOM   520  C  CB  . SER A 1 70  ? -10.163 -7.986  -8.400  1.00 16.42 ? 88  SER A CB  1 
ATOM   521  O  OG  . SER A 1 70  ? -8.843  -8.086  -8.916  1.00 35.85 ? 88  SER A OG  1 
ATOM   522  N  N   . ILE A 1 71  ? -11.335 -8.865  -5.137  1.00 9.97  ? 89  ILE A N   1 
ATOM   523  C  CA  . ILE A 1 71  ? -12.397 -8.889  -4.114  1.00 9.97  ? 89  ILE A CA  1 
ATOM   524  C  C   . ILE A 1 71  ? -12.417 -7.607  -3.309  1.00 9.97  ? 89  ILE A C   1 
ATOM   525  O  O   . ILE A 1 71  ? -11.575 -7.461  -2.389  1.00 9.97  ? 89  ILE A O   1 
ATOM   526  C  CB  . ILE A 1 71  ? -12.391 -10.149 -3.228  1.00 9.97  ? 89  ILE A CB  1 
ATOM   527  C  CG1 . ILE A 1 71  ? -12.450 -11.467 -4.060  1.00 13.23 ? 89  ILE A CG1 1 
ATOM   528  C  CG2 . ILE A 1 71  ? -13.494 -10.162 -2.111  1.00 13.23 ? 89  ILE A CG2 1 
ATOM   529  C  CD1 . ILE A 1 71  ? -12.225 -12.767 -3.242  1.00 13.23 ? 89  ILE A CD1 1 
ATOM   530  N  N   . VAL A 1 72  ? -13.280 -6.684  -3.715  1.00 12.37 ? 90  VAL A N   1 
ATOM   531  C  CA  . VAL A 1 72  ? -13.422 -5.408  -3.028  1.00 12.37 ? 90  VAL A CA  1 
ATOM   532  C  C   . VAL A 1 72  ? -14.154 -5.627  -1.727  1.00 12.37 ? 90  VAL A C   1 
ATOM   533  O  O   . VAL A 1 72  ? -15.065 -6.456  -1.700  1.00 12.37 ? 90  VAL A O   1 
ATOM   534  C  CB  . VAL A 1 72  ? -14.123 -4.370  -3.929  1.00 12.37 ? 90  VAL A CB  1 
ATOM   535  C  CG1 . VAL A 1 72  ? -14.507 -3.076  -3.195  1.00 11.16 ? 90  VAL A CG1 1 
ATOM   536  C  CG2 . VAL A 1 72  ? -13.178 -4.009  -5.123  1.00 11.16 ? 90  VAL A CG2 1 
ATOM   537  N  N   . HIS A 1 73  ? -13.746 -5.063  -0.623  1.00 11.90 ? 91  HIS A N   1 
ATOM   538  C  CA  . HIS A 1 73  ? -14.525 -5.260  0.610   1.00 11.90 ? 91  HIS A CA  1 
ATOM   539  C  C   . HIS A 1 73  ? -15.994 -4.869  0.406   1.00 11.90 ? 91  HIS A C   1 
ATOM   540  O  O   . HIS A 1 73  ? -16.262 -3.819  -0.220  1.00 11.90 ? 91  HIS A O   1 
ATOM   541  C  CB  . HIS A 1 73  ? -13.917 -4.318  1.669   1.00 11.90 ? 91  HIS A CB  1 
ATOM   542  C  CG  . HIS A 1 73  ? -14.453 -4.691  3.048   1.00 12.27 ? 91  HIS A CG  1 
ATOM   543  N  ND1 . HIS A 1 73  ? -15.740 -4.298  3.457   1.00 12.27 ? 91  HIS A ND1 1 
ATOM   544  C  CD2 . HIS A 1 73  ? -13.851 -5.448  4.010   1.00 12.27 ? 91  HIS A CD2 1 
ATOM   545  C  CE1 . HIS A 1 73  ? -15.921 -4.861  4.720   1.00 12.27 ? 91  HIS A CE1 1 
ATOM   546  N  NE2 . HIS A 1 73  ? -14.747 -5.598  5.078   1.00 12.27 ? 91  HIS A NE2 1 
ATOM   547  N  N   . PRO A 1 74  ? -16.949 -5.712  0.793   1.00 11.37 ? 92  PRO A N   1 
ATOM   548  C  CA  . PRO A 1 74  ? -18.363 -5.416  0.493   1.00 11.37 ? 92  PRO A CA  1 
ATOM   549  C  C   . PRO A 1 74  ? -18.907 -4.115  1.071   1.00 11.37 ? 92  PRO A C   1 
ATOM   550  O  O   . PRO A 1 74  ? -19.875 -3.545  0.551   1.00 11.37 ? 92  PRO A O   1 
ATOM   551  C  CB  . PRO A 1 74  ? -19.140 -6.593  1.109   1.00 11.37 ? 92  PRO A CB  1 
ATOM   552  C  CG  . PRO A 1 74  ? -18.135 -7.663  1.546   1.00 18.99 ? 92  PRO A CG  1 
ATOM   553  C  CD  . PRO A 1 74  ? -16.738 -7.058  1.429   1.00 18.99 ? 92  PRO A CD  1 
ATOM   554  N  N   . SER A 1 75  ? -18.259 -3.576  2.079   1.00 13.39 ? 93  SER A N   1 
ATOM   555  C  CA  . SER A 1 75  ? -18.688 -2.351  2.687   1.00 13.39 ? 93  SER A CA  1 
ATOM   556  C  C   . SER A 1 75  ? -17.825 -1.134  2.348   1.00 13.39 ? 93  SER A C   1 
ATOM   557  O  O   . SER A 1 75  ? -17.997 -0.015  2.919   1.00 13.39 ? 93  SER A O   1 
ATOM   558  C  CB  . SER A 1 75  ? -18.635 -2.612  4.188   1.00 13.39 ? 93  SER A CB  1 
ATOM   559  O  OG  . SER A 1 75  ? -19.795 -3.380  4.511   1.00 22.27 ? 93  SER A OG  1 
ATOM   560  N  N   . TYR A 1 76  ? -17.048 -1.300  1.312   1.00 14.41 ? 94  TYR A N   1 
ATOM   561  C  CA  . TYR A 1 76  ? -16.266 -0.181  0.769   1.00 14.41 ? 94  TYR A CA  1 
ATOM   562  C  C   . TYR A 1 76  ? -17.189 0.977   0.383   1.00 14.41 ? 94  TYR A C   1 
ATOM   563  O  O   . TYR A 1 76  ? -18.225 0.742   -0.297  1.00 14.41 ? 94  TYR A O   1 
ATOM   564  C  CB  . TYR A 1 76  ? -15.499 -0.688  -0.464  1.00 14.41 ? 94  TYR A CB  1 
ATOM   565  C  CG  . TYR A 1 76  ? -14.826 0.467   -1.248  1.00 15.78 ? 94  TYR A CG  1 
ATOM   566  C  CD1 . TYR A 1 76  ? -15.164 0.655   -2.582  1.00 15.78 ? 94  TYR A CD1 1 
ATOM   567  C  CD2 . TYR A 1 76  ? -13.911 1.319   -0.611  1.00 15.78 ? 94  TYR A CD2 1 
ATOM   568  C  CE1 . TYR A 1 76  ? -14.602 1.694   -3.297  1.00 15.78 ? 94  TYR A CE1 1 
ATOM   569  C  CE2 . TYR A 1 76  ? -13.329 2.388   -1.304  1.00 15.78 ? 94  TYR A CE2 1 
ATOM   570  C  CZ  . TYR A 1 76  ? -13.692 2.573   -2.650  1.00 15.78 ? 94  TYR A CZ  1 
ATOM   571  O  OH  . TYR A 1 76  ? -13.063 3.610   -3.396  1.00 15.78 ? 94  TYR A OH  1 
ATOM   572  N  N   . ASN A 1 77  ? -16.911 2.159   0.869   1.00 15.56 ? 95  ASN A N   1 
ATOM   573  C  CA  . ASN A 1 77  ? -17.631 3.346   0.454   1.00 15.56 ? 95  ASN A CA  1 
ATOM   574  C  C   . ASN A 1 77  ? -16.702 4.287   -0.283  1.00 15.56 ? 95  ASN A C   1 
ATOM   575  O  O   . ASN A 1 77  ? -15.740 4.836   0.321   1.00 15.56 ? 95  ASN A O   1 
ATOM   576  C  CB  . ASN A 1 77  ? -18.043 4.050   1.750   1.00 15.56 ? 95  ASN A CB  1 
ATOM   577  C  CG  . ASN A 1 77  ? -18.868 5.312   1.450   1.00 26.25 ? 95  ASN A CG  1 
ATOM   578  O  OD1 . ASN A 1 77  ? -18.603 6.099   0.512   1.00 26.25 ? 95  ASN A OD1 1 
ATOM   579  N  ND2 . ASN A 1 77  ? -19.894 5.445   2.240   1.00 26.25 ? 95  ASN A ND2 1 
ATOM   580  N  N   . SER A 1 78  ? -16.997 4.520   -1.544  1.00 19.52 ? 96  SER A N   1 
ATOM   581  C  CA  . SER A 1 78  ? -16.057 5.294   -2.349  1.00 19.52 ? 96  SER A CA  1 
ATOM   582  C  C   . SER A 1 78  ? -16.144 6.787   -2.109  1.00 19.52 ? 96  SER A C   1 
ATOM   583  O  O   . SER A 1 78  ? -15.251 7.534   -2.553  1.00 19.52 ? 96  SER A O   1 
ATOM   584  C  CB  . SER A 1 78  ? -16.333 5.021   -3.829  1.00 19.52 ? 96  SER A CB  1 
ATOM   585  O  OG  . SER A 1 78  ? -17.710 5.349   -4.121  1.00 30.20 ? 96  SER A OG  1 
ATOM   586  N  N   . ASN A 1 79  ? -17.076 7.220   -1.311  1.00 22.97 ? 97  ASN A N   1 
ATOM   587  C  CA  . ASN A 1 79  ? -17.140 8.659   -1.002  1.00 22.97 ? 97  ASN A CA  1 
ATOM   588  C  C   . ASN A 1 79  ? -16.356 9.027   0.237   1.00 22.97 ? 97  ASN A C   1 
ATOM   589  O  O   . ASN A 1 79  ? -15.638 10.054  0.245   1.00 22.97 ? 97  ASN A O   1 
ATOM   590  C  CB  . ASN A 1 79  ? -18.598 9.099   -0.766  1.00 22.97 ? 97  ASN A CB  1 
ATOM   591  C  CG  . ASN A 1 79  ? -19.275 9.177   -2.134  1.00 46.93 ? 97  ASN A CG  1 
ATOM   592  O  OD1 . ASN A 1 79  ? -20.451 8.760   -2.256  1.00 46.93 ? 97  ASN A OD1 1 
ATOM   593  N  ND2 . ASN A 1 79  ? -18.436 9.286   -3.154  1.00 46.93 ? 97  ASN A ND2 1 
ATOM   594  N  N   . THR A 1 80  ? -16.340 8.109   1.149   1.00 19.81 ? 98  THR A N   1 
ATOM   595  C  CA  . THR A 1 80  ? -15.552 8.281   2.364   1.00 19.81 ? 98  THR A CA  1 
ATOM   596  C  C   . THR A 1 80  ? -14.219 7.563   2.368   1.00 19.81 ? 98  THR A C   1 
ATOM   597  O  O   . THR A 1 80  ? -13.397 7.863   3.276   1.00 19.81 ? 98  THR A O   1 
ATOM   598  C  CB  . THR A 1 80  ? -16.377 7.835   3.600   1.00 19.81 ? 98  THR A CB  1 
ATOM   599  O  OG1 . THR A 1 80  ? -16.647 6.413   3.584   1.00 19.68 ? 98  THR A OG1 1 
ATOM   600  C  CG2 . THR A 1 80  ? -17.684 8.651   3.728   1.00 19.68 ? 98  THR A CG2 1 
ATOM   601  N  N   . LEU A 1 81  ? -14.056 6.532   1.515   1.00 15.27 ? 99  LEU A N   1 
ATOM   602  C  CA  . LEU A 1 81  ? -12.887 5.611   1.514   1.00 15.27 ? 99  LEU A CA  1 
ATOM   603  C  C   . LEU A 1 81  ? -12.809 4.809   2.820   1.00 15.27 ? 99  LEU A C   1 
ATOM   604  O  O   . LEU A 1 81  ? -11.801 4.138   3.096   1.00 15.27 ? 99  LEU A O   1 
ATOM   605  C  CB  . LEU A 1 81  ? -11.536 6.327   1.243   1.00 15.27 ? 99  LEU A CB  1 
ATOM   606  C  CG  . LEU A 1 81  ? -11.470 6.934   -0.178  1.00 27.23 ? 99  LEU A CG  1 
ATOM   607  C  CD1 . LEU A 1 81  ? -10.071 7.509   -0.478  1.00 27.23 ? 99  LEU A CD1 1 
ATOM   608  C  CD2 . LEU A 1 81  ? -11.819 5.945   -1.292  1.00 27.23 ? 99  LEU A CD2 1 
ATOM   609  N  N   . ASN A 1 82  ? -13.906 4.701   3.497   1.00 14.25 ? 100 ASN A N   1 
ATOM   610  C  CA  . ASN A 1 82  ? -14.000 3.741   4.615   1.00 14.25 ? 100 ASN A CA  1 
ATOM   611  C  C   . ASN A 1 82  ? -13.946 2.301   4.073   1.00 14.25 ? 100 ASN A C   1 
ATOM   612  O  O   . ASN A 1 82  ? -14.591 2.051   3.045   1.00 14.25 ? 100 ASN A O   1 
ATOM   613  C  CB  . ASN A 1 82  ? -15.313 3.990   5.423   1.00 14.25 ? 100 ASN A CB  1 
ATOM   614  C  CG  . ASN A 1 82  ? -15.318 3.203   6.729   1.00 15.10 ? 100 ASN A CG  1 
ATOM   615  O  OD1 . ASN A 1 82  ? -16.410 2.698   7.060   1.00 15.10 ? 100 ASN A OD1 1 
ATOM   616  N  ND2 . ASN A 1 82  ? -14.208 2.961   7.423   1.00 15.10 ? 100 ASN A ND2 1 
ATOM   617  N  N   . ASN A 1 83  ? -13.215 1.378   4.702   1.00 9.44  ? 101 ASN A N   1 
ATOM   618  C  CA  . ASN A 1 83  ? -13.058 -0.006  4.211   1.00 9.44  ? 101 ASN A CA  1 
ATOM   619  C  C   . ASN A 1 83  ? -12.308 -0.099  2.892   1.00 9.44  ? 101 ASN A C   1 
ATOM   620  O  O   . ASN A 1 83  ? -12.741 -0.852  1.974   1.00 9.44  ? 101 ASN A O   1 
ATOM   621  C  CB  . ASN A 1 83  ? -14.381 -0.840  4.110   1.00 9.44  ? 101 ASN A CB  1 
ATOM   622  C  CG  . ASN A 1 83  ? -15.150 -0.803  5.428   1.00 11.52 ? 101 ASN A CG  1 
ATOM   623  O  OD1 . ASN A 1 83  ? -16.259 -0.240  5.493   1.00 11.52 ? 101 ASN A OD1 1 
ATOM   624  N  ND2 . ASN A 1 83  ? -14.572 -1.241  6.476   1.00 11.52 ? 101 ASN A ND2 1 
ATOM   625  N  N   . ASP A 1 84  ? -11.269 0.742   2.802   1.00 9.51  ? 102 ASP A N   1 
ATOM   626  C  CA  . ASP A 1 84  ? -10.550 0.828   1.513   1.00 9.51  ? 102 ASP A CA  1 
ATOM   627  C  C   . ASP A 1 84  ? -9.526  -0.319  1.371   1.00 9.51  ? 102 ASP A C   1 
ATOM   628  O  O   . ASP A 1 84  ? -8.313  -0.167  1.635   1.00 9.51  ? 102 ASP A O   1 
ATOM   629  C  CB  . ASP A 1 84  ? -9.994  2.205   1.355   1.00 9.51  ? 102 ASP A CB  1 
ATOM   630  C  CG  . ASP A 1 84  ? -9.323  2.357   -0.004  1.00 10.84 ? 102 ASP A CG  1 
ATOM   631  O  OD1 . ASP A 1 84  ? -9.636  1.600   -0.961  1.00 10.84 ? 102 ASP A OD1 1 
ATOM   632  O  OD2 . ASP A 1 84  ? -8.556  3.328   -0.203  1.00 10.84 ? 102 ASP A OD2 1 
ATOM   633  N  N   . ILE A 1 85  ? -10.044 -1.529  1.095   1.00 8.89  ? 103 ILE A N   1 
ATOM   634  C  CA  . ILE A 1 85  ? -9.261  -2.755  1.079   1.00 8.89  ? 103 ILE A CA  1 
ATOM   635  C  C   . ILE A 1 85  ? -9.824  -3.735  0.025   1.00 8.89  ? 103 ILE A C   1 
ATOM   636  O  O   . ILE A 1 85  ? -11.076 -3.837  -0.140  1.00 8.89  ? 103 ILE A O   1 
ATOM   637  C  CB  . ILE A 1 85  ? -9.143  -3.377  2.542   1.00 8.89  ? 103 ILE A CB  1 
ATOM   638  C  CG1 . ILE A 1 85  ? -8.278  -4.670  2.570   1.00 11.66 ? 103 ILE A CG1 1 
ATOM   639  C  CG2 . ILE A 1 85  ? -10.534 -3.742  3.058   1.00 11.66 ? 103 ILE A CG2 1 
ATOM   640  C  CD1 . ILE A 1 85  ? -7.881  -5.074  4.018   1.00 11.66 ? 103 ILE A CD1 1 
ATOM   641  N  N   . MET A 1 86  ? -8.916  -4.375  -0.704  1.00 10.12 ? 104 MET A N   1 
ATOM   642  C  CA  . MET A 1 86  ? -9.239  -5.334  -1.785  1.00 10.12 ? 104 MET A CA  1 
ATOM   643  C  C   . MET A 1 86  ? -8.257  -6.485  -1.704  1.00 10.12 ? 104 MET A C   1 
ATOM   644  O  O   . MET A 1 86  ? -7.044  -6.214  -1.476  1.00 10.12 ? 104 MET A O   1 
ATOM   645  C  CB  . MET A 1 86  ? -9.006  -4.573  -3.094  1.00 10.12 ? 104 MET A CB  1 
ATOM   646  C  CG  . MET A 1 86  ? -9.177  -5.437  -4.323  1.00 19.99 ? 104 MET A CG  1 
ATOM   647  S  SD  . MET A 1 86  ? -9.236  -4.395  -5.794  1.00 19.99 ? 104 MET A SD  1 
ATOM   648  C  CE  . MET A 1 86  ? -7.579  -3.743  -5.849  1.00 19.99 ? 104 MET A CE  1 
ATOM   649  N  N   . LEU A 1 87  ? -8.765  -7.695  -1.933  1.00 9.31  ? 105 LEU A N   1 
ATOM   650  C  CA  . LEU A 1 87  ? -7.863  -8.840  -2.076  1.00 9.31  ? 105 LEU A CA  1 
ATOM   651  C  C   . LEU A 1 87  ? -7.791  -9.183  -3.569  1.00 9.31  ? 105 LEU A C   1 
ATOM   652  O  O   . LEU A 1 87  ? -8.822  -9.131  -4.285  1.00 9.31  ? 105 LEU A O   1 
ATOM   653  C  CB  . LEU A 1 87  ? -8.423  -10.107 -1.365  1.00 9.31  ? 105 LEU A CB  1 
ATOM   654  C  CG  . LEU A 1 87  ? -8.135  -10.315 0.108   1.00 20.34 ? 105 LEU A CG  1 
ATOM   655  C  CD1 . LEU A 1 87  ? -7.145  -9.351  0.752   1.00 20.34 ? 105 LEU A CD1 1 
ATOM   656  C  CD2 . LEU A 1 87  ? -9.223  -10.987 1.002   1.00 20.34 ? 105 LEU A CD2 1 
ATOM   657  N  N   . ILE A 1 88  ? -6.671  -9.651  -4.023  1.00 10.63 ? 106 ILE A N   1 
ATOM   658  C  CA  . ILE A 1 88  ? -6.588  -10.075 -5.416  1.00 10.63 ? 106 ILE A CA  1 
ATOM   659  C  C   . ILE A 1 88  ? -5.997  -11.461 -5.414  1.00 10.63 ? 106 ILE A C   1 
ATOM   660  O  O   . ILE A 1 88  ? -4.953  -11.605 -4.760  1.00 10.63 ? 106 ILE A O   1 
ATOM   661  C  CB  . ILE A 1 88  ? -5.621  -9.149  -6.240  1.00 10.63 ? 106 ILE A CB  1 
ATOM   662  C  CG1 . ILE A 1 88  ? -6.081  -7.677  -6.268  1.00 15.16 ? 106 ILE A CG1 1 
ATOM   663  C  CG2 . ILE A 1 88  ? -5.288  -9.706  -7.653  1.00 15.16 ? 106 ILE A CG2 1 
ATOM   664  C  CD1 . ILE A 1 88  ? -4.975  -6.770  -6.873  1.00 15.16 ? 106 ILE A CD1 1 
ATOM   665  N  N   . LYS A 1 89  ? -6.685  -12.414 -6.050  1.00 10.46 ? 107 LYS A N   1 
ATOM   666  C  CA  . LYS A 1 89  ? -6.174  -13.761 -6.209  1.00 10.46 ? 107 LYS A CA  1 
ATOM   667  C  C   . LYS A 1 89  ? -5.405  -13.934 -7.519  1.00 10.46 ? 107 LYS A C   1 
ATOM   668  O  O   . LYS A 1 89  ? -5.826  -13.443 -8.595  1.00 10.46 ? 107 LYS A O   1 
ATOM   669  C  CB  . LYS A 1 89  ? -7.368  -14.767 -6.153  1.00 10.46 ? 107 LYS A CB  1 
ATOM   670  C  CG  . LYS A 1 89  ? -6.790  -16.178 -5.982  1.00 22.61 ? 107 LYS A CG  1 
ATOM   671  C  CD  . LYS A 1 89  ? -7.891  -17.219 -5.933  1.00 22.61 ? 107 LYS A CD  1 
ATOM   672  C  CE  . LYS A 1 89  ? -7.171  -18.576 -5.791  1.00 22.61 ? 107 LYS A CE  1 
ATOM   673  N  NZ  . LYS A 1 89  ? -8.139  -19.663 -5.507  1.00 22.61 ? 107 LYS A NZ  1 
ATOM   674  N  N   . LEU A 1 90  ? -4.188  -14.407 -7.425  1.00 13.44 ? 108 LEU A N   1 
ATOM   675  C  CA  . LEU A 1 90  ? -3.396  -14.612 -8.626  1.00 13.44 ? 108 LEU A CA  1 
ATOM   676  C  C   . LEU A 1 90  ? -3.926  -15.826 -9.417  1.00 13.44 ? 108 LEU A C   1 
ATOM   677  O  O   . LEU A 1 90  ? -4.291  -16.837 -8.797  1.00 13.44 ? 108 LEU A O   1 
ATOM   678  C  CB  . LEU A 1 90  ? -1.928  -14.819 -8.217  1.00 13.44 ? 108 LEU A CB  1 
ATOM   679  C  CG  . LEU A 1 90  ? -1.362  -13.604 -7.464  1.00 15.10 ? 108 LEU A CG  1 
ATOM   680  C  CD1 . LEU A 1 90  ? 0.111   -13.878 -7.139  1.00 15.10 ? 108 LEU A CD1 1 
ATOM   681  C  CD2 . LEU A 1 90  ? -1.538  -12.349 -8.318  1.00 15.10 ? 108 LEU A CD2 1 
ATOM   682  N  N   . LYS A 1 91  ? -3.817  -15.802 -10.720 1.00 21.46 ? 109 LYS A N   1 
ATOM   683  C  CA  . LYS A 1 91  ? -4.213  -16.943 -11.617 1.00 21.46 ? 109 LYS A CA  1 
ATOM   684  C  C   . LYS A 1 91  ? -3.415  -18.213 -11.313 1.00 21.46 ? 109 LYS A C   1 
ATOM   685  O  O   . LYS A 1 91  ? -3.991  -19.317 -11.357 1.00 21.46 ? 109 LYS A O   1 
ATOM   686  C  CB  . LYS A 1 91  ? -3.924  -16.577 -13.094 1.00 21.46 ? 109 LYS A CB  1 
ATOM   687  C  CG  . LYS A 1 91  ? -5.054  -17.034 -14.022 1.00 45.02 ? 109 LYS A CG  1 
ATOM   688  C  CD  . LYS A 1 91  ? -6.013  -15.832 -14.180 1.00 45.02 ? 109 LYS A CD  1 
ATOM   689  C  CE  . LYS A 1 91  ? -5.795  -15.204 -15.564 1.00 45.02 ? 109 LYS A CE  1 
ATOM   690  N  NZ  . LYS A 1 91  ? -6.439  -13.891 -15.640 1.00 45.02 ? 109 LYS A NZ  1 
ATOM   691  N  N   . SER A 1 92  ? -2.132  -18.028 -11.004 1.00 13.45 ? 110 SER A N   1 
ATOM   692  C  CA  . SER A 1 92  ? -1.130  -19.047 -10.643 1.00 13.45 ? 110 SER A CA  1 
ATOM   693  C  C   . SER A 1 92  ? -0.352  -18.593 -9.404  1.00 13.45 ? 110 SER A C   1 
ATOM   694  O  O   . SER A 1 92  ? -0.159  -17.383 -9.235  1.00 13.45 ? 110 SER A O   1 
ATOM   695  C  CB  . SER A 1 92  ? -0.196  -19.139 -11.908 1.00 13.45 ? 110 SER A CB  1 
ATOM   696  O  OG  . SER A 1 92  ? 0.887   -20.040 -11.618 1.00 43.19 ? 110 SER A OG  1 
ATOM   697  N  N   . ALA A 1 93  ? 0.146   -19.479 -8.587  1.00 18.51 ? 111 ALA A N   1 
ATOM   698  C  CA  . ALA A 1 93  ? 0.994   -19.120 -7.463  1.00 18.51 ? 111 ALA A CA  1 
ATOM   699  C  C   . ALA A 1 93  ? 2.341   -18.534 -7.863  1.00 18.51 ? 111 ALA A C   1 
ATOM   700  O  O   . ALA A 1 93  ? 2.977   -18.944 -8.862  1.00 18.51 ? 111 ALA A O   1 
ATOM   701  C  CB  . ALA A 1 93  ? 1.180   -20.272 -6.443  1.00 18.51 ? 111 ALA A CB  1 
ATOM   702  N  N   . ALA A 1 94  ? 2.721   -17.469 -7.214  1.00 16.27 ? 112 ALA A N   1 
ATOM   703  C  CA  . ALA A 1 94  ? 4.040   -16.891 -7.468  1.00 16.27 ? 112 ALA A CA  1 
ATOM   704  C  C   . ALA A 1 94  ? 5.132   -17.857 -6.963  1.00 16.27 ? 112 ALA A C   1 
ATOM   705  O  O   . ALA A 1 94  ? 4.846   -18.719 -6.099  1.00 16.27 ? 112 ALA A O   1 
ATOM   706  C  CB  . ALA A 1 94  ? 4.158   -15.556 -6.708  1.00 16.27 ? 112 ALA A CB  1 
ATOM   707  N  N   . SER A 1 95  ? 6.318   -17.728 -7.508  1.00 20.36 ? 113 SER A N   1 
ATOM   708  C  CA  . SER A 1 95  ? 7.483   -18.494 -7.038  1.00 20.36 ? 113 SER A CA  1 
ATOM   709  C  C   . SER A 1 95  ? 8.231   -17.663 -6.022  1.00 20.36 ? 113 SER A C   1 
ATOM   710  O  O   . SER A 1 95  ? 8.843   -16.646 -6.397  1.00 20.36 ? 113 SER A O   1 
ATOM   711  C  CB  . SER A 1 95  ? 8.462   -18.931 -8.164  1.00 20.36 ? 113 SER A CB  1 
ATOM   712  O  OG  . SER A 1 95  ? 7.698   -19.709 -9.088  1.00 42.26 ? 113 SER A OG  1 
ATOM   713  N  N   . LEU A 1 96  ? 8.089   -18.024 -4.791  1.00 17.92 ? 114 LEU A N   1 
ATOM   714  C  CA  . LEU A 1 96  ? 8.697   -17.225 -3.707  1.00 17.92 ? 114 LEU A CA  1 
ATOM   715  C  C   . LEU A 1 96  ? 10.178  -17.559 -3.567  1.00 17.92 ? 114 LEU A C   1 
ATOM   716  O  O   . LEU A 1 96  ? 10.592  -18.718 -3.803  1.00 17.92 ? 114 LEU A O   1 
ATOM   717  C  CB  . LEU A 1 96  ? 7.917   -17.621 -2.429  1.00 17.92 ? 114 LEU A CB  1 
ATOM   718  C  CG  . LEU A 1 96  ? 6.665   -16.773 -2.122  1.00 29.02 ? 114 LEU A CG  1 
ATOM   719  C  CD1 . LEU A 1 96  ? 6.158   -15.819 -3.187  1.00 29.02 ? 114 LEU A CD1 1 
ATOM   720  C  CD2 . LEU A 1 96  ? 5.558   -17.566 -1.432  1.00 29.02 ? 114 LEU A CD2 1 
ATOM   721  N  N   . ASN A 1 97  ? 10.982  -16.546 -3.377  1.00 27.84 ? 115 ASN A N   1 
ATOM   722  C  CA  . ASN A 1 97  ? 12.431  -16.595 -3.264  1.00 27.84 ? 115 ASN A CA  1 
ATOM   723  C  C   . ASN A 1 97  ? 12.950  -15.424 -2.444  1.00 27.84 ? 115 ASN A C   1 
ATOM   724  O  O   . ASN A 1 97  ? 12.131  -14.718 -1.814  1.00 27.84 ? 115 ASN A O   1 
ATOM   725  C  CB  . ASN A 1 97  ? 13.119  -16.689 -4.638  1.00 27.84 ? 115 ASN A CB  1 
ATOM   726  C  CG  . ASN A 1 97  ? 12.651  -15.553 -5.545  1.00 38.30 ? 115 ASN A CG  1 
ATOM   727  O  OD1 . ASN A 1 97  ? 12.508  -14.404 -5.073  1.00 38.30 ? 115 ASN A OD1 1 
ATOM   728  N  ND2 . ASN A 1 97  ? 12.043  -15.954 -6.655  1.00 38.30 ? 115 ASN A ND2 1 
ATOM   729  N  N   . SER A 1 98  ? 14.226  -15.148 -2.505  1.00 29.22 ? 116 SER A N   1 
ATOM   730  C  CA  . SER A 1 98  ? 14.735  -14.035 -1.707  1.00 29.22 ? 116 SER A CA  1 
ATOM   731  C  C   . SER A 1 98  ? 14.262  -12.677 -2.206  1.00 29.22 ? 116 SER A C   1 
ATOM   732  O  O   . SER A 1 98  ? 14.121  -11.740 -1.395  1.00 29.22 ? 116 SER A O   1 
ATOM   733  C  CB  . SER A 1 98  ? 16.258  -14.036 -1.741  1.00 29.22 ? 116 SER A CB  1 
ATOM   734  O  OG  . SER A 1 98  ? 16.636  -13.705 -3.081  1.00 40.28 ? 116 SER A OG  1 
ATOM   735  N  N   . ARG A 1 99  ? 13.926  -12.642 -3.476  1.00 20.93 ? 117 ARG A N   1 
ATOM   736  C  CA  . ARG A 1 99  ? 13.425  -11.451 -4.132  1.00 20.93 ? 117 ARG A CA  1 
ATOM   737  C  C   . ARG A 1 99  ? 11.908  -11.272 -4.115  1.00 20.93 ? 117 ARG A C   1 
ATOM   738  O  O   . ARG A 1 99  ? 11.377  -10.195 -4.469  1.00 20.93 ? 117 ARG A O   1 
ATOM   739  C  CB  . ARG A 1 99  ? 13.984  -11.460 -5.587  1.00 20.93 ? 117 ARG A CB  1 
ATOM   740  C  CG  . ARG A 1 99  ? 15.378  -10.827 -5.666  1.00 37.96 ? 117 ARG A CG  1 
ATOM   741  C  CD  . ARG A 1 99  ? 16.547  -11.807 -5.811  1.00 37.96 ? 117 ARG A CD  1 
ATOM   742  N  NE  . ARG A 1 99  ? 17.810  -11.071 -5.644  1.00 37.96 ? 117 ARG A NE  1 
ATOM   743  C  CZ  . ARG A 1 99  ? 18.876  -11.274 -6.394  1.00 37.96 ? 117 ARG A CZ  1 
ATOM   744  N  NH1 . ARG A 1 99  ? 18.817  -12.128 -7.398  1.00 0.00  ? 117 ARG A NH1 1 
ATOM   745  N  NH2 . ARG A 1 99  ? 19.967  -10.562 -6.192  1.00 0.00  ? 117 ARG A NH2 1 
ATOM   746  N  N   . VAL A 1 100 ? 11.180  -12.335 -3.910  1.00 17.33 ? 118 VAL A N   1 
ATOM   747  C  CA  . VAL A 1 100 ? 9.734   -12.326 -3.986  1.00 17.33 ? 118 VAL A CA  1 
ATOM   748  C  C   . VAL A 1 100 ? 9.149   -13.062 -2.783  1.00 17.33 ? 118 VAL A C   1 
ATOM   749  O  O   . VAL A 1 100 ? 9.307   -14.291 -2.669  1.00 17.33 ? 118 VAL A O   1 
ATOM   750  C  CB  . VAL A 1 100 ? 9.194   -12.880 -5.348  1.00 17.33 ? 118 VAL A CB  1 
ATOM   751  C  CG1 . VAL A 1 100 ? 7.676   -12.985 -5.321  1.00 15.68 ? 118 VAL A CG1 1 
ATOM   752  C  CG2 . VAL A 1 100 ? 9.579   -11.997 -6.561  1.00 15.68 ? 118 VAL A CG2 1 
ATOM   753  N  N   . ALA A 1 101 ? 8.641   -12.324 -1.834  1.00 15.39 ? 119 ALA A N   1 
ATOM   754  C  CA  . ALA A 1 101 ? 8.305   -12.924 -0.525  1.00 15.39 ? 119 ALA A CA  1 
ATOM   755  C  C   . ALA A 1 101 ? 7.074   -12.286 0.070   1.00 15.39 ? 119 ALA A C   1 
ATOM   756  O  O   . ALA A 1 101 ? 6.764   -11.125 -0.280  1.00 15.39 ? 119 ALA A O   1 
ATOM   757  C  CB  . ALA A 1 101 ? 9.476   -12.693 0.439   1.00 15.39 ? 119 ALA A CB  1 
ATOM   758  N  N   . SER A 1 102 ? 6.342   -13.058 0.852   1.00 14.68 ? 120 SER A N   1 
ATOM   759  C  CA  . SER A 1 102 ? 5.127   -12.547 1.490   1.00 14.68 ? 120 SER A CA  1 
ATOM   760  C  C   . SER A 1 102 ? 5.456   -11.788 2.787   1.00 14.68 ? 120 SER A C   1 
ATOM   761  O  O   . SER A 1 102 ? 6.572   -11.938 3.369   1.00 14.68 ? 120 SER A O   1 
ATOM   762  C  CB  . SER A 1 102 ? 4.124   -13.677 1.754   1.00 14.68 ? 120 SER A CB  1 
ATOM   763  O  OG  . SER A 1 102 ? 4.783   -14.478 2.713   1.00 27.39 ? 120 SER A OG  1 
ATOM   764  N  N   . ILE A 1 103 ? 4.563   -10.915 3.124   1.00 14.65 ? 121 ILE A N   1 
ATOM   765  C  CA  . ILE A 1 103 ? 4.575   -10.094 4.372   1.00 14.65 ? 121 ILE A CA  1 
ATOM   766  C  C   . ILE A 1 103 ? 3.433   -10.604 5.272   1.00 14.65 ? 121 ILE A C   1 
ATOM   767  O  O   . ILE A 1 103 ? 2.379   -11.086 4.765   1.00 14.65 ? 121 ILE A O   1 
ATOM   768  C  CB  . ILE A 1 103 ? 4.446   -8.590  4.048   1.00 14.65 ? 121 ILE A CB  1 
ATOM   769  C  CG1 . ILE A 1 103 ? 4.760   -7.737  5.296   1.00 12.77 ? 121 ILE A CG1 1 
ATOM   770  C  CG2 . ILE A 1 103 ? 3.111   -8.202  3.394   1.00 12.77 ? 121 ILE A CG2 1 
ATOM   771  C  CD1 . ILE A 1 103 ? 6.224   -7.927  5.668   1.00 12.77 ? 121 ILE A CD1 1 
ATOM   772  N  N   . SER A 1 104 ? 3.739   -10.705 6.560   1.00 14.57 ? 122 SER A N   1 
ATOM   773  C  CA  . SER A 1 104 ? 2.878   -11.245 7.584   1.00 14.57 ? 122 SER A CA  1 
ATOM   774  C  C   . SER A 1 104 ? 1.794   -10.260 7.935   1.00 14.57 ? 122 SER A C   1 
ATOM   775  O  O   . SER A 1 104 ? 2.008   -9.026  7.981   1.00 14.57 ? 122 SER A O   1 
ATOM   776  C  CB  . SER A 1 104 ? 3.683   -11.477 8.876   1.00 14.57 ? 122 SER A CB  1 
ATOM   777  O  OG  . SER A 1 104 ? 5.026   -11.922 8.594   1.00 41.31 ? 122 SER A OG  1 
ATOM   778  N  N   . LEU A 1 105 ? 0.662   -10.802 8.220   1.00 16.54 ? 123 LEU A N   1 
ATOM   779  C  CA  . LEU A 1 105 ? -0.412  -9.937  8.682   1.00 16.54 ? 123 LEU A CA  1 
ATOM   780  C  C   . LEU A 1 105 ? -0.229  -9.746  10.180  1.00 16.54 ? 123 LEU A C   1 
ATOM   781  O  O   . LEU A 1 105 ? 0.433   -10.598 10.838  1.00 16.54 ? 123 LEU A O   1 
ATOM   782  C  CB  . LEU A 1 105 ? -1.770  -10.645 8.470   1.00 16.54 ? 123 LEU A CB  1 
ATOM   783  C  CG  . LEU A 1 105 ? -2.193  -10.790 6.981   1.00 15.89 ? 123 LEU A CG  1 
ATOM   784  C  CD1 . LEU A 1 105 ? -3.486  -11.682 6.941   1.00 15.89 ? 123 LEU A CD1 1 
ATOM   785  C  CD2 . LEU A 1 105 ? -2.422  -9.372  6.400   1.00 15.89 ? 123 LEU A CD2 1 
ATOM   786  N  N   . PRO A 1 106 ? -0.702  -8.639  10.681  1.00 19.24 ? 124 PRO A N   1 
ATOM   787  C  CA  . PRO A 1 106 ? -0.546  -8.298  12.118  1.00 19.24 ? 124 PRO A CA  1 
ATOM   788  C  C   . PRO A 1 106 ? -1.344  -9.212  13.049  1.00 19.24 ? 124 PRO A C   1 
ATOM   789  O  O   . PRO A 1 106 ? -2.464  -9.600  12.676  1.00 19.24 ? 124 PRO A O   1 
ATOM   790  C  CB  . PRO A 1 106 ? -1.143  -6.921  12.297  1.00 19.24 ? 124 PRO A CB  1 
ATOM   791  C  CG  . PRO A 1 106 ? -1.824  -6.531  11.004  1.00 12.67 ? 124 PRO A CG  1 
ATOM   792  C  CD  . PRO A 1 106 ? -1.469  -7.610  9.977   1.00 12.67 ? 124 PRO A CD  1 
ATOM   793  N  N   . THR A 1 107 ? -0.899  -9.350  14.280  1.00 32.01 ? 125 THR A N   1 
ATOM   794  C  CA  . THR A 1 107 ? -1.773  -9.959  15.330  1.00 32.01 ? 125 THR A CA  1 
ATOM   795  C  C   . THR A 1 107 ? -2.485  -8.882  16.179  1.00 32.01 ? 125 THR A C   1 
ATOM   796  O  O   . THR A 1 107 ? -3.495  -9.124  16.882  1.00 32.01 ? 125 THR A O   1 
ATOM   797  C  CB  . THR A 1 107 ? -0.883  -10.863 16.233  1.00 32.01 ? 125 THR A CB  1 
ATOM   798  O  OG1 . THR A 1 107 ? -0.024  -10.046 17.039  1.00 43.43 ? 125 THR A OG1 1 
ATOM   799  C  CG2 . THR A 1 107 ? 0.023   -11.730 15.359  1.00 43.43 ? 125 THR A CG2 1 
ATOM   800  N  N   . SER A 1 108 ? -1.842  -7.776  16.302  1.00 20.43 ? 127 SER A N   1 
ATOM   801  C  CA  . SER A 1 108 ? -2.246  -6.652  17.137  1.00 20.43 ? 127 SER A CA  1 
ATOM   802  C  C   . SER A 1 108 ? -2.137  -5.408  16.279  1.00 20.43 ? 127 SER A C   1 
ATOM   803  O  O   . SER A 1 108 ? -1.218  -5.378  15.431  1.00 20.43 ? 127 SER A O   1 
ATOM   804  C  CB  . SER A 1 108 ? -1.257  -6.507  18.326  1.00 20.43 ? 127 SER A CB  1 
ATOM   805  O  OG  . SER A 1 108 ? 0.072   -6.322  17.816  1.00 0.00  ? 127 SER A OG  1 
ATOM   806  N  N   . CYS A 1 109 ? -2.918  -4.393  16.563  1.00 20.88 ? 128 CYS A N   1 
ATOM   807  C  CA  . CYS A 1 109 ? -2.761  -3.108  15.917  1.00 20.88 ? 128 CYS A CA  1 
ATOM   808  C  C   . CYS A 1 109 ? -1.506  -2.391  16.436  1.00 20.88 ? 128 CYS A C   1 
ATOM   809  O  O   . CYS A 1 109 ? -1.061  -2.684  17.569  1.00 20.88 ? 128 CYS A O   1 
ATOM   810  C  CB  . CYS A 1 109 ? -4.005  -2.266  16.295  1.00 20.88 ? 128 CYS A CB  1 
ATOM   811  S  SG  . CYS A 1 109 ? -5.571  -2.918  15.697  1.00 20.90 ? 128 CYS A SG  1 
ATOM   812  N  N   . ALA A 1 110 ? -0.910  -1.537  15.642  1.00 17.60 ? 129 ALA A N   1 
ATOM   813  C  CA  . ALA A 1 110 ? 0.243   -0.719  16.052  1.00 17.60 ? 129 ALA A CA  1 
ATOM   814  C  C   . ALA A 1 110 ? -0.144  0.527   16.827  1.00 17.60 ? 129 ALA A C   1 
ATOM   815  O  O   . ALA A 1 110 ? -1.063  1.266   16.449  1.00 17.60 ? 129 ALA A O   1 
ATOM   816  C  CB  . ALA A 1 110 ? 1.082   -0.254  14.857  1.00 17.60 ? 129 ALA A CB  1 
ATOM   817  N  N   . SER A 1 111 ? 0.742   0.946   17.671  1.00 19.23 ? 130 SER A N   1 
ATOM   818  C  CA  . SER A 1 111 ? 0.418   2.143   18.373  1.00 19.23 ? 130 SER A CA  1 
ATOM   819  C  C   . SER A 1 111 ? 1.103   3.381   17.820  1.00 19.23 ? 130 SER A C   1 
ATOM   820  O  O   . SER A 1 111 ? 2.044   3.330   17.009  1.00 19.23 ? 130 SER A O   1 
ATOM   821  C  CB  . SER A 1 111 ? 0.774   1.834   19.843  1.00 19.23 ? 130 SER A CB  1 
ATOM   822  O  OG  . SER A 1 111 ? 2.189   1.621   19.947  1.00 33.91 ? 130 SER A OG  1 
ATOM   823  N  N   . ALA A 1 112 ? 0.660   4.497   18.260  1.00 19.16 ? 132 ALA A N   1 
ATOM   824  C  CA  . ALA A 1 112 ? 1.209   5.769   17.895  1.00 19.16 ? 132 ALA A CA  1 
ATOM   825  C  C   . ALA A 1 112 ? 2.717   5.824   18.174  1.00 19.16 ? 132 ALA A C   1 
ATOM   826  O  O   . ALA A 1 112 ? 3.198   5.312   19.208  1.00 19.16 ? 132 ALA A O   1 
ATOM   827  C  CB  . ALA A 1 112 ? 0.425   6.867   18.663  1.00 19.16 ? 132 ALA A CB  1 
ATOM   828  N  N   . GLY A 1 113 ? 3.437   6.368   17.258  1.00 15.14 ? 133 GLY A N   1 
ATOM   829  C  CA  . GLY A 1 113 ? 4.848   6.582   17.353  1.00 15.14 ? 133 GLY A CA  1 
ATOM   830  C  C   . GLY A 1 113 ? 5.599   5.370   16.821  1.00 15.14 ? 133 GLY A C   1 
ATOM   831  O  O   . GLY A 1 113 ? 6.829   5.478   16.661  1.00 15.14 ? 133 GLY A O   1 
ATOM   832  N  N   . THR A 1 114 ? 4.912   4.295   16.468  1.00 16.59 ? 134 THR A N   1 
ATOM   833  C  CA  . THR A 1 114 ? 5.593   3.176   15.762  1.00 16.59 ? 134 THR A CA  1 
ATOM   834  C  C   . THR A 1 114 ? 6.088   3.615   14.389  1.00 16.59 ? 134 THR A C   1 
ATOM   835  O  O   . THR A 1 114 ? 5.297   4.242   13.631  1.00 16.59 ? 134 THR A O   1 
ATOM   836  C  CB  . THR A 1 114 ? 4.593   2.036   15.532  1.00 16.59 ? 134 THR A CB  1 
ATOM   837  O  OG1 . THR A 1 114 ? 4.090   1.596   16.826  1.00 21.38 ? 134 THR A OG1 1 
ATOM   838  C  CG2 . THR A 1 114 ? 5.293   0.868   14.779  1.00 21.38 ? 134 THR A CG2 1 
ATOM   839  N  N   . GLN A 1 115 ? 7.359   3.300   14.145  1.00 21.18 ? 135 GLN A N   1 
ATOM   840  C  CA  . GLN A 1 115 ? 7.992   3.660   12.892  1.00 21.18 ? 135 GLN A CA  1 
ATOM   841  C  C   . GLN A 1 115 ? 7.697   2.571   11.868  1.00 21.18 ? 135 GLN A C   1 
ATOM   842  O  O   . GLN A 1 115 ? 7.910   1.363   12.162  1.00 21.18 ? 135 GLN A O   1 
ATOM   843  C  CB  . GLN A 1 115 ? 9.522   3.868   12.989  1.00 21.18 ? 135 GLN A CB  1 
ATOM   844  C  CG  . GLN A 1 115 ? 10.151  4.244   11.617  1.00 32.39 ? 135 GLN A CG  1 
ATOM   845  C  CD  . GLN A 1 115 ? 11.209  5.337   11.769  1.00 32.39 ? 135 GLN A CD  1 
ATOM   846  O  OE1 . GLN A 1 115 ? 12.411  5.063   11.522  1.00 0.00  ? 135 GLN A OE1 1 
ATOM   847  N  NE2 . GLN A 1 115 ? 10.724  6.565   11.774  1.00 0.00  ? 135 GLN A NE2 1 
ATOM   848  N  N   . CYS A 1 116 ? 7.279   3.025   10.698  1.00 13.08 ? 136 CYS A N   1 
ATOM   849  C  CA  . CYS A 1 116 ? 6.973   2.080   9.595   1.00 13.08 ? 136 CYS A CA  1 
ATOM   850  C  C   . CYS A 1 116 ? 7.707   2.417   8.299   1.00 13.08 ? 136 CYS A C   1 
ATOM   851  O  O   . CYS A 1 116 ? 8.215   3.531   8.131   1.00 13.08 ? 136 CYS A O   1 
ATOM   852  C  CB  . CYS A 1 116 ? 5.466   2.137   9.339   1.00 13.08 ? 136 CYS A CB  1 
ATOM   853  S  SG  . CYS A 1 116 ? 4.463   1.853   10.861  1.00 16.91 ? 136 CYS A SG  1 
ATOM   854  N  N   . LEU A 1 117 ? 7.665   1.468   7.381   1.00 12.57 ? 137 LEU A N   1 
ATOM   855  C  CA  . LEU A 1 117 ? 8.208   1.663   6.034   1.00 12.57 ? 137 LEU A CA  1 
ATOM   856  C  C   . LEU A 1 117 ? 7.070   1.627   5.013   1.00 12.57 ? 137 LEU A C   1 
ATOM   857  O  O   . LEU A 1 117 ? 6.334   0.634   4.951   1.00 12.57 ? 137 LEU A O   1 
ATOM   858  C  CB  . LEU A 1 117 ? 9.211   0.536   5.703   1.00 12.57 ? 137 LEU A CB  1 
ATOM   859  C  CG  . LEU A 1 117 ? 9.956   0.693   4.315   1.00 14.52 ? 137 LEU A CG  1 
ATOM   860  C  CD1 . LEU A 1 117 ? 10.990  1.805   4.257   1.00 14.52 ? 137 LEU A CD1 1 
ATOM   861  C  CD2 . LEU A 1 117 ? 10.580  -0.634  3.885   1.00 14.52 ? 137 LEU A CD2 1 
ATOM   862  N  N   . ILE A 1 118 ? 6.936   2.726   4.310   1.00 14.13 ? 138 ILE A N   1 
ATOM   863  C  CA  . ILE A 1 118 ? 5.996   2.933   3.190   1.00 14.13 ? 138 ILE A CA  1 
ATOM   864  C  C   . ILE A 1 118 ? 6.766   2.973   1.860   1.00 14.13 ? 138 ILE A C   1 
ATOM   865  O  O   . ILE A 1 118 ? 7.916   3.502   1.795   1.00 14.13 ? 138 ILE A O   1 
ATOM   866  C  CB  . ILE A 1 118 ? 5.275   4.288   3.371   1.00 14.13 ? 138 ILE A CB  1 
ATOM   867  C  CG1 . ILE A 1 118 ? 4.739   4.343   4.835   1.00 13.59 ? 138 ILE A CG1 1 
ATOM   868  C  CG2 . ILE A 1 118 ? 4.140   4.404   2.330   1.00 13.59 ? 138 ILE A CG2 1 
ATOM   869  C  CD1 . ILE A 1 118 ? 4.001   5.644   5.101   1.00 13.59 ? 138 ILE A CD1 1 
ATOM   870  N  N   . SER A 1 119 ? 6.219   2.291   0.870   1.00 13.43 ? 139 SER A N   1 
ATOM   871  C  CA  . SER A 1 119 ? 7.006   2.215   -0.395  1.00 13.43 ? 139 SER A CA  1 
ATOM   872  C  C   . SER A 1 119 ? 6.085   2.285   -1.593  1.00 13.43 ? 139 SER A C   1 
ATOM   873  O  O   . SER A 1 119 ? 4.891   1.957   -1.437  1.00 13.43 ? 139 SER A O   1 
ATOM   874  C  CB  . SER A 1 119 ? 7.868   0.901   -0.447  1.00 13.43 ? 139 SER A CB  1 
ATOM   875  O  OG  . SER A 1 119 ? 7.099   -0.222  -0.022  1.00 8.72  ? 139 SER A OG  1 
ATOM   876  N  N   . GLY A 1 120 ? 6.609   2.680   -2.731  1.00 11.11 ? 140 GLY A N   1 
ATOM   877  C  CA  . GLY A 1 120 ? 5.734   2.832   -3.899  1.00 11.11 ? 140 GLY A CA  1 
ATOM   878  C  C   . GLY A 1 120 ? 6.470   3.396   -5.114  1.00 11.11 ? 140 GLY A C   1 
ATOM   879  O  O   . GLY A 1 120 ? 7.571   4.008   -4.960  1.00 11.11 ? 140 GLY A O   1 
ATOM   880  N  N   . TRP A 1 121 ? 5.768   3.371   -6.212  1.00 11.77 ? 141 TRP A N   1 
ATOM   881  C  CA  . TRP A 1 121 ? 6.231   3.992   -7.465  1.00 11.77 ? 141 TRP A CA  1 
ATOM   882  C  C   . TRP A 1 121 ? 5.375   5.238   -7.777  1.00 11.77 ? 141 TRP A C   1 
ATOM   883  O  O   . TRP A 1 121 ? 5.301   5.716   -8.930  1.00 11.77 ? 141 TRP A O   1 
ATOM   884  C  CB  . TRP A 1 121 ? 6.182   3.044   -8.689  1.00 11.77 ? 141 TRP A CB  1 
ATOM   885  C  CG  . TRP A 1 121 ? 7.257   1.942   -8.601  1.00 12.29 ? 141 TRP A CG  1 
ATOM   886  C  CD1 . TRP A 1 121 ? 8.525   1.973   -9.072  1.00 12.29 ? 141 TRP A CD1 1 
ATOM   887  C  CD2 . TRP A 1 121 ? 7.072   0.619   -8.090  1.00 12.29 ? 141 TRP A CD2 1 
ATOM   888  N  NE1 . TRP A 1 121 ? 9.137   0.701   -8.882  1.00 12.29 ? 141 TRP A NE1 1 
ATOM   889  C  CE2 . TRP A 1 121 ? 8.291   -0.096  -8.327  1.00 12.29 ? 141 TRP A CE2 1 
ATOM   890  C  CE3 . TRP A 1 121 ? 5.950   -0.008  -7.504  1.00 12.29 ? 141 TRP A CE3 1 
ATOM   891  C  CZ2 . TRP A 1 121 ? 8.434   -1.456  -8.005  1.00 12.29 ? 141 TRP A CZ2 1 
ATOM   892  C  CZ3 . TRP A 1 121 ? 6.095   -1.379  -7.173  1.00 12.29 ? 141 TRP A CZ3 1 
ATOM   893  C  CH2 . TRP A 1 121 ? 7.296   -2.085  -7.431  1.00 12.29 ? 141 TRP A CH2 1 
ATOM   894  N  N   . GLY A 1 122 ? 4.770   5.822   -6.779  1.00 15.66 ? 142 GLY A N   1 
ATOM   895  C  CA  . GLY A 1 122 ? 3.936   7.013   -7.012  1.00 15.66 ? 142 GLY A CA  1 
ATOM   896  C  C   . GLY A 1 122 ? 4.720   8.324   -7.153  1.00 15.66 ? 142 GLY A C   1 
ATOM   897  O  O   . GLY A 1 122 ? 5.977   8.355   -7.127  1.00 15.66 ? 142 GLY A O   1 
ATOM   898  N  N   . ASN A 1 123 ? 3.989   9.378   -7.442  1.00 14.15 ? 143 ASN A N   1 
ATOM   899  C  CA  . ASN A 1 123 ? 4.541   10.719  -7.670  1.00 14.15 ? 143 ASN A CA  1 
ATOM   900  C  C   . ASN A 1 123 ? 5.519   11.137  -6.551  1.00 14.15 ? 143 ASN A C   1 
ATOM   901  O  O   . ASN A 1 123 ? 5.262   10.859  -5.354  1.00 14.15 ? 143 ASN A O   1 
ATOM   902  C  CB  . ASN A 1 123 ? 3.318   11.682  -7.753  1.00 14.15 ? 143 ASN A CB  1 
ATOM   903  C  CG  . ASN A 1 123 ? 3.719   13.108  -8.157  1.00 27.44 ? 143 ASN A CG  1 
ATOM   904  O  OD1 . ASN A 1 123 ? 4.822   13.370  -8.703  1.00 27.44 ? 143 ASN A OD1 1 
ATOM   905  N  ND2 . ASN A 1 123 ? 2.766   13.997  -7.988  1.00 27.44 ? 143 ASN A ND2 1 
ATOM   906  N  N   . THR A 1 124 ? 6.645   11.735  -6.899  1.00 16.49 ? 144 THR A N   1 
ATOM   907  C  CA  . THR A 1 124 ? 7.685   12.160  -5.957  1.00 16.49 ? 144 THR A CA  1 
ATOM   908  C  C   . THR A 1 124 ? 7.668   13.692  -5.713  1.00 16.49 ? 144 THR A C   1 
ATOM   909  O  O   . THR A 1 124 ? 8.520   14.200  -4.941  1.00 16.49 ? 144 THR A O   1 
ATOM   910  C  CB  . THR A 1 124 ? 9.104   11.693  -6.427  1.00 16.49 ? 144 THR A CB  1 
ATOM   911  O  OG1 . THR A 1 124 ? 9.344   12.350  -7.704  1.00 19.14 ? 144 THR A OG1 1 
ATOM   912  C  CG2 . THR A 1 124 ? 9.183   10.143  -6.675  1.00 19.14 ? 144 THR A CG2 1 
ATOM   913  N  N   . LYS A 1 125 ? 6.712   14.337  -6.328  1.00 22.45 ? 145 LYS A N   1 
ATOM   914  C  CA  . LYS A 1 125 ? 6.578   15.798  -6.211  1.00 22.45 ? 145 LYS A CA  1 
ATOM   915  C  C   . LYS A 1 125 ? 5.289   16.178  -5.506  1.00 22.45 ? 145 LYS A C   1 
ATOM   916  O  O   . LYS A 1 125 ? 4.201   15.647  -5.861  1.00 22.45 ? 145 LYS A O   1 
ATOM   917  C  CB  . LYS A 1 125 ? 6.549   16.466  -7.614  1.00 22.45 ? 145 LYS A CB  1 
ATOM   918  C  CG  . LYS A 1 125 ? 7.885   16.436  -8.387  1.00 20.51 ? 145 LYS A CG  1 
ATOM   919  C  CD  . LYS A 1 125 ? 9.060   17.026  -7.588  1.00 0.00  ? 145 LYS A CD  1 
ATOM   920  C  CE  . LYS A 1 125 ? 10.352  17.052  -8.427  1.00 0.00  ? 145 LYS A CE  1 
ATOM   921  N  NZ  . LYS A 1 125 ? 11.500  17.403  -7.582  1.00 0.00  ? 145 LYS A NZ  1 
ATOM   922  N  N   . SER A 1 126 ? 5.414   17.175  -4.615  1.00 37.27 ? 146 SER A N   1 
ATOM   923  C  CA  . SER A 1 126 ? 4.267   17.748  -3.876  1.00 37.27 ? 146 SER A CA  1 
ATOM   924  C  C   . SER A 1 126 ? 3.517   18.725  -4.767  1.00 37.27 ? 146 SER A C   1 
ATOM   925  O  O   . SER A 1 126 ? 2.306   18.980  -4.575  1.00 37.27 ? 146 SER A O   1 
ATOM   926  C  CB  . SER A 1 126 ? 4.727   18.517  -2.596  1.00 37.27 ? 146 SER A CB  1 
ATOM   927  O  OG  . SER A 1 126 ? 5.516   17.672  -1.763  1.00 0.00  ? 146 SER A OG  1 
ATOM   928  N  N   . SER A 1 127 ? 4.297   19.358  -5.584  1.00 38.14 ? 147 SER A N   1 
ATOM   929  C  CA  . SER A 1 127 ? 3.818   20.325  -6.523  1.00 38.14 ? 147 SER A CA  1 
ATOM   930  C  C   . SER A 1 127 ? 4.430   19.937  -7.849  1.00 38.14 ? 147 SER A C   1 
ATOM   931  O  O   . SER A 1 127 ? 5.451   20.528  -8.282  1.00 38.14 ? 147 SER A O   1 
ATOM   932  C  CB  . SER A 1 127 ? 4.222   21.795  -6.199  1.00 38.14 ? 147 SER A CB  1 
ATOM   933  O  OG  . SER A 1 127 ? 3.694   22.664  -7.211  1.00 0.00  ? 147 SER A OG  1 
ATOM   934  N  N   . GLY A 1 128 ? 3.619   19.226  -8.520  1.00 32.02 ? 148 GLY A N   1 
ATOM   935  C  CA  . GLY A 1 128 ? 3.762   18.912  -9.927  1.00 32.02 ? 148 GLY A CA  1 
ATOM   936  C  C   . GLY A 1 128 ? 3.747   17.403  -10.073 1.00 32.02 ? 148 GLY A C   1 
ATOM   937  O  O   . GLY A 1 128 ? 3.212   16.744  -9.165  1.00 32.02 ? 148 GLY A O   1 
ATOM   938  N  N   . THR A 1 129 ? 4.302   16.897  -11.138 1.00 37.22 ? 149 THR A N   1 
ATOM   939  C  CA  . THR A 1 129 ? 4.357   15.463  -11.414 1.00 37.22 ? 149 THR A CA  1 
ATOM   940  C  C   . THR A 1 129 ? 5.756   14.964  -11.782 1.00 37.22 ? 149 THR A C   1 
ATOM   941  O  O   . THR A 1 129 ? 6.457   15.498  -12.686 1.00 37.22 ? 149 THR A O   1 
ATOM   942  C  CB  . THR A 1 129 ? 3.292   15.063  -12.474 1.00 37.22 ? 149 THR A CB  1 
ATOM   943  O  OG1 . THR A 1 129 ? 3.822   13.981  -13.251 1.00 0.00  ? 149 THR A OG1 1 
ATOM   944  C  CG2 . THR A 1 129 ? 2.943   16.239  -13.405 1.00 0.00  ? 149 THR A CG2 1 
ATOM   945  N  N   . SER A 1 130 ? 6.145   13.902  -11.122 1.00 25.47 ? 150 SER A N   1 
ATOM   946  C  CA  . SER A 1 130 ? 7.352   13.196  -11.509 1.00 25.47 ? 150 SER A CA  1 
ATOM   947  C  C   . SER A 1 130 ? 7.312   11.756  -10.993 1.00 25.47 ? 150 SER A C   1 
ATOM   948  O  O   . SER A 1 130 ? 7.408   11.531  -9.766  1.00 25.47 ? 150 SER A O   1 
ATOM   949  C  CB  . SER A 1 130 ? 8.613   13.896  -10.998 1.00 25.47 ? 150 SER A CB  1 
ATOM   950  O  OG  . SER A 1 130 ? 9.749   13.187  -11.514 1.00 35.53 ? 150 SER A OG  1 
ATOM   951  N  N   . TYR A 1 131 ? 7.137   10.827  -11.892 1.00 19.22 ? 151 TYR A N   1 
ATOM   952  C  CA  . TYR A 1 131 ? 7.057   9.409   -11.546 1.00 19.22 ? 151 TYR A CA  1 
ATOM   953  C  C   . TYR A 1 131 ? 8.412   8.759   -11.638 1.00 19.22 ? 151 TYR A C   1 
ATOM   954  O  O   . TYR A 1 131 ? 9.073   8.965   -12.670 1.00 19.22 ? 151 TYR A O   1 
ATOM   955  C  CB  . TYR A 1 131 ? 6.137   8.699   -12.509 1.00 19.22 ? 151 TYR A CB  1 
ATOM   956  C  CG  . TYR A 1 131 ? 4.708   9.097   -12.151 1.00 33.29 ? 151 TYR A CG  1 
ATOM   957  C  CD1 . TYR A 1 131 ? 4.121   8.495   -11.079 1.00 33.29 ? 151 TYR A CD1 1 
ATOM   958  C  CD2 . TYR A 1 131 ? 4.075   10.112  -12.812 1.00 33.29 ? 151 TYR A CD2 1 
ATOM   959  C  CE1 . TYR A 1 131 ? 2.868   8.864   -10.671 1.00 33.29 ? 151 TYR A CE1 1 
ATOM   960  C  CE2 . TYR A 1 131 ? 2.804   10.488  -12.405 1.00 33.29 ? 151 TYR A CE2 1 
ATOM   961  C  CZ  . TYR A 1 131 ? 2.203   9.840   -11.334 1.00 33.29 ? 151 TYR A CZ  1 
ATOM   962  O  OH  . TYR A 1 131 ? 0.864   10.159  -10.913 1.00 33.29 ? 151 TYR A OH  1 
ATOM   963  N  N   . PRO A 1 132 ? 8.821   7.996   -10.624 1.00 17.41 ? 152 PRO A N   1 
ATOM   964  C  CA  . PRO A 1 132 ? 10.133  7.335   -10.586 1.00 17.41 ? 152 PRO A CA  1 
ATOM   965  C  C   . PRO A 1 132 ? 10.103  6.067   -11.468 1.00 17.41 ? 152 PRO A C   1 
ATOM   966  O  O   . PRO A 1 132 ? 9.031   5.457   -11.692 1.00 17.41 ? 152 PRO A O   1 
ATOM   967  C  CB  . PRO A 1 132 ? 10.355  6.855   -9.157  1.00 17.41 ? 152 PRO A CB  1 
ATOM   968  C  CG  . PRO A 1 132 ? 8.965   6.850   -8.532  1.00 13.63 ? 152 PRO A CG  1 
ATOM   969  C  CD  . PRO A 1 132 ? 8.021   7.607   -9.474  1.00 13.63 ? 152 PRO A CD  1 
ATOM   970  N  N   . ASP A 1 133 ? 11.251  5.590   -11.837 1.00 21.77 ? 153 ASP A N   1 
ATOM   971  C  CA  . ASP A 1 133 ? 11.353  4.278   -12.482 1.00 21.77 ? 153 ASP A CA  1 
ATOM   972  C  C   . ASP A 1 133 ? 11.481  3.195   -11.426 1.00 21.77 ? 153 ASP A C   1 
ATOM   973  O  O   . ASP A 1 133 ? 10.930  2.092   -11.651 1.00 21.77 ? 153 ASP A O   1 
ATOM   974  C  CB  . ASP A 1 133 ? 12.627  4.197   -13.330 1.00 21.77 ? 153 ASP A CB  1 
ATOM   975  C  CG  . ASP A 1 133 ? 12.443  4.930   -14.654 1.00 34.53 ? 153 ASP A CG  1 
ATOM   976  O  OD1 . ASP A 1 133 ? 11.296  5.218   -15.082 1.00 34.53 ? 153 ASP A OD1 1 
ATOM   977  O  OD2 . ASP A 1 133 ? 13.452  5.519   -15.111 1.00 34.53 ? 153 ASP A OD2 1 
ATOM   978  N  N   . VAL A 1 134 ? 12.293  3.512   -10.400 1.00 13.21 ? 154 VAL A N   1 
ATOM   979  C  CA  . VAL A 1 134 ? 12.651  2.603   -9.344  1.00 13.21 ? 154 VAL A CA  1 
ATOM   980  C  C   . VAL A 1 134 ? 11.940  2.908   -8.029  1.00 13.21 ? 154 VAL A C   1 
ATOM   981  O  O   . VAL A 1 134 ? 11.339  4.007   -7.927  1.00 13.21 ? 154 VAL A O   1 
ATOM   982  C  CB  . VAL A 1 134 ? 14.177  2.511   -9.110  1.00 13.21 ? 154 VAL A CB  1 
ATOM   983  C  CG1 . VAL A 1 134 ? 14.904  2.222   -10.444 1.00 23.20 ? 154 VAL A CG1 1 
ATOM   984  C  CG2 . VAL A 1 134 ? 14.758  3.773   -8.407  1.00 23.20 ? 154 VAL A CG2 1 
ATOM   985  N  N   . LEU A 1 135 ? 11.830  1.831   -7.274  1.00 13.10 ? 155 LEU A N   1 
ATOM   986  C  CA  . LEU A 1 135 ? 10.939  1.828   -6.091  1.00 13.10 ? 155 LEU A CA  1 
ATOM   987  C  C   . LEU A 1 135 ? 11.482  2.804   -5.042  1.00 13.10 ? 155 LEU A C   1 
ATOM   988  O  O   . LEU A 1 135 ? 12.701  2.770   -4.764  1.00 13.10 ? 155 LEU A O   1 
ATOM   989  C  CB  . LEU A 1 135 ? 10.962  0.424   -5.478  1.00 13.10 ? 155 LEU A CB  1 
ATOM   990  C  CG  . LEU A 1 135 ? 9.983   0.255   -4.336  1.00 7.29  ? 155 LEU A CG  1 
ATOM   991  C  CD1 . LEU A 1 135 ? 8.514   0.479   -4.671  1.00 7.29  ? 155 LEU A CD1 1 
ATOM   992  C  CD2 . LEU A 1 135 ? 10.230  -1.163  -3.770  1.00 7.29  ? 155 LEU A CD2 1 
ATOM   993  N  N   . LYS A 1 136 ? 10.611  3.612   -4.481  1.00 14.53 ? 156 LYS A N   1 
ATOM   994  C  CA  . LYS A 1 136 ? 10.959  4.585   -3.427  1.00 14.53 ? 156 LYS A CA  1 
ATOM   995  C  C   . LYS A 1 136 ? 10.419  4.167   -2.054  1.00 14.53 ? 156 LYS A C   1 
ATOM   996  O  O   . LYS A 1 136 ? 9.402   3.440   -1.992  1.00 14.53 ? 156 LYS A O   1 
ATOM   997  C  CB  . LYS A 1 136 ? 10.332  5.964   -3.785  1.00 14.53 ? 156 LYS A CB  1 
ATOM   998  C  CG  . LYS A 1 136 ? 10.890  6.588   -5.076  1.00 22.78 ? 156 LYS A CG  1 
ATOM   999  C  CD  . LYS A 1 136 ? 12.403  6.804   -4.969  1.00 22.78 ? 156 LYS A CD  1 
ATOM   1000 C  CE  . LYS A 1 136 ? 12.989  7.388   -6.273  1.00 22.78 ? 156 LYS A CE  1 
ATOM   1001 N  NZ  . LYS A 1 136 ? 14.383  7.731   -6.064  1.00 22.78 ? 156 LYS A NZ  1 
ATOM   1002 N  N   . CYS A 1 137 ? 11.186  4.517   -1.014  1.00 13.69 ? 157 CYS A N   1 
ATOM   1003 C  CA  . CYS A 1 137 ? 10.936  4.148   0.397   1.00 13.69 ? 157 CYS A CA  1 
ATOM   1004 C  C   . CYS A 1 137 ? 10.890  5.364   1.293   1.00 13.69 ? 157 CYS A C   1 
ATOM   1005 O  O   . CYS A 1 137 ? 11.488  6.381   0.926   1.00 13.69 ? 157 CYS A O   1 
ATOM   1006 C  CB  . CYS A 1 137 ? 11.991  3.217   0.988   1.00 13.69 ? 157 CYS A CB  1 
ATOM   1007 S  SG  . CYS A 1 137 ? 11.841  1.485   0.475   1.00 15.94 ? 157 CYS A SG  1 
ATOM   1008 N  N   . LEU A 1 138 ? 10.112  5.262   2.366   1.00 12.70 ? 158 LEU A N   1 
ATOM   1009 C  CA  . LEU A 1 138 ? 9.947   6.352   3.326   1.00 12.70 ? 158 LEU A CA  1 
ATOM   1010 C  C   . LEU A 1 138 ? 9.676   5.706   4.670   1.00 12.70 ? 158 LEU A C   1 
ATOM   1011 O  O   . LEU A 1 138 ? 8.729   4.890   4.854   1.00 12.70 ? 158 LEU A O   1 
ATOM   1012 C  CB  . LEU A 1 138 ? 8.769   7.224   2.932   1.00 12.70 ? 158 LEU A CB  1 
ATOM   1013 C  CG  . LEU A 1 138 ? 8.440   8.398   3.909   1.00 17.38 ? 158 LEU A CG  1 
ATOM   1014 C  CD1 . LEU A 1 138 ? 9.597   9.436   3.965   1.00 17.38 ? 158 LEU A CD1 1 
ATOM   1015 C  CD2 . LEU A 1 138 ? 7.068   9.040   3.542   1.00 17.38 ? 158 LEU A CD2 1 
ATOM   1016 N  N   . LYS A 1 139 ? 10.428  6.196   5.642   1.00 15.71 ? 159 LYS A N   1 
ATOM   1017 C  CA  . LYS A 1 139 ? 10.204  5.744   7.012   1.00 15.71 ? 159 LYS A CA  1 
ATOM   1018 C  C   . LYS A 1 139 ? 9.368   6.798   7.692   1.00 15.71 ? 159 LYS A C   1 
ATOM   1019 O  O   . LYS A 1 139 ? 9.604   7.968   7.358   1.00 15.71 ? 159 LYS A O   1 
ATOM   1020 C  CB  . LYS A 1 139 ? 11.544  5.505   7.778   1.00 15.71 ? 159 LYS A CB  1 
ATOM   1021 C  CG  . LYS A 1 139 ? 12.240  4.236   7.235   1.00 41.74 ? 159 LYS A CG  1 
ATOM   1022 C  CD  . LYS A 1 139 ? 13.641  4.049   7.876   1.00 41.74 ? 159 LYS A CD  1 
ATOM   1023 C  CE  . LYS A 1 139 ? 14.362  2.746   7.442   1.00 41.74 ? 159 LYS A CE  1 
ATOM   1024 N  NZ  . LYS A 1 139 ? 15.636  2.584   8.196   1.00 41.74 ? 159 LYS A NZ  1 
ATOM   1025 N  N   . ALA A 1 140 ? 8.206   6.417   8.227   1.00 14.65 ? 160 ALA A N   1 
ATOM   1026 C  CA  . ALA A 1 140 ? 7.242   7.403   8.799   1.00 14.65 ? 160 ALA A CA  1 
ATOM   1027 C  C   . ALA A 1 140 ? 6.664   6.807   10.080  1.00 14.65 ? 160 ALA A C   1 
ATOM   1028 O  O   . ALA A 1 140 ? 6.427   5.591   10.140  1.00 14.65 ? 160 ALA A O   1 
ATOM   1029 C  CB  . ALA A 1 140 ? 6.059   7.692   7.833   1.00 14.65 ? 160 ALA A CB  1 
ATOM   1030 N  N   . PRO A 1 141 ? 6.355   7.599   11.033  1.00 14.14 ? 161 PRO A N   1 
ATOM   1031 C  CA  . PRO A 1 141 ? 5.701   7.077   12.248  1.00 14.14 ? 161 PRO A CA  1 
ATOM   1032 C  C   . PRO A 1 141 ? 4.169   7.105   12.102  1.00 14.14 ? 161 PRO A C   1 
ATOM   1033 O  O   . PRO A 1 141 ? 3.593   7.997   11.407  1.00 14.14 ? 161 PRO A O   1 
ATOM   1034 C  CB  . PRO A 1 141 ? 6.048   8.118   13.340  1.00 14.14 ? 161 PRO A CB  1 
ATOM   1035 C  CG  . PRO A 1 141 ? 6.356   9.413   12.578  1.00 15.02 ? 161 PRO A CG  1 
ATOM   1036 C  CD  . PRO A 1 141 ? 6.622   9.063   11.086  1.00 15.02 ? 161 PRO A CD  1 
ATOM   1037 N  N   . ILE A 1 142 ? 3.523   6.261   12.895  1.00 15.55 ? 162 ILE A N   1 
ATOM   1038 C  CA  . ILE A 1 142 ? 2.080   6.365   13.113  1.00 15.55 ? 162 ILE A CA  1 
ATOM   1039 C  C   . ILE A 1 142 ? 1.726   7.550   14.023  1.00 15.55 ? 162 ILE A C   1 
ATOM   1040 O  O   . ILE A 1 142 ? 2.326   7.648   15.110  1.00 15.55 ? 162 ILE A O   1 
ATOM   1041 C  CB  . ILE A 1 142 ? 1.532   5.018   13.691  1.00 15.55 ? 162 ILE A CB  1 
ATOM   1042 C  CG1 . ILE A 1 142 ? 1.830   3.922   12.591  1.00 13.00 ? 162 ILE A CG1 1 
ATOM   1043 C  CG2 . ILE A 1 142 ? 0.029   5.138   13.970  1.00 13.00 ? 162 ILE A CG2 1 
ATOM   1044 C  CD1 . ILE A 1 142 ? 1.490   2.466   12.975  1.00 13.00 ? 162 ILE A CD1 1 
ATOM   1045 N  N   . LEU A 1 143 ? 0.865   8.428   13.566  1.00 15.43 ? 163 LEU A N   1 
ATOM   1046 C  CA  . LEU A 1 143 ? 0.431   9.548   14.442  1.00 15.43 ? 163 LEU A CA  1 
ATOM   1047 C  C   . LEU A 1 143 ? -0.590  9.142   15.497  1.00 15.43 ? 163 LEU A C   1 
ATOM   1048 O  O   . LEU A 1 143 ? -1.265  8.117   15.336  1.00 15.43 ? 163 LEU A O   1 
ATOM   1049 C  CB  . LEU A 1 143 ? -0.083  10.745  13.616  1.00 15.43 ? 163 LEU A CB  1 
ATOM   1050 C  CG  . LEU A 1 143 ? 1.017   11.143  12.565  1.00 18.45 ? 163 LEU A CG  1 
ATOM   1051 C  CD1 . LEU A 1 143 ? 0.599   12.318  11.671  1.00 18.45 ? 163 LEU A CD1 1 
ATOM   1052 C  CD2 . LEU A 1 143 ? 2.441   11.346  13.156  1.00 18.45 ? 163 LEU A CD2 1 
ATOM   1053 N  N   . SER A 1 144 ? -0.854  9.981   16.454  1.00 14.30 ? 164 SER A N   1 
ATOM   1054 C  CA  . SER A 1 144 ? -1.949  9.723   17.359  1.00 14.30 ? 164 SER A CA  1 
ATOM   1055 C  C   . SER A 1 144 ? -3.293  9.973   16.658  1.00 14.30 ? 164 SER A C   1 
ATOM   1056 O  O   . SER A 1 144 ? -3.373  10.831  15.744  1.00 14.30 ? 164 SER A O   1 
ATOM   1057 C  CB  . SER A 1 144 ? -1.827  10.701  18.579  1.00 14.30 ? 164 SER A CB  1 
ATOM   1058 O  OG  . SER A 1 144 ? -2.027  12.022  18.122  1.00 22.85 ? 164 SER A OG  1 
ATOM   1059 N  N   . ASP A 1 145 ? -4.283  9.289   17.193  1.00 15.71 ? 165 ASP A N   1 
ATOM   1060 C  CA  . ASP A 1 145 ? -5.649  9.425   16.708  1.00 15.71 ? 165 ASP A CA  1 
ATOM   1061 C  C   . ASP A 1 145 ? -6.073  10.853  16.832  1.00 15.71 ? 165 ASP A C   1 
ATOM   1062 O  O   . ASP A 1 145 ? -6.781  11.361  15.963  1.00 15.71 ? 165 ASP A O   1 
ATOM   1063 C  CB  . ASP A 1 145 ? -6.506  8.675   17.687  1.00 15.71 ? 165 ASP A CB  1 
ATOM   1064 C  CG  . ASP A 1 145 ? -7.095  7.515   16.939  1.00 46.45 ? 165 ASP A CG  1 
ATOM   1065 O  OD1 . ASP A 1 145 ? -8.180  7.753   16.336  1.00 46.45 ? 165 ASP A OD1 1 
ATOM   1066 O  OD2 . ASP A 1 145 ? -6.184  6.586   16.636  1.00 46.45 ? 165 ASP A OD2 1 
ATOM   1067 N  N   . SER A 1 146 ? -5.566  11.485  17.892  1.00 20.02 ? 166 SER A N   1 
ATOM   1068 C  CA  . SER A 1 146 ? -5.933  12.872  18.175  1.00 20.02 ? 166 SER A CA  1 
ATOM   1069 C  C   . SER A 1 146 ? -5.492  13.848  17.099  1.00 20.02 ? 166 SER A C   1 
ATOM   1070 O  O   . SER A 1 146 ? -6.255  14.731  16.625  1.00 20.02 ? 166 SER A O   1 
ATOM   1071 C  CB  . SER A 1 146 ? -5.212  13.330  19.448  1.00 20.02 ? 166 SER A CB  1 
ATOM   1072 O  OG  . SER A 1 146 ? -6.227  13.292  20.414  1.00 40.77 ? 166 SER A OG  1 
ATOM   1073 N  N   . SER A 1 147 ? -4.224  13.721  16.805  1.00 17.42 ? 167 SER A N   1 
ATOM   1074 C  CA  . SER A 1 147 ? -3.642  14.571  15.768  1.00 17.42 ? 167 SER A CA  1 
ATOM   1075 C  C   . SER A 1 147 ? -4.206  14.228  14.383  1.00 17.42 ? 167 SER A C   1 
ATOM   1076 O  O   . SER A 1 147 ? -4.382  15.140  13.532  1.00 17.42 ? 167 SER A O   1 
ATOM   1077 C  CB  . SER A 1 147 ? -2.114  14.448  15.819  1.00 17.42 ? 167 SER A CB  1 
ATOM   1078 O  OG  . SER A 1 147 ? -1.722  14.802  17.170  1.00 36.92 ? 167 SER A OG  1 
ATOM   1079 N  N   . CYS A 1 148 ? -4.571  12.969  14.214  1.00 15.38 ? 168 CYS A N   1 
ATOM   1080 C  CA  . CYS A 1 148 ? -5.195  12.530  12.937  1.00 15.38 ? 168 CYS A CA  1 
ATOM   1081 C  C   . CYS A 1 148 ? -6.588  13.124  12.689  1.00 15.38 ? 168 CYS A C   1 
ATOM   1082 O  O   . CYS A 1 148 ? -6.806  13.812  11.654  1.00 15.38 ? 168 CYS A O   1 
ATOM   1083 C  CB  . CYS A 1 148 ? -5.290  10.992  12.904  1.00 15.38 ? 168 CYS A CB  1 
ATOM   1084 S  SG  . CYS A 1 148 ? -5.677  10.304  11.248  1.00 16.95 ? 168 CYS A SG  1 
ATOM   1085 N  N   . LYS A 1 149 ? -7.391  13.060  13.737  1.00 14.69 ? 169 LYS A N   1 
ATOM   1086 C  CA  . LYS A 1 149 ? -8.720  13.732  13.768  1.00 14.69 ? 169 LYS A CA  1 
ATOM   1087 C  C   . LYS A 1 149 ? -8.698  15.251  13.777  1.00 14.69 ? 169 LYS A C   1 
ATOM   1088 O  O   . LYS A 1 149 ? -9.520  15.899  13.082  1.00 14.69 ? 169 LYS A O   1 
ATOM   1089 C  CB  . LYS A 1 149 ? -9.587  13.212  14.908  1.00 14.69 ? 169 LYS A CB  1 
ATOM   1090 C  CG  . LYS A 1 149 ? -9.762  11.696  14.726  1.00 28.48 ? 169 LYS A CG  1 
ATOM   1091 C  CD  . LYS A 1 149 ? -10.758 11.055  15.696  1.00 28.48 ? 169 LYS A CD  1 
ATOM   1092 C  CE  . LYS A 1 149 ? -10.755 9.521   15.505  1.00 28.48 ? 169 LYS A CE  1 
ATOM   1093 N  NZ  . LYS A 1 149 ? -11.728 8.898   16.379  1.00 28.48 ? 169 LYS A NZ  1 
ATOM   1094 N  N   . SER A 1 150 ? -7.707  15.816  14.455  1.00 18.02 ? 170 SER A N   1 
ATOM   1095 C  CA  . SER A 1 150 ? -7.524  17.280  14.370  1.00 18.02 ? 170 SER A CA  1 
ATOM   1096 C  C   . SER A 1 150 ? -7.092  17.698  12.971  1.00 18.02 ? 170 SER A C   1 
ATOM   1097 O  O   . SER A 1 150 ? -7.620  18.727  12.507  1.00 18.02 ? 170 SER A O   1 
ATOM   1098 C  CB  . SER A 1 150 ? -6.595  17.914  15.454  1.00 18.02 ? 170 SER A CB  1 
ATOM   1099 O  OG  . SER A 1 150 ? -5.292  17.306  15.329  1.00 44.11 ? 170 SER A OG  1 
ATOM   1100 N  N   . ALA A 1 151 ? -6.321  16.882  12.207  1.00 13.09 ? 171 ALA A N   1 
ATOM   1101 C  CA  . ALA A 1 151 ? -5.970  17.172  10.809  1.00 13.09 ? 171 ALA A CA  1 
ATOM   1102 C  C   . ALA A 1 151 ? -7.122  17.024  9.815   1.00 13.09 ? 171 ALA A C   1 
ATOM   1103 O  O   . ALA A 1 151 ? -7.237  17.800  8.835   1.00 13.09 ? 171 ALA A O   1 
ATOM   1104 C  CB  . ALA A 1 151 ? -4.826  16.267  10.335  1.00 13.09 ? 171 ALA A CB  1 
ATOM   1105 N  N   . TYR A 1 152 ? -7.994  16.059  10.051  1.00 13.49 ? 172 TYR A N   1 
ATOM   1106 C  CA  . TYR A 1 152 ? -9.059  15.766  9.081   1.00 13.49 ? 172 TYR A CA  1 
ATOM   1107 C  C   . TYR A 1 152 ? -10.397 15.609  9.795   1.00 13.49 ? 172 TYR A C   1 
ATOM   1108 O  O   . TYR A 1 152 ? -10.912 14.476  9.904   1.00 13.49 ? 172 TYR A O   1 
ATOM   1109 C  CB  . TYR A 1 152 ? -8.756  14.361  8.446   1.00 13.49 ? 172 TYR A CB  1 
ATOM   1110 C  CG  . TYR A 1 152 ? -7.551  14.376  7.500   1.00 14.94 ? 172 TYR A CG  1 
ATOM   1111 C  CD1 . TYR A 1 152 ? -6.362  13.742  7.848   1.00 14.94 ? 172 TYR A CD1 1 
ATOM   1112 C  CD2 . TYR A 1 152 ? -7.642  15.109  6.322   1.00 14.94 ? 172 TYR A CD2 1 
ATOM   1113 C  CE1 . TYR A 1 152 ? -5.262  13.828  6.987   1.00 14.94 ? 172 TYR A CE1 1 
ATOM   1114 C  CE2 . TYR A 1 152 ? -6.542  15.191  5.441   1.00 14.94 ? 172 TYR A CE2 1 
ATOM   1115 C  CZ  . TYR A 1 152 ? -5.373  14.542  5.765   1.00 14.94 ? 172 TYR A CZ  1 
ATOM   1116 O  OH  . TYR A 1 152 ? -4.302  14.588  4.846   1.00 14.94 ? 172 TYR A OH  1 
ATOM   1117 N  N   . PRO A 1 153 ? -10.924 16.684  10.378  1.00 18.86 ? 173 PRO A N   1 
ATOM   1118 C  CA  . PRO A 1 153 ? -12.114 16.566  11.208  1.00 18.86 ? 173 PRO A CA  1 
ATOM   1119 C  C   . PRO A 1 153 ? -13.321 15.980  10.478  1.00 18.86 ? 173 PRO A C   1 
ATOM   1120 O  O   . PRO A 1 153 ? -13.586 16.305  9.289   1.00 18.86 ? 173 PRO A O   1 
ATOM   1121 C  CB  . PRO A 1 153 ? -12.443 17.975  11.717  1.00 18.86 ? 173 PRO A CB  1 
ATOM   1122 C  CG  . PRO A 1 153 ? -11.431 18.920  11.097  1.00 22.14 ? 173 PRO A CG  1 
ATOM   1123 C  CD  . PRO A 1 153 ? -10.463 18.071  10.269  1.00 22.14 ? 173 PRO A CD  1 
ATOM   1124 N  N   . GLY A 1 154 ? -13.910 15.033  11.160  1.00 24.71 ? 174 GLY A N   1 
ATOM   1125 C  CA  . GLY A 1 154 ? -15.068 14.280  10.673  1.00 24.71 ? 174 GLY A CA  1 
ATOM   1126 C  C   . GLY A 1 154 ? -14.784 13.233  9.580   1.00 24.71 ? 174 GLY A C   1 
ATOM   1127 O  O   . GLY A 1 154 ? -15.737 12.681  9.006   1.00 24.71 ? 174 GLY A O   1 
ATOM   1128 N  N   . GLN A 1 155 ? -13.586 13.082  9.140   1.00 18.74 ? 175 GLN A N   1 
ATOM   1129 C  CA  . GLN A 1 155 ? -13.338 12.213  7.975   1.00 18.74 ? 175 GLN A CA  1 
ATOM   1130 C  C   . GLN A 1 155 ? -12.582 10.951  8.362   1.00 18.74 ? 175 GLN A C   1 
ATOM   1131 O  O   . GLN A 1 155 ? -12.430 10.064  7.490   1.00 18.74 ? 175 GLN A O   1 
ATOM   1132 C  CB  . GLN A 1 155 ? -12.535 12.995  6.941   1.00 18.74 ? 175 GLN A CB  1 
ATOM   1133 C  CG  . GLN A 1 155 ? -13.229 14.316  6.525   1.00 29.54 ? 175 GLN A CG  1 
ATOM   1134 C  CD  . GLN A 1 155 ? -12.164 15.243  5.932   1.00 29.54 ? 175 GLN A CD  1 
ATOM   1135 O  OE1 . GLN A 1 155 ? -11.634 16.191  6.595   1.00 29.54 ? 175 GLN A OE1 1 
ATOM   1136 N  NE2 . GLN A 1 155 ? -11.821 14.920  4.744   1.00 29.54 ? 175 GLN A NE2 1 
ATOM   1137 N  N   . ILE A 1 156 ? -12.271 10.746  9.631   1.00 18.02 ? 176 ILE A N   1 
ATOM   1138 C  CA  . ILE A 1 156 ? -11.413 9.597   10.028  1.00 18.02 ? 176 ILE A CA  1 
ATOM   1139 C  C   . ILE A 1 156 ? -12.234 8.585   10.781  1.00 18.02 ? 176 ILE A C   1 
ATOM   1140 O  O   . ILE A 1 156 ? -12.884 8.973   11.778  1.00 18.02 ? 176 ILE A O   1 
ATOM   1141 C  CB  . ILE A 1 156 ? -10.187 9.985   10.936  1.00 18.02 ? 176 ILE A CB  1 
ATOM   1142 C  CG1 . ILE A 1 156 ? -9.290  11.079  10.345  1.00 12.89 ? 176 ILE A CG1 1 
ATOM   1143 C  CG2 . ILE A 1 156 ? -9.376  8.769   11.403  1.00 12.89 ? 176 ILE A CG2 1 
ATOM   1144 C  CD1 . ILE A 1 156 ? -8.648  10.650  8.990   1.00 12.89 ? 176 ILE A CD1 1 
ATOM   1145 N  N   . THR A 1 157 ? -12.304 7.391   10.252  1.00 12.58 ? 177 THR A N   1 
ATOM   1146 C  CA  . THR A 1 157 ? -13.100 6.373   10.892  1.00 12.58 ? 177 THR A CA  1 
ATOM   1147 C  C   . THR A 1 157 ? -12.187 5.477   11.694  1.00 12.58 ? 177 THR A C   1 
ATOM   1148 O  O   . THR A 1 157 ? -10.945 5.593   11.596  1.00 12.58 ? 177 THR A O   1 
ATOM   1149 C  CB  . THR A 1 157 ? -13.876 5.500   9.871   1.00 12.58 ? 177 THR A CB  1 
ATOM   1150 O  OG1 . THR A 1 157 ? -12.928 4.726   9.099   1.00 18.05 ? 177 THR A OG1 1 
ATOM   1151 C  CG2 . THR A 1 157 ? -14.705 6.390   8.904   1.00 18.05 ? 177 THR A CG2 1 
ATOM   1152 N  N   . SER A 1 158 ? -12.771 4.513   12.386  1.00 15.81 ? 178 SER A N   1 
ATOM   1153 C  CA  . SER A 1 158 ? -12.055 3.514   13.190  1.00 15.81 ? 178 SER A CA  1 
ATOM   1154 C  C   . SER A 1 158 ? -11.176 2.633   12.304  1.00 15.81 ? 178 SER A C   1 
ATOM   1155 O  O   . SER A 1 158 ? -10.270 1.963   12.831  1.00 15.81 ? 178 SER A O   1 
ATOM   1156 C  CB  . SER A 1 158 ? -13.057 2.564   13.907  1.00 15.81 ? 178 SER A CB  1 
ATOM   1157 O  OG  . SER A 1 158 ? -13.711 1.769   12.906  1.00 0.00  ? 178 SER A OG  1 
ATOM   1158 N  N   . ASN A 1 159 ? -11.397 2.689   10.991  1.00 12.62 ? 179 ASN A N   1 
ATOM   1159 C  CA  . ASN A 1 159 ? -10.685 1.817   10.063  1.00 12.62 ? 179 ASN A CA  1 
ATOM   1160 C  C   . ASN A 1 159 ? -9.539  2.479   9.353   1.00 12.62 ? 179 ASN A C   1 
ATOM   1161 O  O   . ASN A 1 159 ? -9.033  1.950   8.325   1.00 12.62 ? 179 ASN A O   1 
ATOM   1162 C  CB  . ASN A 1 159 ? -11.676 1.349   8.979   1.00 12.62 ? 179 ASN A CB  1 
ATOM   1163 C  CG  . ASN A 1 159 ? -12.701 0.406   9.594   1.00 16.81 ? 179 ASN A CG  1 
ATOM   1164 O  OD1 . ASN A 1 159 ? -12.340 -0.482  10.408  1.00 16.81 ? 179 ASN A OD1 1 
ATOM   1165 N  ND2 . ASN A 1 159 ? -13.935 0.678   9.240   1.00 16.81 ? 179 ASN A ND2 1 
ATOM   1166 N  N   . MET A 1 160 ? -9.150  3.597   9.881   1.00 14.71 ? 180 MET A N   1 
ATOM   1167 C  CA  . MET A 1 160 ? -8.059  4.437   9.316   1.00 14.71 ? 180 MET A CA  1 
ATOM   1168 C  C   . MET A 1 160 ? -7.066  4.863   10.371  1.00 14.71 ? 180 MET A C   1 
ATOM   1169 O  O   . MET A 1 160 ? -7.474  5.101   11.524  1.00 14.71 ? 180 MET A O   1 
ATOM   1170 C  CB  . MET A 1 160 ? -8.641  5.742   8.736   1.00 14.71 ? 180 MET A CB  1 
ATOM   1171 C  CG  . MET A 1 160 ? -9.771  5.465   7.700   1.00 14.77 ? 180 MET A CG  1 
ATOM   1172 S  SD  . MET A 1 160 ? -10.491 7.009   7.110   1.00 14.77 ? 180 MET A SD  1 
ATOM   1173 C  CE  . MET A 1 160 ? -11.998 6.383   6.293   1.00 14.77 ? 180 MET A CE  1 
ATOM   1174 N  N   . PHE A 1 161 ? -5.901  5.180   9.911   1.00 13.04 ? 181 PHE A N   1 
ATOM   1175 C  CA  . PHE A 1 161 ? -4.955  5.906   10.795  1.00 13.04 ? 181 PHE A CA  1 
ATOM   1176 C  C   . PHE A 1 161 ? -4.051  6.810   9.962   1.00 13.04 ? 181 PHE A C   1 
ATOM   1177 O  O   . PHE A 1 161 ? -4.001  6.640   8.719   1.00 13.04 ? 181 PHE A O   1 
ATOM   1178 C  CB  . PHE A 1 161 ? -4.026  4.931   11.577  1.00 13.04 ? 181 PHE A CB  1 
ATOM   1179 C  CG  . PHE A 1 161 ? -3.051  4.087   10.708  1.00 10.26 ? 181 PHE A CG  1 
ATOM   1180 C  CD1 . PHE A 1 161 ? -1.777  4.546   10.428  1.00 10.26 ? 181 PHE A CD1 1 
ATOM   1181 C  CD2 . PHE A 1 161 ? -3.437  2.846   10.245  1.00 10.26 ? 181 PHE A CD2 1 
ATOM   1182 C  CE1 . PHE A 1 161 ? -0.868  3.784   9.707   1.00 10.26 ? 181 PHE A CE1 1 
ATOM   1183 C  CE2 . PHE A 1 161 ? -2.538  2.069   9.495   1.00 10.26 ? 181 PHE A CE2 1 
ATOM   1184 C  CZ  . PHE A 1 161 ? -1.244  2.515   9.221   1.00 10.26 ? 181 PHE A CZ  1 
ATOM   1185 N  N   . CYS A 1 162 ? -3.442  7.792   10.619  1.00 11.43 ? 182 CYS A N   1 
ATOM   1186 C  CA  . CYS A 1 162 ? -2.549  8.778   9.986   1.00 11.43 ? 182 CYS A CA  1 
ATOM   1187 C  C   . CYS A 1 162 ? -1.112  8.380   10.258  1.00 11.43 ? 182 CYS A C   1 
ATOM   1188 O  O   . CYS A 1 162 ? -0.827  7.740   11.283  1.00 11.43 ? 182 CYS A O   1 
ATOM   1189 C  CB  . CYS A 1 162 ? -2.731  10.245  10.485  1.00 11.43 ? 182 CYS A CB  1 
ATOM   1190 S  SG  . CYS A 1 162 ? -4.275  11.040  10.009  1.00 15.88 ? 182 CYS A SG  1 
ATOM   1191 N  N   . ALA A 1 163 ? -0.298  8.613   9.286   1.00 14.06 ? 183 ALA A N   1 
ATOM   1192 C  CA  . ALA A 1 163 ? 1.121   8.310   9.437   1.00 14.06 ? 183 ALA A CA  1 
ATOM   1193 C  C   . ALA A 1 163 ? 1.895   9.369   8.642   1.00 14.06 ? 183 ALA A C   1 
ATOM   1194 O  O   . ALA A 1 163 ? 1.440   9.847   7.556   1.00 14.06 ? 183 ALA A O   1 
ATOM   1195 C  CB  . ALA A 1 163 ? 1.516   6.859   9.011   1.00 14.06 ? 183 ALA A CB  1 
ATOM   1196 N  N   . GLY A 1 164 A 3.047   9.729   9.162   1.00 15.05 ? 184 GLY A N   1 
ATOM   1197 C  CA  . GLY A 1 164 A 3.808   10.764  8.468   1.00 15.05 ? 184 GLY A CA  1 
ATOM   1198 C  C   . GLY A 1 164 A 4.221   11.913  9.383   1.00 15.05 ? 184 GLY A C   1 
ATOM   1199 O  O   . GLY A 1 164 A 4.581   11.648  10.576  1.00 15.05 ? 184 GLY A O   1 
ATOM   1200 N  N   . TYR A 1 165 ? 4.275   13.072  8.736   1.00 20.02 ? 184 TYR A N   1 
ATOM   1201 C  CA  . TYR A 1 165 ? 4.977   14.269  9.272   1.00 20.02 ? 184 TYR A CA  1 
ATOM   1202 C  C   . TYR A 1 165 ? 4.143   15.524  9.098   1.00 20.02 ? 184 TYR A C   1 
ATOM   1203 O  O   . TYR A 1 165 ? 3.771   15.887  7.948   1.00 20.02 ? 184 TYR A O   1 
ATOM   1204 C  CB  . TYR A 1 165 ? 6.275   14.510  8.489   1.00 20.02 ? 184 TYR A CB  1 
ATOM   1205 C  CG  . TYR A 1 165 ? 7.257   13.322  8.601   1.00 18.55 ? 184 TYR A CG  1 
ATOM   1206 C  CD1 . TYR A 1 165 ? 7.225   12.265  7.702   1.00 18.55 ? 184 TYR A CD1 1 
ATOM   1207 C  CD2 . TYR A 1 165 ? 8.130   13.295  9.644   1.00 18.55 ? 184 TYR A CD2 1 
ATOM   1208 C  CE1 . TYR A 1 165 ? 8.078   11.199  7.851   1.00 18.55 ? 184 TYR A CE1 1 
ATOM   1209 C  CE2 . TYR A 1 165 ? 8.992   12.262  9.800   1.00 18.55 ? 184 TYR A CE2 1 
ATOM   1210 C  CZ  . TYR A 1 165 ? 8.977   11.211  8.900   1.00 18.55 ? 184 TYR A CZ  1 
ATOM   1211 O  OH  . TYR A 1 165 ? 9.843   10.119  9.139   1.00 18.55 ? 184 TYR A OH  1 
ATOM   1212 N  N   . LEU A 1 166 ? 3.869   16.170  10.226  1.00 20.48 ? 185 LEU A N   1 
ATOM   1213 C  CA  . LEU A 1 166 ? 2.969   17.323  10.184  1.00 20.48 ? 185 LEU A CA  1 
ATOM   1214 C  C   . LEU A 1 166 ? 3.657   18.577  9.636   1.00 20.48 ? 185 LEU A C   1 
ATOM   1215 O  O   . LEU A 1 166 ? 2.975   19.508  9.154   1.00 20.48 ? 185 LEU A O   1 
ATOM   1216 C  CB  . LEU A 1 166 ? 2.492   17.588  11.612  1.00 20.48 ? 185 LEU A CB  1 
ATOM   1217 C  CG  . LEU A 1 166 ? 1.606   16.460  12.096  1.00 19.82 ? 185 LEU A CG  1 
ATOM   1218 C  CD1 . LEU A 1 166 ? 1.218   16.725  13.550  1.00 19.82 ? 185 LEU A CD1 1 
ATOM   1219 C  CD2 . LEU A 1 166 ? 0.362   16.328  11.200  1.00 19.82 ? 185 LEU A CD2 1 
ATOM   1220 N  N   . GLU A 1 167 ? 4.969   18.542  9.648   1.00 28.82 ? 186 GLU A N   1 
ATOM   1221 C  CA  . GLU A 1 167 ? 5.745   19.613  9.033   1.00 28.82 ? 186 GLU A CA  1 
ATOM   1222 C  C   . GLU A 1 167 ? 5.691   19.560  7.519   1.00 28.82 ? 186 GLU A C   1 
ATOM   1223 O  O   . GLU A 1 167 ? 6.218   20.482  6.854   1.00 28.82 ? 186 GLU A O   1 
ATOM   1224 C  CB  . GLU A 1 167 ? 7.235   19.477  9.429   1.00 28.82 ? 186 GLU A CB  1 
ATOM   1225 C  CG  . GLU A 1 167 ? 7.372   18.944  10.864  1.00 48.15 ? 186 GLU A CG  1 
ATOM   1226 C  CD  . GLU A 1 167 ? 7.791   17.468  10.841  1.00 48.15 ? 186 GLU A CD  1 
ATOM   1227 O  OE1 . GLU A 1 167 ? 7.601   16.830  11.909  1.00 48.15 ? 186 GLU A OE1 1 
ATOM   1228 O  OE2 . GLU A 1 167 ? 8.917   17.283  10.155  1.00 48.15 ? 186 GLU A OE2 1 
ATOM   1229 N  N   . GLY A 1 168 ? 5.135   18.508  6.947   1.00 29.15 ? 187 GLY A N   1 
ATOM   1230 C  CA  . GLY A 1 168 ? 5.150   18.476  5.489   1.00 29.15 ? 187 GLY A CA  1 
ATOM   1231 C  C   . GLY A 1 168 ? 6.461   17.915  4.956   1.00 29.15 ? 187 GLY A C   1 
ATOM   1232 O  O   . GLY A 1 168 ? 7.318   17.576  5.810   1.00 29.15 ? 187 GLY A O   1 
ATOM   1233 N  N   . GLY A 1 169 A 6.531   17.766  3.614   1.00 23.14 ? 188 GLY A N   1 
ATOM   1234 C  CA  . GLY A 1 169 A 7.700   17.399  2.750   1.00 23.14 ? 188 GLY A CA  1 
ATOM   1235 C  C   . GLY A 1 169 A 7.949   15.902  2.516   1.00 23.14 ? 188 GLY A C   1 
ATOM   1236 O  O   . GLY A 1 169 A 8.880   15.552  1.765   1.00 23.14 ? 188 GLY A O   1 
ATOM   1237 N  N   . LYS A 1 170 ? 7.393   15.065  3.353   1.00 15.37 ? 188 LYS A N   1 
ATOM   1238 C  CA  . LYS A 1 170 ? 7.585   13.611  3.329   1.00 15.37 ? 188 LYS A CA  1 
ATOM   1239 C  C   . LYS A 1 170 ? 6.198   12.949  3.397   1.00 15.37 ? 188 LYS A C   1 
ATOM   1240 O  O   . LYS A 1 170 ? 5.474   13.079  4.426   1.00 15.37 ? 188 LYS A O   1 
ATOM   1241 C  CB  . LYS A 1 170 ? 8.426   13.141  4.519   1.00 15.37 ? 188 LYS A CB  1 
ATOM   1242 C  CG  . LYS A 1 170 ? 9.893   13.613  4.499   1.00 19.19 ? 188 LYS A CG  1 
ATOM   1243 C  CD  . LYS A 1 170 ? 10.735  12.959  5.616   1.00 19.19 ? 188 LYS A CD  1 
ATOM   1244 C  CE  . LYS A 1 170 ? 12.104  13.626  5.825   1.00 0.00  ? 188 LYS A CE  1 
ATOM   1245 N  NZ  . LYS A 1 170 ? 12.760  13.020  6.993   1.00 0.00  ? 188 LYS A NZ  1 
ATOM   1246 N  N   . ASP A 1 171 ? 5.772   12.240  2.331   1.00 12.57 ? 189 ASP A N   1 
ATOM   1247 C  CA  . ASP A 1 171 ? 4.467   11.550  2.348   1.00 12.57 ? 189 ASP A CA  1 
ATOM   1248 C  C   . ASP A 1 171 ? 4.437   10.426  1.305   1.00 12.57 ? 189 ASP A C   1 
ATOM   1249 O  O   . ASP A 1 171 ? 5.269   10.474  0.369   1.00 12.57 ? 189 ASP A O   1 
ATOM   1250 C  CB  . ASP A 1 171 ? 3.435   12.613  1.993   1.00 12.57 ? 189 ASP A CB  1 
ATOM   1251 C  CG  . ASP A 1 171 ? 2.016   12.346  2.530   1.00 12.28 ? 189 ASP A CG  1 
ATOM   1252 O  OD1 . ASP A 1 171 ? 1.138   13.182  2.187   1.00 12.28 ? 189 ASP A OD1 1 
ATOM   1253 O  OD2 . ASP A 1 171 ? 1.659   11.207  2.948   1.00 12.28 ? 189 ASP A OD2 1 
ATOM   1254 N  N   . SER A 1 172 ? 3.320   9.740   1.248   1.00 13.41 ? 190 SER A N   1 
ATOM   1255 C  CA  . SER A 1 172 ? 2.960   8.934   0.076   1.00 13.41 ? 190 SER A CA  1 
ATOM   1256 C  C   . SER A 1 172 ? 2.203   9.859   -0.872  1.00 13.41 ? 190 SER A C   1 
ATOM   1257 O  O   . SER A 1 172 ? 1.710   10.950  -0.471  1.00 13.41 ? 190 SER A O   1 
ATOM   1258 C  CB  . SER A 1 172 ? 2.137   7.681   0.489   1.00 13.41 ? 190 SER A CB  1 
ATOM   1259 O  OG  . SER A 1 172 ? 0.959   8.112   1.172   1.00 15.85 ? 190 SER A OG  1 
ATOM   1260 N  N   . CYS A 1 173 ? 2.037   9.440   -2.087  1.00 12.49 ? 191 CYS A N   1 
ATOM   1261 C  CA  . CYS A 1 173 ? 1.258   10.264  -3.055  1.00 12.49 ? 191 CYS A CA  1 
ATOM   1262 C  C   . CYS A 1 173 ? 0.582   9.420   -4.143  1.00 12.49 ? 191 CYS A C   1 
ATOM   1263 O  O   . CYS A 1 173 ? 0.621   8.159   -4.095  1.00 12.49 ? 191 CYS A O   1 
ATOM   1264 C  CB  . CYS A 1 173 ? 2.324   11.196  -3.665  1.00 12.49 ? 191 CYS A CB  1 
ATOM   1265 S  SG  . CYS A 1 173 ? 1.708   12.696  -4.393  1.00 18.06 ? 191 CYS A SG  1 
ATOM   1266 N  N   . GLN A 1 174 ? -0.093  10.069  -5.086  1.00 19.00 ? 192 GLN A N   1 
ATOM   1267 C  CA  . GLN A 1 174 ? -0.771  9.359   -6.175  1.00 19.00 ? 192 GLN A CA  1 
ATOM   1268 C  C   . GLN A 1 174 ? 0.111   8.286   -6.815  1.00 19.00 ? 192 GLN A C   1 
ATOM   1269 O  O   . GLN A 1 174 ? 1.275   8.585   -7.165  1.00 19.00 ? 192 GLN A O   1 
ATOM   1270 C  CB  . GLN A 1 174 ? -1.135  10.361  -7.261  1.00 19.00 ? 192 GLN A CB  1 
ATOM   1271 C  CG  . GLN A 1 174 ? -1.943  11.455  -6.559  1.00 31.72 ? 192 GLN A CG  1 
ATOM   1272 C  CD  . GLN A 1 174 ? -1.409  12.787  -7.073  1.00 31.72 ? 192 GLN A CD  1 
ATOM   1273 O  OE1 . GLN A 1 174 ? -1.268  13.749  -6.278  1.00 0.00  ? 192 GLN A OE1 1 
ATOM   1274 N  NE2 . GLN A 1 174 ? -1.061  12.810  -8.344  1.00 0.00  ? 192 GLN A NE2 1 
ATOM   1275 N  N   . GLY A 1 175 ? -0.416  7.090   -6.887  1.00 14.34 ? 193 GLY A N   1 
ATOM   1276 C  CA  . GLY A 1 175 ? 0.341   6.050   -7.550  1.00 14.34 ? 193 GLY A CA  1 
ATOM   1277 C  C   . GLY A 1 175 ? 0.984   5.152   -6.504  1.00 14.34 ? 193 GLY A C   1 
ATOM   1278 O  O   . GLY A 1 175 ? 1.271   3.985   -6.854  1.00 14.34 ? 193 GLY A O   1 
ATOM   1279 N  N   . ASP A 1 176 ? 1.076   5.666   -5.257  1.00 10.63 ? 194 ASP A N   1 
ATOM   1280 C  CA  . ASP A 1 176 ? 1.453   4.845   -4.121  1.00 10.63 ? 194 ASP A CA  1 
ATOM   1281 C  C   . ASP A 1 176 ? 0.307   4.030   -3.566  1.00 10.63 ? 194 ASP A C   1 
ATOM   1282 O  O   . ASP A 1 176 ? 0.612   3.038   -2.855  1.00 10.63 ? 194 ASP A O   1 
ATOM   1283 C  CB  . ASP A 1 176 ? 2.050   5.611   -2.944  1.00 10.63 ? 194 ASP A CB  1 
ATOM   1284 C  CG  . ASP A 1 176 ? 3.376   6.200   -3.363  1.00 13.07 ? 194 ASP A CG  1 
ATOM   1285 O  OD1 . ASP A 1 176 ? 3.618   7.403   -3.090  1.00 13.07 ? 194 ASP A OD1 1 
ATOM   1286 O  OD2 . ASP A 1 176 ? 4.163   5.498   -4.048  1.00 13.07 ? 194 ASP A OD2 1 
ATOM   1287 N  N   . SER A 1 177 ? -0.942  4.457   -3.865  1.00 10.14 ? 195 SER A N   1 
ATOM   1288 C  CA  . SER A 1 177 ? -2.162  3.795   -3.344  1.00 10.14 ? 195 SER A CA  1 
ATOM   1289 C  C   . SER A 1 177 ? -2.157  2.262   -3.440  1.00 10.14 ? 195 SER A C   1 
ATOM   1290 O  O   . SER A 1 177 ? -1.720  1.699   -4.464  1.00 10.14 ? 195 SER A O   1 
ATOM   1291 C  CB  . SER A 1 177 ? -3.414  4.276   -4.107  1.00 10.14 ? 195 SER A CB  1 
ATOM   1292 O  OG  . SER A 1 177 ? -3.622  5.624   -3.681  1.00 17.97 ? 195 SER A OG  1 
ATOM   1293 N  N   . GLY A 1 178 ? -2.662  1.671   -2.439  1.00 6.79  ? 196 GLY A N   1 
ATOM   1294 C  CA  . GLY A 1 178 ? -2.727  0.232   -2.396  1.00 6.79  ? 196 GLY A CA  1 
ATOM   1295 C  C   . GLY A 1 178 ? -1.474  -0.396  -1.775  1.00 6.79  ? 196 GLY A C   1 
ATOM   1296 O  O   . GLY A 1 178 ? -1.536  -1.603  -1.442  1.00 6.79  ? 196 GLY A O   1 
ATOM   1297 N  N   . GLY A 1 179 ? -0.338  0.334   -1.747  1.00 7.80  ? 197 GLY A N   1 
ATOM   1298 C  CA  . GLY A 1 179 ? 0.886   -0.263  -1.268  1.00 7.80  ? 197 GLY A CA  1 
ATOM   1299 C  C   . GLY A 1 179 ? 0.967   -0.320  0.261   1.00 7.80  ? 197 GLY A C   1 
ATOM   1300 O  O   . GLY A 1 179 ? 0.038   0.046   1.012   1.00 7.80  ? 197 GLY A O   1 
ATOM   1301 N  N   . PRO A 1 180 ? 2.014   -0.982  0.680   1.00 11.40 ? 198 PRO A N   1 
ATOM   1302 C  CA  . PRO A 1 180 ? 2.297   -1.399  2.079   1.00 11.40 ? 198 PRO A CA  1 
ATOM   1303 C  C   . PRO A 1 180 ? 2.770   -0.274  3.009   1.00 11.40 ? 198 PRO A C   1 
ATOM   1304 O  O   . PRO A 1 180 ? 3.559   0.654   2.651   1.00 11.40 ? 198 PRO A O   1 
ATOM   1305 C  CB  . PRO A 1 180 ? 3.485   -2.366  2.036   1.00 11.40 ? 198 PRO A CB  1 
ATOM   1306 C  CG  . PRO A 1 180 ? 4.133   -2.140  0.644   1.00 13.26 ? 198 PRO A CG  1 
ATOM   1307 C  CD  . PRO A 1 180 ? 3.123   -1.342  -0.225  1.00 13.26 ? 198 PRO A CD  1 
ATOM   1308 N  N   . VAL A 1 181 ? 2.325   -0.502  4.246   1.00 8.93  ? 199 VAL A N   1 
ATOM   1309 C  CA  . VAL A 1 181 ? 2.836   0.230   5.398   1.00 8.93  ? 199 VAL A CA  1 
ATOM   1310 C  C   . VAL A 1 181 ? 3.222   -0.817  6.429   1.00 8.93  ? 199 VAL A C   1 
ATOM   1311 O  O   . VAL A 1 181 ? 2.355   -1.596  6.882   1.00 8.93  ? 199 VAL A O   1 
ATOM   1312 C  CB  . VAL A 1 181 ? 1.819   1.256   5.968   1.00 8.93  ? 199 VAL A CB  1 
ATOM   1313 C  CG1 . VAL A 1 181 ? 2.382   2.000   7.201   1.00 10.48 ? 199 VAL A CG1 1 
ATOM   1314 C  CG2 . VAL A 1 181 ? 1.375   2.252   4.891   1.00 10.48 ? 199 VAL A CG2 1 
ATOM   1315 N  N   . VAL A 1 182 ? 4.510   -1.080  6.440   1.00 11.13 ? 200 VAL A N   1 
ATOM   1316 C  CA  . VAL A 1 182 ? 5.022   -2.224  7.239   1.00 11.13 ? 200 VAL A CA  1 
ATOM   1317 C  C   . VAL A 1 182 ? 5.734   -1.770  8.505   1.00 11.13 ? 200 VAL A C   1 
ATOM   1318 O  O   . VAL A 1 182 ? 6.613   -0.872  8.454   1.00 11.13 ? 200 VAL A O   1 
ATOM   1319 C  CB  . VAL A 1 182 ? 5.914   -3.135  6.374   1.00 11.13 ? 200 VAL A CB  1 
ATOM   1320 C  CG1 . VAL A 1 182 ? 6.673   -4.208  7.207   1.00 12.82 ? 200 VAL A CG1 1 
ATOM   1321 C  CG2 . VAL A 1 182 ? 4.979   -3.867  5.395   1.00 12.82 ? 200 VAL A CG2 1 
ATOM   1322 N  N   . CYS A 1 183 ? 5.314   -2.345  9.613   1.00 18.31 ? 201 CYS A N   1 
ATOM   1323 C  CA  . CYS A 1 183 ? 5.848   -1.908  10.940  1.00 18.31 ? 201 CYS A CA  1 
ATOM   1324 C  C   . CYS A 1 183 ? 6.179   -3.138  11.778  1.00 18.31 ? 201 CYS A C   1 
ATOM   1325 O  O   . CYS A 1 183 ? 5.327   -4.069  11.925  1.00 18.31 ? 201 CYS A O   1 
ATOM   1326 C  CB  . CYS A 1 183 ? 4.763   -1.102  11.703  1.00 18.31 ? 201 CYS A CB  1 
ATOM   1327 S  SG  . CYS A 1 183 ? 3.725   -0.009  10.735  1.00 17.47 ? 201 CYS A SG  1 
ATOM   1328 N  N   . SER A 1 184 ? 7.430   -3.177  12.162  1.00 26.72 ? 202 SER A N   1 
ATOM   1329 C  CA  . SER A 1 184 ? 8.005   -4.338  12.874  1.00 26.72 ? 202 SER A CA  1 
ATOM   1330 C  C   . SER A 1 184 ? 7.677   -5.661  12.192  1.00 26.72 ? 202 SER A C   1 
ATOM   1331 O  O   . SER A 1 184 ? 7.138   -6.577  12.876  1.00 26.72 ? 202 SER A O   1 
ATOM   1332 C  CB  . SER A 1 184 ? 7.459   -4.418  14.327  1.00 26.72 ? 202 SER A CB  1 
ATOM   1333 O  OG  . SER A 1 184 ? 7.162   -3.137  14.899  1.00 44.09 ? 202 SER A OG  1 
ATOM   1334 N  N   . GLY A 1 185 ? 7.901   -5.698  10.881  1.00 17.56 ? 203 GLY A N   1 
ATOM   1335 C  CA  . GLY A 1 185 ? 7.682   -6.855  10.026  1.00 17.56 ? 203 GLY A CA  1 
ATOM   1336 C  C   . GLY A 1 185 ? 6.225   -7.273  9.796   1.00 17.56 ? 203 GLY A C   1 
ATOM   1337 O  O   . GLY A 1 185 ? 5.930   -8.399  9.337   1.00 17.56 ? 203 GLY A O   1 
ATOM   1338 N  N   . LYS A 1 186 ? 5.302   -6.416  10.112  1.00 16.06 ? 204 LYS A N   1 
ATOM   1339 C  CA  . LYS A 1 186 ? 3.905   -6.783  9.892   1.00 16.06 ? 204 LYS A CA  1 
ATOM   1340 C  C   . LYS A 1 186 ? 3.220   -5.736  9.018   1.00 16.06 ? 204 LYS A C   1 
ATOM   1341 O  O   . LYS A 1 186 ? 3.521   -4.539  9.217   1.00 16.06 ? 204 LYS A O   1 
ATOM   1342 C  CB  . LYS A 1 186 ? 3.093   -6.782  11.190  1.00 16.06 ? 204 LYS A CB  1 
ATOM   1343 C  CG  . LYS A 1 186 ? 3.581   -7.773  12.242  1.00 27.32 ? 204 LYS A CG  1 
ATOM   1344 C  CD  . LYS A 1 186 ? 3.535   -9.203  11.724  1.00 27.32 ? 204 LYS A CD  1 
ATOM   1345 C  CE  . LYS A 1 186 ? 3.496   -10.214 12.894  1.00 27.32 ? 204 LYS A CE  1 
ATOM   1346 N  NZ  . LYS A 1 186 ? 4.690   -10.085 13.738  1.00 0.00  ? 204 LYS A NZ  1 
ATOM   1347 N  N   . LEU A 1 187 ? 2.258   -6.167  8.187   1.00 12.60 ? 209 LEU A N   1 
ATOM   1348 C  CA  . LEU A 1 187 ? 1.501   -5.211  7.335   1.00 12.60 ? 209 LEU A CA  1 
ATOM   1349 C  C   . LEU A 1 187 ? 0.417   -4.474  8.127   1.00 12.60 ? 209 LEU A C   1 
ATOM   1350 O  O   . LEU A 1 187 ? -0.645  -5.051  8.404   1.00 12.60 ? 209 LEU A O   1 
ATOM   1351 C  CB  . LEU A 1 187 ? 0.879   -6.005  6.145   1.00 12.60 ? 209 LEU A CB  1 
ATOM   1352 C  CG  . LEU A 1 187 ? 0.084   -5.069  5.143   1.00 13.45 ? 209 LEU A CG  1 
ATOM   1353 C  CD1 . LEU A 1 187 ? 1.026   -4.064  4.427   1.00 13.45 ? 209 LEU A CD1 1 
ATOM   1354 C  CD2 . LEU A 1 187 ? -0.822  -5.887  4.176   1.00 13.45 ? 209 LEU A CD2 1 
ATOM   1355 N  N   . GLN A 1 188 ? 0.681   -3.261  8.581   1.00 8.60  ? 210 GLN A N   1 
ATOM   1356 C  CA  . GLN A 1 188 ? -0.320  -2.567  9.359   1.00 8.60  ? 210 GLN A CA  1 
ATOM   1357 C  C   . GLN A 1 188 ? -1.201  -1.632  8.561   1.00 8.60  ? 210 GLN A C   1 
ATOM   1358 O  O   . GLN A 1 188 ? -2.283  -1.255  9.043   1.00 8.60  ? 210 GLN A O   1 
ATOM   1359 C  CB  . GLN A 1 188 ? 0.392   -1.733  10.457  1.00 8.60  ? 210 GLN A CB  1 
ATOM   1360 C  CG  . GLN A 1 188 ? 1.114   -2.650  11.498  1.00 19.26 ? 210 GLN A CG  1 
ATOM   1361 C  CD  . GLN A 1 188 ? 0.241   -3.407  12.520  1.00 19.26 ? 210 GLN A CD  1 
ATOM   1362 O  OE1 . GLN A 1 188 ? 0.798   -4.120  13.389  1.00 19.26 ? 210 GLN A OE1 1 
ATOM   1363 N  NE2 . GLN A 1 188 ? -1.057  -3.304  12.485  1.00 19.26 ? 210 GLN A NE2 1 
ATOM   1364 N  N   . GLY A 1 189 ? -0.718  -1.124  7.444   1.00 10.55 ? 211 GLY A N   1 
ATOM   1365 C  CA  . GLY A 1 189 ? -1.485  -0.160  6.638   1.00 10.55 ? 211 GLY A CA  1 
ATOM   1366 C  C   . GLY A 1 189 ? -1.459  -0.426  5.118   1.00 10.55 ? 211 GLY A C   1 
ATOM   1367 O  O   . GLY A 1 189 ? -0.555  -1.125  4.567   1.00 10.55 ? 211 GLY A O   1 
ATOM   1368 N  N   . ILE A 1 190 ? -2.479  0.169   4.508   1.00 7.54  ? 212 ILE A N   1 
ATOM   1369 C  CA  . ILE A 1 190 ? -2.515  0.282   3.069   1.00 7.54  ? 212 ILE A CA  1 
ATOM   1370 C  C   . ILE A 1 190 ? -2.625  1.764   2.694   1.00 7.54  ? 212 ILE A C   1 
ATOM   1371 O  O   . ILE A 1 190 ? -3.498  2.477   3.288   1.00 7.54  ? 212 ILE A O   1 
ATOM   1372 C  CB  . ILE A 1 190 ? -3.754  -0.500  2.500   1.00 7.54  ? 212 ILE A CB  1 
ATOM   1373 C  CG1 . ILE A 1 190 ? -3.727  -1.968  2.889   1.00 8.70  ? 212 ILE A CG1 1 
ATOM   1374 C  CG2 . ILE A 1 190 ? -3.945  -0.266  0.970   1.00 8.70  ? 212 ILE A CG2 1 
ATOM   1375 C  CD1 . ILE A 1 190 ? -5.141  -2.570  2.649   1.00 8.70  ? 212 ILE A CD1 1 
ATOM   1376 N  N   . VAL A 1 191 ? -1.756  2.187   1.731   1.00 8.88  ? 213 VAL A N   1 
ATOM   1377 C  CA  . VAL A 1 191 ? -1.874  3.582   1.260   1.00 8.88  ? 213 VAL A CA  1 
ATOM   1378 C  C   . VAL A 1 191 ? -3.279  3.858   0.705   1.00 8.88  ? 213 VAL A C   1 
ATOM   1379 O  O   . VAL A 1 191 ? -3.717  3.195   -0.272  1.00 8.88  ? 213 VAL A O   1 
ATOM   1380 C  CB  . VAL A 1 191 ? -0.827  3.869   0.164   1.00 8.88  ? 213 VAL A CB  1 
ATOM   1381 C  CG1 . VAL A 1 191 ? -0.864  5.330   -0.260  1.00 8.77  ? 213 VAL A CG1 1 
ATOM   1382 C  CG2 . VAL A 1 191 ? 0.597   3.548   0.655   1.00 8.77  ? 213 VAL A CG2 1 
ATOM   1383 N  N   . SER A 1 192 ? -3.977  4.789   1.319   1.00 8.31  ? 214 SER A N   1 
ATOM   1384 C  CA  . SER A 1 192 ? -5.370  5.069   1.000   1.00 8.31  ? 214 SER A CA  1 
ATOM   1385 C  C   . SER A 1 192 ? -5.568  6.474   0.442   1.00 8.31  ? 214 SER A C   1 
ATOM   1386 O  O   . SER A 1 192 ? -5.949  6.640   -0.740  1.00 8.31  ? 214 SER A O   1 
ATOM   1387 C  CB  . SER A 1 192 ? -6.288  4.676   2.194   1.00 8.31  ? 214 SER A CB  1 
ATOM   1388 O  OG  . SER A 1 192 ? -7.650  4.879   1.846   1.00 10.06 ? 214 SER A OG  1 
ATOM   1389 N  N   . TRP A 1 193 ? -5.506  7.499   1.287   1.00 10.22 ? 215 TRP A N   1 
ATOM   1390 C  CA  . TRP A 1 193 ? -5.850  8.840   0.816   1.00 10.22 ? 215 TRP A CA  1 
ATOM   1391 C  C   . TRP A 1 193 ? -5.170  9.947   1.619   1.00 10.22 ? 215 TRP A C   1 
ATOM   1392 O  O   . TRP A 1 193 ? -4.383  9.650   2.524   1.00 10.22 ? 215 TRP A O   1 
ATOM   1393 C  CB  . TRP A 1 193 ? -7.362  9.073   0.805   1.00 10.22 ? 215 TRP A CB  1 
ATOM   1394 C  CG  . TRP A 1 193 ? -8.017  9.045   2.177   1.00 14.86 ? 215 TRP A CG  1 
ATOM   1395 C  CD1 . TRP A 1 193 ? -8.462  7.983   2.868   1.00 14.86 ? 215 TRP A CD1 1 
ATOM   1396 C  CD2 . TRP A 1 193 ? -8.366  10.180  2.958   1.00 14.86 ? 215 TRP A CD2 1 
ATOM   1397 N  NE1 . TRP A 1 193 ? -9.048  8.416   4.070   1.00 14.86 ? 215 TRP A NE1 1 
ATOM   1398 C  CE2 . TRP A 1 193 ? -8.982  9.698   4.125   1.00 14.86 ? 215 TRP A CE2 1 
ATOM   1399 C  CE3 . TRP A 1 193 ? -8.232  11.537  2.713   1.00 14.86 ? 215 TRP A CE3 1 
ATOM   1400 C  CZ2 . TRP A 1 193 ? -9.435  10.543  5.125   1.00 14.86 ? 215 TRP A CZ2 1 
ATOM   1401 C  CZ3 . TRP A 1 193 ? -8.714  12.401  3.718   1.00 14.86 ? 215 TRP A CZ3 1 
ATOM   1402 C  CH2 . TRP A 1 193 ? -9.286  11.915  4.884   1.00 14.86 ? 215 TRP A CH2 1 
ATOM   1403 N  N   . GLY A 1 194 ? -5.366  11.183  1.236   1.00 19.86 ? 216 GLY A N   1 
ATOM   1404 C  CA  . GLY A 1 194 ? -4.863  12.318  2.012   1.00 19.86 ? 216 GLY A CA  1 
ATOM   1405 C  C   . GLY A 1 194 ? -5.240  13.589  1.254   1.00 19.86 ? 216 GLY A C   1 
ATOM   1406 O  O   . GLY A 1 194 ? -5.662  13.469  0.079   1.00 19.86 ? 216 GLY A O   1 
ATOM   1407 N  N   . SER A 1 195 ? -4.905  14.733  1.785   1.00 19.10 ? 217 SER A N   1 
ATOM   1408 C  CA  . SER A 1 195 ? -5.149  15.991  1.085   1.00 19.10 ? 217 SER A CA  1 
ATOM   1409 C  C   . SER A 1 195 ? -3.909  16.554  0.389   1.00 19.10 ? 217 SER A C   1 
ATOM   1410 O  O   . SER A 1 195 ? -2.896  16.888  1.051   1.00 19.10 ? 217 SER A O   1 
ATOM   1411 C  CB  . SER A 1 195 ? -5.734  17.015  2.077   1.00 19.10 ? 217 SER A CB  1 
ATOM   1412 O  OG  . SER A 1 195 ? -6.210  18.114  1.320   1.00 41.55 ? 217 SER A OG  1 
ATOM   1413 N  N   . GLY A 1 196 ? -3.852  16.363  -0.917  1.00 23.00 ? 219 GLY A N   1 
ATOM   1414 C  CA  . GLY A 1 196 ? -2.595  16.602  -1.615  1.00 23.00 ? 219 GLY A CA  1 
ATOM   1415 C  C   . GLY A 1 196 ? -1.519  15.608  -1.178  1.00 23.00 ? 219 GLY A C   1 
ATOM   1416 O  O   . GLY A 1 196 ? -1.898  14.528  -0.651  1.00 23.00 ? 219 GLY A O   1 
ATOM   1417 N  N   . CYS A 1 197 ? -0.284  16.015  -1.260  1.00 17.79 ? 220 CYS A N   1 
ATOM   1418 C  CA  . CYS A 1 197 ? 0.850   15.174  -0.798  1.00 17.79 ? 220 CYS A CA  1 
ATOM   1419 C  C   . CYS A 1 197 ? 1.926   16.007  -0.160  1.00 17.79 ? 220 CYS A C   1 
ATOM   1420 O  O   . CYS A 1 197 ? 2.359   16.980  -0.820  1.00 17.79 ? 220 CYS A O   1 
ATOM   1421 C  CB  . CYS A 1 197 ? 1.531   14.468  -1.984  1.00 17.79 ? 220 CYS A CB  1 
ATOM   1422 S  SG  . CYS A 1 197 ? 0.389   13.557  -3.077  1.00 20.93 ? 220 CYS A SG  1 
ATOM   1423 N  N   . ALA A 1 198 A 2.394   15.552  0.981   1.00 19.41 ? 221 ALA A N   1 
ATOM   1424 C  CA  . ALA A 1 198 A 3.491   16.176  1.715   1.00 19.41 ? 221 ALA A CA  1 
ATOM   1425 C  C   . ALA A 1 198 A 3.205   17.604  2.143   1.00 19.41 ? 221 ALA A C   1 
ATOM   1426 O  O   . ALA A 1 198 A 4.171   18.385  2.276   1.00 19.41 ? 221 ALA A O   1 
ATOM   1427 C  CB  . ALA A 1 198 A 4.767   16.137  0.854   1.00 19.41 ? 221 ALA A CB  1 
ATOM   1428 N  N   . GLN A 1 199 ? 1.930   17.937  2.223   1.00 22.52 ? 221 GLN A N   1 
ATOM   1429 C  CA  . GLN A 1 199 ? 1.496   19.294  2.656   1.00 22.52 ? 221 GLN A CA  1 
ATOM   1430 C  C   . GLN A 1 199 ? 1.553   19.407  4.194   1.00 22.52 ? 221 GLN A C   1 
ATOM   1431 O  O   . GLN A 1 199 ? 1.412   18.400  4.934   1.00 22.52 ? 221 GLN A O   1 
ATOM   1432 C  CB  . GLN A 1 199 ? 0.090   19.616  2.042   1.00 22.52 ? 221 GLN A CB  1 
ATOM   1433 C  CG  . GLN A 1 199 ? 0.104   20.646  0.882   1.00 30.15 ? 221 GLN A CG  1 
ATOM   1434 C  CD  . GLN A 1 199 ? 1.071   20.198  -0.195  1.00 30.15 ? 221 GLN A CD  1 
ATOM   1435 O  OE1 . GLN A 1 199 ? 0.819   19.065  -0.627  1.00 0.00  ? 221 GLN A OE1 1 
ATOM   1436 N  NE2 . GLN A 1 199 ? 1.684   21.144  -0.873  1.00 0.00  ? 221 GLN A NE2 1 
ATOM   1437 N  N   . LYS A 1 200 ? 1.780   20.608  4.722   1.00 16.87 ? 222 LYS A N   1 
ATOM   1438 C  CA  . LYS A 1 200 ? 1.868   20.741  6.198   1.00 16.87 ? 222 LYS A CA  1 
ATOM   1439 C  C   . LYS A 1 200 ? 0.486   20.549  6.787   1.00 16.87 ? 222 LYS A C   1 
ATOM   1440 O  O   . LYS A 1 200 ? -0.501  20.965  6.130   1.00 16.87 ? 222 LYS A O   1 
ATOM   1441 C  CB  . LYS A 1 200 ? 2.420   22.173  6.501   1.00 16.87 ? 222 LYS A CB  1 
ATOM   1442 C  CG  . LYS A 1 200 ? 1.428   23.033  7.297   1.00 49.80 ? 222 LYS A CG  1 
ATOM   1443 C  CD  . LYS A 1 200 ? 1.881   24.491  7.478   1.00 0.00  ? 222 LYS A CD  1 
ATOM   1444 C  CE  . LYS A 1 200 ? 0.812   25.309  8.227   1.00 0.00  ? 222 LYS A CE  1 
ATOM   1445 N  NZ  . LYS A 1 200 ? 1.231   26.709  8.353   1.00 0.00  ? 222 LYS A NZ  1 
ATOM   1446 N  N   . ASN A 1 201 ? 0.523   19.861  7.907   1.00 22.03 ? 223 ASN A N   1 
ATOM   1447 C  CA  . ASN A 1 201 ? -0.641  19.450  8.701   1.00 22.03 ? 223 ASN A CA  1 
ATOM   1448 C  C   . ASN A 1 201 ? -1.667  18.598  7.966   1.00 22.03 ? 223 ASN A C   1 
ATOM   1449 O  O   . ASN A 1 201 ? -2.834  18.533  8.397   1.00 22.03 ? 223 ASN A O   1 
ATOM   1450 C  CB  . ASN A 1 201 ? -1.353  20.685  9.293   1.00 22.03 ? 223 ASN A CB  1 
ATOM   1451 C  CG  . ASN A 1 201 ? -0.473  21.307  10.386  1.00 32.13 ? 223 ASN A CG  1 
ATOM   1452 O  OD1 . ASN A 1 201 ? 0.102   22.379  10.114  1.00 32.13 ? 223 ASN A OD1 1 
ATOM   1453 N  ND2 . ASN A 1 201 ? 0.026   20.503  11.322  1.00 32.13 ? 223 ASN A ND2 1 
ATOM   1454 N  N   . LYS A 1 202 ? -1.304  17.996  6.853   1.00 20.92 ? 224 LYS A N   1 
ATOM   1455 C  CA  . LYS A 1 202 ? -2.192  17.053  6.165   1.00 20.92 ? 224 LYS A CA  1 
ATOM   1456 C  C   . LYS A 1 202 ? -1.422  15.753  5.882   1.00 20.92 ? 224 LYS A C   1 
ATOM   1457 O  O   . LYS A 1 202 ? -1.015  15.493  4.716   1.00 20.92 ? 224 LYS A O   1 
ATOM   1458 C  CB  . LYS A 1 202 ? -2.560  17.704  4.826   1.00 20.92 ? 224 LYS A CB  1 
ATOM   1459 C  CG  . LYS A 1 202 ? -3.445  18.955  5.057   1.00 36.85 ? 224 LYS A CG  1 
ATOM   1460 C  CD  . LYS A 1 202 ? -4.793  18.480  5.634   1.00 36.85 ? 224 LYS A CD  1 
ATOM   1461 C  CE  . LYS A 1 202 ? -5.726  19.654  5.970   1.00 36.85 ? 224 LYS A CE  1 
ATOM   1462 N  NZ  . LYS A 1 202 ? -7.097  19.141  6.147   1.00 36.85 ? 224 LYS A NZ  1 
ATOM   1463 N  N   . PRO A 1 203 ? -1.252  14.931  6.906   1.00 16.40 ? 225 PRO A N   1 
ATOM   1464 C  CA  . PRO A 1 203 ? -0.489  13.668  6.776   1.00 16.40 ? 225 PRO A CA  1 
ATOM   1465 C  C   . PRO A 1 203 ? -1.276  12.642  5.936   1.00 16.40 ? 225 PRO A C   1 
ATOM   1466 O  O   . PRO A 1 203 ? -2.492  12.793  5.607   1.00 16.40 ? 225 PRO A O   1 
ATOM   1467 C  CB  . PRO A 1 203 ? -0.382  13.087  8.192   1.00 16.40 ? 225 PRO A CB  1 
ATOM   1468 C  CG  . PRO A 1 203 ? -1.382  13.849  9.056   1.00 21.55 ? 225 PRO A CG  1 
ATOM   1469 C  CD  . PRO A 1 203 ? -1.872  15.039  8.244   1.00 21.55 ? 225 PRO A CD  1 
ATOM   1470 N  N   . GLY A 1 204 ? -0.569  11.573  5.545   1.00 11.89 ? 226 GLY A N   1 
ATOM   1471 C  CA  . GLY A 1 204 ? -1.292  10.552  4.767   1.00 11.89 ? 226 GLY A CA  1 
ATOM   1472 C  C   . GLY A 1 204 ? -2.215  9.734   5.645   1.00 11.89 ? 226 GLY A C   1 
ATOM   1473 O  O   . GLY A 1 204 ? -1.960  9.588   6.862   1.00 11.89 ? 226 GLY A O   1 
ATOM   1474 N  N   . VAL A 1 205 ? -3.228  9.196   5.056   1.00 9.82  ? 227 VAL A N   1 
ATOM   1475 C  CA  . VAL A 1 205 ? -4.276  8.347   5.710   1.00 9.82  ? 227 VAL A CA  1 
ATOM   1476 C  C   . VAL A 1 205 ? -4.267  6.941   5.103   1.00 9.82  ? 227 VAL A C   1 
ATOM   1477 O  O   . VAL A 1 205 ? -4.081  6.782   3.874   1.00 9.82  ? 227 VAL A O   1 
ATOM   1478 C  CB  . VAL A 1 205 ? -5.680  8.977   5.616   1.00 9.82  ? 227 VAL A CB  1 
ATOM   1479 C  CG1 . VAL A 1 205 ? -6.683  8.179   6.491   1.00 12.15 ? 227 VAL A CG1 1 
ATOM   1480 C  CG2 . VAL A 1 205 ? -5.735  10.457  6.062   1.00 12.15 ? 227 VAL A CG2 1 
ATOM   1481 N  N   . TYR A 1 206 ? -4.298  5.992   6.006   1.00 11.44 ? 228 TYR A N   1 
ATOM   1482 C  CA  . TYR A 1 206 ? -4.040  4.588   5.721   1.00 11.44 ? 228 TYR A CA  1 
ATOM   1483 C  C   . TYR A 1 206 ? -5.132  3.658   6.222   1.00 11.44 ? 228 TYR A C   1 
ATOM   1484 O  O   . TYR A 1 206 ? -5.684  3.873   7.325   1.00 11.44 ? 228 TYR A O   1 
ATOM   1485 C  CB  . TYR A 1 206 ? -2.664  4.171   6.297   1.00 11.44 ? 228 TYR A CB  1 
ATOM   1486 C  CG  . TYR A 1 206 ? -1.529  5.020   5.678   1.00 10.80 ? 228 TYR A CG  1 
ATOM   1487 C  CD1 . TYR A 1 206 ? -0.946  4.609   4.515   1.00 10.80 ? 228 TYR A CD1 1 
ATOM   1488 C  CD2 . TYR A 1 206 ? -1.147  6.227   6.283   1.00 10.80 ? 228 TYR A CD2 1 
ATOM   1489 C  CE1 . TYR A 1 206 ? 0.016   5.419   3.922   1.00 10.80 ? 228 TYR A CE1 1 
ATOM   1490 C  CE2 . TYR A 1 206 ? -0.183  7.034   5.721   1.00 10.80 ? 228 TYR A CE2 1 
ATOM   1491 C  CZ  . TYR A 1 206 ? 0.399   6.625   4.523   1.00 10.80 ? 228 TYR A CZ  1 
ATOM   1492 O  OH  . TYR A 1 206 ? 1.320   7.467   3.867   1.00 10.80 ? 228 TYR A OH  1 
ATOM   1493 N  N   . THR A 1 207 ? -5.399  2.628   5.436   1.00 10.12 ? 229 THR A N   1 
ATOM   1494 C  CA  . THR A 1 207 ? -6.328  1.602   5.924   1.00 10.12 ? 229 THR A CA  1 
ATOM   1495 C  C   . THR A 1 207 ? -5.695  0.752   7.015   1.00 10.12 ? 229 THR A C   1 
ATOM   1496 O  O   . THR A 1 207 ? -4.538  0.307   6.882   1.00 10.12 ? 229 THR A O   1 
ATOM   1497 C  CB  . THR A 1 207 ? -6.783  0.656   4.779   1.00 10.12 ? 229 THR A CB  1 
ATOM   1498 O  OG1 . THR A 1 207 ? -7.269  1.513   3.679   1.00 10.78 ? 229 THR A OG1 1 
ATOM   1499 C  CG2 . THR A 1 207 ? -7.881  -0.364  5.239   1.00 10.78 ? 229 THR A CG2 1 
ATOM   1500 N  N   . LYS A 1 208 ? -6.410  0.633   8.106   1.00 10.72 ? 230 LYS A N   1 
ATOM   1501 C  CA  . LYS A 1 208 ? -5.870  -0.001  9.297   1.00 10.72 ? 230 LYS A CA  1 
ATOM   1502 C  C   . LYS A 1 208 ? -6.064  -1.537  9.237   1.00 10.72 ? 230 LYS A C   1 
ATOM   1503 O  O   . LYS A 1 208 ? -7.134  -2.127  9.528   1.00 10.72 ? 230 LYS A O   1 
ATOM   1504 C  CB  . LYS A 1 208 ? -6.638  0.711   10.458  1.00 10.72 ? 230 LYS A CB  1 
ATOM   1505 C  CG  . LYS A 1 208 ? -6.212  0.168   11.823  1.00 28.42 ? 230 LYS A CG  1 
ATOM   1506 C  CD  . LYS A 1 208 ? -6.798  1.035   12.963  1.00 28.42 ? 230 LYS A CD  1 
ATOM   1507 C  CE  . LYS A 1 208 ? -6.371  0.461   14.319  1.00 28.42 ? 230 LYS A CE  1 
ATOM   1508 N  NZ  . LYS A 1 208 ? -6.776  1.353   15.431  1.00 28.42 ? 230 LYS A NZ  1 
ATOM   1509 N  N   . VAL A 1 209 ? -5.116  -2.191  8.643   1.00 11.93 ? 231 VAL A N   1 
ATOM   1510 C  CA  . VAL A 1 209 ? -5.277  -3.587  8.320   1.00 11.93 ? 231 VAL A CA  1 
ATOM   1511 C  C   . VAL A 1 209 ? -5.628  -4.507  9.513   1.00 11.93 ? 231 VAL A C   1 
ATOM   1512 O  O   . VAL A 1 209 ? -6.283  -5.573  9.375   1.00 11.93 ? 231 VAL A O   1 
ATOM   1513 C  CB  . VAL A 1 209 ? -3.937  -4.007  7.655   1.00 11.93 ? 231 VAL A CB  1 
ATOM   1514 C  CG1 . VAL A 1 209 ? -3.791  -5.540  7.561   1.00 9.99  ? 231 VAL A CG1 1 
ATOM   1515 C  CG2 . VAL A 1 209 ? -3.663  -3.196  6.334   1.00 9.99  ? 231 VAL A CG2 1 
ATOM   1516 N  N   . CYS A 1 210 ? -5.100  -4.156  10.674  1.00 19.72 ? 232 CYS A N   1 
ATOM   1517 C  CA  . CYS A 1 210 ? -5.438  -4.982  11.878  1.00 19.72 ? 232 CYS A CA  1 
ATOM   1518 C  C   . CYS A 1 210 ? -6.941  -5.158  12.135  1.00 19.72 ? 232 CYS A C   1 
ATOM   1519 O  O   . CYS A 1 210 ? -7.343  -6.213  12.695  1.00 19.72 ? 232 CYS A O   1 
ATOM   1520 C  CB  . CYS A 1 210 ? -4.756  -4.461  13.171  1.00 19.72 ? 232 CYS A CB  1 
ATOM   1521 S  SG  . CYS A 1 210 ? -5.342  -2.847  13.686  1.00 15.45 ? 232 CYS A SG  1 
ATOM   1522 N  N   . ASN A 1 211 ? -7.769  -4.255  11.615  1.00 15.20 ? 233 ASN A N   1 
ATOM   1523 C  CA  . ASN A 1 211 ? -9.219  -4.422  11.760  1.00 15.20 ? 233 ASN A CA  1 
ATOM   1524 C  C   . ASN A 1 211 ? -9.782  -5.497  10.828  1.00 15.20 ? 233 ASN A C   1 
ATOM   1525 O  O   . ASN A 1 211 ? -11.010 -5.749  10.865  1.00 15.20 ? 233 ASN A O   1 
ATOM   1526 C  CB  . ASN A 1 211 ? -10.012 -3.128  11.510  1.00 15.20 ? 233 ASN A CB  1 
ATOM   1527 C  CG  . ASN A 1 211 ? -9.731  -2.109  12.616  1.00 23.30 ? 233 ASN A CG  1 
ATOM   1528 O  OD1 . ASN A 1 211 ? -9.097  -2.504  13.625  1.00 23.30 ? 233 ASN A OD1 1 
ATOM   1529 N  ND2 . ASN A 1 211 ? -10.392 -0.943  12.555  1.00 23.30 ? 233 ASN A ND2 1 
ATOM   1530 N  N   . TYR A 1 212 ? -8.977  -5.897  9.875   1.00 13.89 ? 234 TYR A N   1 
ATOM   1531 C  CA  . TYR A 1 212 ? -9.485  -6.723  8.744   1.00 13.89 ? 234 TYR A CA  1 
ATOM   1532 C  C   . TYR A 1 212 ? -8.929  -8.129  8.741   1.00 13.89 ? 234 TYR A C   1 
ATOM   1533 O  O   . TYR A 1 212 ? -9.199  -8.900  7.770   1.00 13.89 ? 234 TYR A O   1 
ATOM   1534 C  CB  . TYR A 1 212 ? -9.178  -6.060  7.348   1.00 13.89 ? 234 TYR A CB  1 
ATOM   1535 C  CG  . TYR A 1 212 ? -9.917  -4.701  7.212   1.00 11.93 ? 234 TYR A CG  1 
ATOM   1536 C  CD1 . TYR A 1 212 ? -11.261 -4.698  6.885   1.00 11.93 ? 234 TYR A CD1 1 
ATOM   1537 C  CD2 . TYR A 1 212 ? -9.270  -3.512  7.488   1.00 11.93 ? 234 TYR A CD2 1 
ATOM   1538 C  CE1 . TYR A 1 212 ? -11.959 -3.526  6.835   1.00 11.93 ? 234 TYR A CE1 1 
ATOM   1539 C  CE2 . TYR A 1 212 ? -9.982  -2.309  7.433   1.00 11.93 ? 234 TYR A CE2 1 
ATOM   1540 C  CZ  . TYR A 1 212 ? -11.305 -2.328  7.122   1.00 11.93 ? 234 TYR A CZ  1 
ATOM   1541 O  OH  . TYR A 1 212 ? -12.021 -1.114  7.038   1.00 11.93 ? 234 TYR A OH  1 
ATOM   1542 N  N   . VAL A 1 213 ? -8.064  -8.454  9.722   1.00 13.46 ? 235 VAL A N   1 
ATOM   1543 C  CA  . VAL A 1 213 ? -7.415  -9.780  9.644   1.00 13.46 ? 235 VAL A CA  1 
ATOM   1544 C  C   . VAL A 1 213 ? -8.346  -11.005 9.558   1.00 13.46 ? 235 VAL A C   1 
ATOM   1545 O  O   . VAL A 1 213 ? -8.173  -11.888 8.676   1.00 13.46 ? 235 VAL A O   1 
ATOM   1546 C  CB  . VAL A 1 213 ? -6.303  -9.896  10.699  1.00 13.46 ? 235 VAL A CB  1 
ATOM   1547 C  CG1 . VAL A 1 213 ? -5.611  -11.289 10.652  1.00 21.58 ? 235 VAL A CG1 1 
ATOM   1548 C  CG2 . VAL A 1 213 ? -5.257  -8.756  10.469  1.00 21.58 ? 235 VAL A CG2 1 
ATOM   1549 N  N   . SER A 1 214 ? -9.398  -10.987 10.358  1.00 16.10 ? 236 SER A N   1 
ATOM   1550 C  CA  . SER A 1 214 ? -10.384 -12.059 10.299  1.00 16.10 ? 236 SER A CA  1 
ATOM   1551 C  C   . SER A 1 214 ? -11.040 -12.107 8.919   1.00 16.10 ? 236 SER A C   1 
ATOM   1552 O  O   . SER A 1 214 ? -11.252 -13.218 8.382   1.00 16.10 ? 236 SER A O   1 
ATOM   1553 C  CB  . SER A 1 214 ? -11.450 -11.855 11.420  1.00 16.10 ? 236 SER A CB  1 
ATOM   1554 O  OG  . SER A 1 214 ? -10.737 -12.018 12.662  1.00 39.33 ? 236 SER A OG  1 
ATOM   1555 N  N   . TRP A 1 215 ? -11.358 -10.929 8.386   1.00 13.51 ? 237 TRP A N   1 
ATOM   1556 C  CA  . TRP A 1 215 ? -12.046 -10.859 7.107   1.00 13.51 ? 237 TRP A CA  1 
ATOM   1557 C  C   . TRP A 1 215 ? -11.132 -11.400 6.026   1.00 13.51 ? 237 TRP A C   1 
ATOM   1558 O  O   . TRP A 1 215 ? -11.572 -12.221 5.211   1.00 13.51 ? 237 TRP A O   1 
ATOM   1559 C  CB  . TRP A 1 215 ? -12.511 -9.398  6.744   1.00 13.51 ? 237 TRP A CB  1 
ATOM   1560 C  CG  . TRP A 1 215 ? -13.201 -9.280  5.358   1.00 15.42 ? 237 TRP A CG  1 
ATOM   1561 C  CD1 . TRP A 1 215 ? -14.496 -9.602  4.983   1.00 15.42 ? 237 TRP A CD1 1 
ATOM   1562 C  CD2 . TRP A 1 215 ? -12.573 -8.842  4.188   1.00 15.42 ? 237 TRP A CD2 1 
ATOM   1563 N  NE1 . TRP A 1 215 ? -14.642 -9.350  3.613   1.00 15.42 ? 237 TRP A NE1 1 
ATOM   1564 C  CE2 . TRP A 1 215 ? -13.539 -8.879  3.148   1.00 15.42 ? 237 TRP A CE2 1 
ATOM   1565 C  CE3 . TRP A 1 215 ? -11.277 -8.382  3.962   1.00 15.42 ? 237 TRP A CE3 1 
ATOM   1566 C  CZ2 . TRP A 1 215 ? -13.232 -8.480  1.851   1.00 15.42 ? 237 TRP A CZ2 1 
ATOM   1567 C  CZ3 . TRP A 1 215 ? -10.987 -7.959  2.654   1.00 15.42 ? 237 TRP A CZ3 1 
ATOM   1568 C  CH2 . TRP A 1 215 ? -11.938 -8.011  1.635   1.00 15.42 ? 237 TRP A CH2 1 
ATOM   1569 N  N   . ILE A 1 216 ? -9.881  -10.986 6.048   1.00 12.40 ? 238 ILE A N   1 
ATOM   1570 C  CA  . ILE A 1 216 ? -8.923  -11.485 5.081   1.00 12.40 ? 238 ILE A CA  1 
ATOM   1571 C  C   . ILE A 1 216 ? -8.832  -13.012 5.153   1.00 12.40 ? 238 ILE A C   1 
ATOM   1572 O  O   . ILE A 1 216 ? -8.939  -13.698 4.120   1.00 12.40 ? 238 ILE A O   1 
ATOM   1573 C  CB  . ILE A 1 216 ? -7.540  -10.828 5.289   1.00 12.40 ? 238 ILE A CB  1 
ATOM   1574 C  CG1 . ILE A 1 216 ? -7.564  -9.335  4.897   1.00 10.62 ? 238 ILE A CG1 1 
ATOM   1575 C  CG2 . ILE A 1 216 ? -6.447  -11.544 4.452   1.00 10.62 ? 238 ILE A CG2 1 
ATOM   1576 C  CD1 . ILE A 1 216 ? -6.347  -8.548  5.542   1.00 10.62 ? 238 ILE A CD1 1 
ATOM   1577 N  N   . LYS A 1 217 ? -8.701  -13.545 6.358   1.00 12.84 ? 239 LYS A N   1 
ATOM   1578 C  CA  . LYS A 1 217 ? -8.484  -14.995 6.472   1.00 12.84 ? 239 LYS A CA  1 
ATOM   1579 C  C   . LYS A 1 217 ? -9.738  -15.774 6.122   1.00 12.84 ? 239 LYS A C   1 
ATOM   1580 O  O   . LYS A 1 217 ? -9.620  -16.783 5.395   1.00 12.84 ? 239 LYS A O   1 
ATOM   1581 C  CB  . LYS A 1 217 ? -8.087  -15.405 7.915   1.00 12.84 ? 239 LYS A CB  1 
ATOM   1582 C  CG  . LYS A 1 217 ? -6.688  -14.890 8.332   1.00 38.81 ? 239 LYS A CG  1 
ATOM   1583 C  CD  . LYS A 1 217 ? -6.442  -15.178 9.831   1.00 38.81 ? 239 LYS A CD  1 
ATOM   1584 C  CE  . LYS A 1 217 ? -5.072  -14.688 10.313  1.00 38.81 ? 239 LYS A CE  1 
ATOM   1585 N  NZ  . LYS A 1 217 ? -4.011  -15.450 9.632   1.00 38.81 ? 239 LYS A NZ  1 
ATOM   1586 N  N   . GLN A 1 218 ? -10.891 -15.259 6.487   1.00 15.09 ? 240 GLN A N   1 
ATOM   1587 C  CA  . GLN A 1 218 ? -12.164 -15.956 6.084   1.00 15.09 ? 240 GLN A CA  1 
ATOM   1588 C  C   . GLN A 1 218 ? -12.454 -15.915 4.592   1.00 15.09 ? 240 GLN A C   1 
ATOM   1589 O  O   . GLN A 1 218 ? -12.908 -16.937 4.023   1.00 15.09 ? 240 GLN A O   1 
ATOM   1590 C  CB  . GLN A 1 218 ? -13.406 -15.479 6.854   1.00 15.09 ? 240 GLN A CB  1 
ATOM   1591 C  CG  . GLN A 1 218 ? -13.212 -15.813 8.374   1.00 25.71 ? 240 GLN A CG  1 
ATOM   1592 C  CD  . GLN A 1 218 ? -14.333 -15.193 9.209   1.00 25.71 ? 240 GLN A CD  1 
ATOM   1593 O  OE1 . GLN A 1 218 ? -14.889 -14.153 8.783   1.00 25.71 ? 240 GLN A OE1 1 
ATOM   1594 N  NE2 . GLN A 1 218 ? -14.517 -15.672 10.443  1.00 25.71 ? 240 GLN A NE2 1 
ATOM   1595 N  N   . THR A 1 219 ? -12.109 -14.801 3.972   1.00 13.58 ? 241 THR A N   1 
ATOM   1596 C  CA  . THR A 1 219 ? -12.348 -14.656 2.557   1.00 13.58 ? 241 THR A CA  1 
ATOM   1597 C  C   . THR A 1 219 ? -11.408 -15.560 1.784   1.00 13.58 ? 241 THR A C   1 
ATOM   1598 O  O   . THR A 1 219 ? -11.838 -16.240 0.818   1.00 13.58 ? 241 THR A O   1 
ATOM   1599 C  CB  . THR A 1 219 ? -12.199 -13.164 2.175   1.00 13.58 ? 241 THR A CB  1 
ATOM   1600 O  OG1 . THR A 1 219 ? -13.137 -12.410 2.954   1.00 14.29 ? 241 THR A OG1 1 
ATOM   1601 C  CG2 . THR A 1 219 ? -12.394 -12.930 0.660   1.00 14.29 ? 241 THR A CG2 1 
ATOM   1602 N  N   . ILE A 1 220 ? -10.153 -15.536 2.146   1.00 14.92 ? 242 ILE A N   1 
ATOM   1603 C  CA  . ILE A 1 220 ? -9.192  -16.383 1.443   1.00 14.92 ? 242 ILE A CA  1 
ATOM   1604 C  C   . ILE A 1 220 ? -9.524  -17.866 1.662   1.00 14.92 ? 242 ILE A C   1 
ATOM   1605 O  O   . ILE A 1 220 ? -9.447  -18.607 0.668   1.00 14.92 ? 242 ILE A O   1 
ATOM   1606 C  CB  . ILE A 1 220 ? -7.741  -16.074 1.899   1.00 14.92 ? 242 ILE A CB  1 
ATOM   1607 C  CG1 . ILE A 1 220 ? -7.253  -14.685 1.443   1.00 24.76 ? 242 ILE A CG1 1 
ATOM   1608 C  CG2 . ILE A 1 220 ? -6.784  -17.215 1.561   1.00 24.76 ? 242 ILE A CG2 1 
ATOM   1609 C  CD1 . ILE A 1 220 ? -5.786  -14.496 1.893   1.00 24.76 ? 242 ILE A CD1 1 
ATOM   1610 N  N   . ALA A 1 221 ? -10.037 -18.259 2.814   1.00 17.24 ? 243 ALA A N   1 
ATOM   1611 C  CA  . ALA A 1 221 ? -10.279 -19.697 3.070   1.00 17.24 ? 243 ALA A CA  1 
ATOM   1612 C  C   . ALA A 1 221 ? -11.459 -20.186 2.247   1.00 17.24 ? 243 ALA A C   1 
ATOM   1613 O  O   . ALA A 1 221 ? -11.538 -21.389 1.920   1.00 17.24 ? 243 ALA A O   1 
ATOM   1614 C  CB  . ALA A 1 221 ? -10.588 -19.830 4.557   1.00 17.24 ? 243 ALA A CB  1 
ATOM   1615 N  N   . SER A 1 222 ? -12.253 -19.240 1.782   1.00 21.20 ? 244 SER A N   1 
ATOM   1616 C  CA  . SER A 1 222 ? -13.381 -19.650 0.973   1.00 21.20 ? 244 SER A CA  1 
ATOM   1617 C  C   . SER A 1 222 ? -13.208 -19.395 -0.510  1.00 21.20 ? 244 SER A C   1 
ATOM   1618 O  O   . SER A 1 222 ? -14.229 -19.579 -1.217  1.00 21.20 ? 244 SER A O   1 
ATOM   1619 C  CB  . SER A 1 222 ? -14.711 -19.014 1.362   1.00 21.20 ? 244 SER A CB  1 
ATOM   1620 O  OG  . SER A 1 222 ? -14.606 -18.112 2.437   1.00 37.03 ? 244 SER A OG  1 
ATOM   1621 N  N   . ASN A 1 223 ? -12.074 -18.846 -0.964  1.00 23.26 ? 245 ASN A N   1 
ATOM   1622 C  CA  . ASN A 1 223 ? -11.893 -18.494 -2.394  1.00 23.26 ? 245 ASN A CA  1 
ATOM   1623 C  C   . ASN A 1 223 ? -10.652 -19.090 -3.059  1.00 23.26 ? 245 ASN A C   1 
ATOM   1624 O  O   . ASN A 1 223 ? -10.429 -18.835 -4.264  1.00 23.26 ? 245 ASN A O   1 
ATOM   1625 C  CB  . ASN A 1 223 ? -11.728 -16.991 -2.609  1.00 23.26 ? 245 ASN A CB  1 
ATOM   1626 C  CG  . ASN A 1 223 ? -13.094 -16.343 -2.576  1.00 20.44 ? 245 ASN A CG  1 
ATOM   1627 O  OD1 . ASN A 1 223 ? -13.908 -16.653 -3.464  1.00 20.44 ? 245 ASN A OD1 1 
ATOM   1628 N  ND2 . ASN A 1 223 ? -13.479 -15.938 -1.404  1.00 20.44 ? 245 ASN A ND2 1 
ATOM   1629 O  OXT . ASN A 1 223 ? -10.024 -20.016 -2.520  1.00 27.82 ? 245 ASN A OXT 1 
HETATM 1630 CA CA  . CA  B 2 .   ? 11.467  -4.319  -14.117 1.00 18.93 ? 480 CA  A CA  1 
HETATM 1631 S  S   . SO4 C 3 .   ? -4.380  7.339   -6.719  1.00 37.52 ? 702 SO4 A S   1 
HETATM 1632 O  O1  . SO4 C 3 .   ? -4.705  6.683   -8.046  1.00 37.52 ? 702 SO4 A O1  1 
HETATM 1633 O  O2  . SO4 C 3 .   ? -3.217  6.657   -6.107  1.00 37.52 ? 702 SO4 A O2  1 
HETATM 1634 O  O3  . SO4 C 3 .   ? -3.978  8.743   -7.014  1.00 37.52 ? 702 SO4 A O3  1 
HETATM 1635 O  O4  . SO4 C 3 .   ? -5.529  7.318   -5.749  1.00 37.52 ? 702 SO4 A O4  1 
HETATM 1636 O  O   . HOH D 4 .   ? -0.831  -3.373  0.639   1.00 11.69 ? 406 HOH A O   1 
HETATM 1637 O  O   . HOH D 4 .   ? -9.251  4.383   4.242   1.00 21.53 ? 408 HOH A O   1 
HETATM 1638 O  O   . HOH D 4 .   ? 3.164   2.070   -5.865  1.00 8.54  ? 410 HOH A O   1 
HETATM 1639 O  O   . HOH D 4 .   ? -1.687  13.454  2.264   1.00 34.19 ? 414 HOH A O   1 
HETATM 1640 O  O   . HOH D 4 .   ? -0.521  16.243  2.076   1.00 15.36 ? 415 HOH A O   1 
HETATM 1641 O  O   . HOH D 4 .   ? -1.989  7.697   2.254   1.00 19.85 ? 416 HOH A O   1 
HETATM 1642 O  O   . HOH D 4 .   ? 7.466   6.915   -5.382  1.00 12.04 ? 430 HOH A O   1 
HETATM 1643 O  O   . HOH D 4 .   ? 11.372  -7.535  -5.104  1.00 20.62 ? 516 HOH A O   1 
HETATM 1644 O  O   . HOH D 4 .   ? 1.844   15.061  4.562   1.00 19.14 ? 562 HOH A O   1 
HETATM 1645 O  O   . HOH D 4 .   ? 12.784  -3.198  -5.936  1.00 18.82 ? 604 HOH A O   1 
HETATM 1646 O  O   . HOH D 4 .   ? 2.805   1.432   -3.196  1.00 9.59  ? 701 HOH A O   1 
HETATM 1647 O  O   . HOH D 4 .   ? -10.549 2.314   5.802   1.00 14.13 ? 703 HOH A O   1 
HETATM 1648 O  O   . HOH D 4 .   ? 2.411   9.566   4.943   1.00 11.23 ? 704 HOH A O   1 
HETATM 1649 O  O   . HOH D 4 .   ? 3.138   13.016  5.972   1.00 17.01 ? 705 HOH A O   1 
HETATM 1650 O  O   . HOH D 4 .   ? 13.463  -6.789  -11.132 1.00 11.20 ? 706 HOH A O   1 
HETATM 1651 O  O   . HOH D 4 .   ? 7.051   -5.868  -7.639  1.00 10.13 ? 708 HOH A O   1 
HETATM 1652 O  O   . HOH D 4 .   ? 9.487   -5.373  -5.391  1.00 16.81 ? 709 HOH A O   1 
HETATM 1653 O  O   . HOH D 4 .   ? 12.924  -4.523  -12.360 1.00 15.97 ? 714 HOH A O   1 
HETATM 1654 O  O   . HOH D 4 .   ? 7.635   -8.469  -5.272  1.00 14.03 ? 716 HOH A O   1 
HETATM 1655 O  O   . HOH D 4 .   ? 11.760  -4.436  -3.638  1.00 15.13 ? 717 HOH A O   1 
HETATM 1656 O  O   . HOH D 4 .   ? 6.916   -1.237  2.825   1.00 11.10 ? 721 HOH A O   1 
HETATM 1657 O  O   . HOH D 4 .   ? -3.187  -2.055  11.407  1.00 15.11 ? 722 HOH A O   1 
HETATM 1658 O  O   . HOH D 4 .   ? -2.314  -0.434  13.571  1.00 24.01 ? 755 HOH A O   1 
HETATM 1659 O  O   . HOH D 4 .   ? -0.967  10.893  0.906   1.00 28.55 ? 805 HOH A O   1 
HETATM 1660 O  O   . HOH D 4 .   ? 4.296   15.820  4.965   1.00 38.25 ? 926 HOH A O   1 
# 
